data_5LHV
#
_entry.id   5LHV
#
_cell.length_a   64.223
_cell.length_b   71.648
_cell.length_c   88.878
_cell.angle_alpha   69.700
_cell.angle_beta   72.700
_cell.angle_gamma   86.240
#
_symmetry.space_group_name_H-M   'P 1'
#
loop_
_entity.id
_entity.type
_entity.pdbx_description
1 polymer 'Uridine phosphorylase'
2 non-polymer 'SULFATE ION'
3 non-polymer URIDINE
4 non-polymer URACIL
5 non-polymer 'MAGNESIUM ION'
6 non-polymer 'CHLORIDE ION'
7 non-polymer 'SODIUM ION'
8 non-polymer GLYCEROL
9 water water
#
_entity_poly.entity_id   1
_entity_poly.type   'polypeptide(L)'
_entity_poly.pdbx_seq_one_letter_code
;KTVFHLGVTEADLNGATLAIIPGDPARVQKIAELMDNPVFLASHREYTVYRAELDGQSVVVCSTGIGGPSTSIAVEELAQ
LGVRTFLRVGTTGAIQPHVNVGDMIVTTGSVRLDGASLHFAPMEFPAVPDFDVATAMKAAAQESGATVHMGVTASSDTFY
PGQERYDTFTGRVVRRFQGSMKEWQDMGVLNFEMESATLLTMCASSGLKAGCVAGVIINRTQKEIPDHATLKETEARSIK
VVVEAARKMLK
;
_entity_poly.pdbx_strand_id   A,B,C,D,E,F
#
loop_
_chem_comp.id
_chem_comp.type
_chem_comp.name
_chem_comp.formula
CL non-polymer 'CHLORIDE ION' 'Cl -1'
GOL non-polymer GLYCEROL 'C3 H8 O3'
MG non-polymer 'MAGNESIUM ION' 'Mg 2'
NA non-polymer 'SODIUM ION' 'Na 1'
SO4 non-polymer 'SULFATE ION' 'O4 S -2'
URA non-polymer URACIL 'C4 H4 N2 O2'
URI non-polymer URIDINE 'C9 H12 N2 O6'
#
# COMPACT_ATOMS: atom_id res chain seq x y z
N LYS A 1 24.36 -28.28 12.78
CA LYS A 1 24.23 -29.74 12.67
C LYS A 1 22.83 -30.15 13.04
N THR A 2 22.44 -29.90 14.30
CA THR A 2 21.06 -30.04 14.69
C THR A 2 20.39 -28.69 14.46
N VAL A 3 19.35 -28.66 13.63
CA VAL A 3 18.70 -27.38 13.36
C VAL A 3 17.99 -26.88 14.62
N PHE A 4 17.91 -25.56 14.74
CA PHE A 4 17.60 -24.94 16.04
C PHE A 4 16.22 -25.31 16.53
N HIS A 5 15.19 -25.27 15.67
CA HIS A 5 13.84 -25.54 16.16
C HIS A 5 13.42 -26.99 16.03
N LEU A 6 13.78 -27.66 14.93
CA LEU A 6 13.29 -29.02 14.72
C LEU A 6 14.05 -30.06 15.53
N GLY A 7 15.29 -29.78 15.91
CA GLY A 7 16.02 -30.70 16.75
C GLY A 7 16.45 -31.99 16.08
N VAL A 8 16.66 -31.97 14.77
CA VAL A 8 17.13 -33.14 14.01
C VAL A 8 18.33 -32.74 13.18
N THR A 9 19.10 -33.76 12.76
CA THR A 9 20.24 -33.56 11.89
C THR A 9 19.90 -34.07 10.50
N GLU A 10 20.77 -33.75 9.54
CA GLU A 10 20.60 -34.28 8.19
C GLU A 10 20.64 -35.81 8.21
N ALA A 11 21.58 -36.40 8.95
CA ALA A 11 21.68 -37.85 9.04
C ALA A 11 20.39 -38.47 9.61
N ASP A 12 19.71 -37.78 10.52
CA ASP A 12 18.44 -38.29 11.03
C ASP A 12 17.43 -38.53 9.93
N LEU A 13 17.56 -37.80 8.80
CA LEU A 13 16.61 -37.87 7.70
C LEU A 13 16.91 -39.02 6.74
N ASN A 14 18.05 -39.67 6.87
CA ASN A 14 18.30 -40.90 6.10
C ASN A 14 18.13 -40.65 4.61
N GLY A 15 18.53 -39.46 4.15
CA GLY A 15 18.52 -39.16 2.74
C GLY A 15 17.24 -38.59 2.20
N ALA A 16 16.22 -38.34 3.04
CA ALA A 16 14.93 -37.86 2.53
C ALA A 16 15.06 -36.50 1.86
N THR A 17 14.39 -36.36 0.72
CA THR A 17 14.28 -35.07 0.04
C THR A 17 12.84 -34.63 -0.07
N LEU A 18 11.91 -35.38 0.49
CA LEU A 18 10.49 -35.07 0.46
C LEU A 18 9.97 -35.10 1.88
N ALA A 19 9.17 -34.08 2.22
CA ALA A 19 8.49 -34.02 3.51
C ALA A 19 6.99 -33.91 3.34
N ILE A 20 6.23 -34.61 4.17
CA ILE A 20 4.79 -34.37 4.33
C ILE A 20 4.61 -33.55 5.59
N ILE A 21 3.91 -32.42 5.45
CA ILE A 21 3.83 -31.40 6.50
C ILE A 21 2.39 -31.11 6.92
N PRO A 22 1.85 -31.86 7.86
CA PRO A 22 0.53 -31.51 8.42
C PRO A 22 0.68 -30.36 9.41
N GLY A 23 -0.46 -29.69 9.69
CA GLY A 23 -0.40 -28.64 10.71
C GLY A 23 -0.35 -29.17 12.13
N ASP A 24 -1.07 -30.27 12.41
CA ASP A 24 -1.27 -30.75 13.77
C ASP A 24 -0.19 -31.77 14.11
N PRO A 25 0.60 -31.55 15.19
CA PRO A 25 1.63 -32.51 15.61
C PRO A 25 1.10 -33.90 15.80
N ALA A 26 -0.17 -34.06 16.22
CA ALA A 26 -0.70 -35.40 16.46
C ALA A 26 -0.91 -36.17 15.18
N ARG A 27 -1.03 -35.48 14.03
CA ARG A 27 -1.23 -36.16 12.77
C ARG A 27 0.05 -36.82 12.25
N VAL A 28 1.21 -36.43 12.78
CA VAL A 28 2.49 -36.84 12.22
C VAL A 28 2.66 -38.34 12.32
N GLN A 29 2.49 -38.90 13.51
CA GLN A 29 2.67 -40.34 13.67
C GLN A 29 1.69 -41.11 12.81
N LYS A 30 0.45 -40.61 12.69
CA LYS A 30 -0.56 -41.29 11.90
C LYS A 30 -0.12 -41.39 10.44
N ILE A 31 0.44 -40.31 9.90
CA ILE A 31 0.95 -40.33 8.53
C ILE A 31 2.11 -41.30 8.39
N ALA A 32 3.08 -41.22 9.32
CA ALA A 32 4.28 -42.04 9.25
C ALA A 32 3.92 -43.51 9.29
N GLU A 33 2.90 -43.86 10.05
CA GLU A 33 2.52 -45.27 10.19
C GLU A 33 1.81 -45.84 8.98
N LEU A 34 1.33 -44.99 8.05
CA LEU A 34 0.89 -45.46 6.74
C LEU A 34 2.05 -45.90 5.88
N MET A 35 3.27 -45.59 6.26
CA MET A 35 4.44 -45.93 5.46
C MET A 35 5.18 -47.04 6.17
N ASP A 36 6.37 -47.38 5.65
CA ASP A 36 7.14 -48.50 6.21
C ASP A 36 8.21 -47.99 7.16
N ASN A 37 8.45 -48.78 8.19
CA ASN A 37 9.50 -48.51 9.17
C ASN A 37 9.44 -47.09 9.74
N PRO A 38 8.32 -46.67 10.29
CA PRO A 38 8.24 -45.30 10.85
C PRO A 38 9.13 -45.19 12.09
N VAL A 39 9.80 -44.05 12.21
CA VAL A 39 10.75 -43.80 13.30
C VAL A 39 10.48 -42.41 13.84
N PHE A 40 10.18 -42.33 15.13
CA PHE A 40 10.04 -41.04 15.80
C PHE A 40 11.40 -40.41 15.94
N LEU A 41 11.54 -39.15 15.51
CA LEU A 41 12.84 -38.49 15.53
C LEU A 41 12.94 -37.44 16.63
N ALA A 42 11.96 -36.52 16.76
CA ALA A 42 12.07 -35.45 17.74
C ALA A 42 10.69 -34.81 17.91
N SER A 43 10.50 -34.20 19.08
CA SER A 43 9.34 -33.34 19.30
C SER A 43 9.78 -32.11 20.08
N HIS A 44 9.66 -30.93 19.47
CA HIS A 44 9.91 -29.68 20.19
C HIS A 44 8.85 -28.70 19.76
N ARG A 45 8.24 -27.99 20.73
CA ARG A 45 7.21 -27.01 20.42
C ARG A 45 6.14 -27.68 19.54
N GLU A 46 5.68 -26.99 18.51
CA GLU A 46 4.67 -27.56 17.62
C GLU A 46 5.26 -28.51 16.57
N TYR A 47 6.55 -28.80 16.64
CA TYR A 47 7.24 -29.60 15.62
C TYR A 47 7.45 -31.03 16.11
N THR A 48 6.59 -31.96 15.65
CA THR A 48 6.84 -33.40 15.82
C THR A 48 7.36 -33.95 14.50
N VAL A 49 8.46 -34.69 14.56
CA VAL A 49 9.20 -35.12 13.36
C VAL A 49 9.38 -36.64 13.37
N TYR A 50 8.94 -37.29 12.30
CA TYR A 50 9.15 -38.73 12.08
C TYR A 50 9.84 -38.91 10.75
N ARG A 51 10.46 -40.09 10.57
CA ARG A 51 10.83 -40.52 9.23
C ARG A 51 10.21 -41.87 8.96
N ALA A 52 10.00 -42.16 7.68
CA ALA A 52 9.51 -43.46 7.25
C ALA A 52 10.03 -43.75 5.85
N GLU A 53 9.69 -44.95 5.37
CA GLU A 53 10.11 -45.39 4.04
C GLU A 53 8.92 -45.60 3.13
N LEU A 54 9.01 -45.08 1.91
CA LEU A 54 7.92 -45.17 0.96
C LEU A 54 8.52 -45.69 -0.32
N ASP A 55 8.10 -46.91 -0.72
CA ASP A 55 8.69 -47.61 -1.86
C ASP A 55 10.22 -47.61 -1.76
N GLY A 56 10.72 -47.85 -0.56
CA GLY A 56 12.15 -47.95 -0.35
C GLY A 56 12.87 -46.62 -0.27
N GLN A 57 12.14 -45.50 -0.25
CA GLN A 57 12.76 -44.18 -0.17
C GLN A 57 12.35 -43.50 1.13
N SER A 58 13.29 -42.80 1.74
CA SER A 58 13.01 -42.12 3.00
CA SER A 58 13.02 -42.13 3.00
C SER A 58 12.18 -40.88 2.79
N VAL A 59 11.20 -40.70 3.64
CA VAL A 59 10.34 -39.53 3.62
C VAL A 59 10.30 -38.99 5.05
N VAL A 60 10.26 -37.66 5.20
CA VAL A 60 10.11 -37.03 6.52
C VAL A 60 8.66 -36.62 6.70
N VAL A 61 8.16 -36.71 7.92
CA VAL A 61 6.84 -36.17 8.27
C VAL A 61 7.10 -35.19 9.42
N CYS A 62 6.67 -33.93 9.23
CA CYS A 62 6.96 -32.90 10.23
C CYS A 62 5.79 -31.97 10.31
N SER A 63 5.25 -31.76 11.50
CA SER A 63 4.19 -30.77 11.66
C SER A 63 4.70 -29.34 11.55
N THR A 64 3.79 -28.45 11.22
CA THR A 64 4.08 -27.03 11.02
C THR A 64 3.56 -26.16 12.13
N GLY A 65 2.59 -26.63 12.92
CA GLY A 65 1.80 -25.70 13.71
C GLY A 65 0.84 -24.90 12.85
N ILE A 66 -0.03 -24.14 13.49
CA ILE A 66 -0.97 -23.24 12.81
C ILE A 66 -0.24 -21.96 12.39
N GLY A 67 -0.32 -21.61 11.10
CA GLY A 67 0.03 -20.30 10.59
C GLY A 67 1.34 -20.30 9.81
N GLY A 68 1.46 -19.28 8.95
CA GLY A 68 2.67 -19.10 8.19
C GLY A 68 3.95 -19.00 8.99
N PRO A 69 3.97 -18.29 10.11
CA PRO A 69 5.25 -18.15 10.83
C PRO A 69 5.88 -19.48 11.26
N SER A 70 5.11 -20.35 11.95
CA SER A 70 5.71 -21.61 12.36
C SER A 70 5.98 -22.52 11.16
N THR A 71 5.17 -22.40 10.10
CA THR A 71 5.41 -23.17 8.89
C THR A 71 6.72 -22.77 8.25
N SER A 72 7.00 -21.47 8.19
CA SER A 72 8.20 -20.99 7.50
C SER A 72 9.45 -21.53 8.17
N ILE A 73 9.42 -21.65 9.50
CA ILE A 73 10.57 -22.19 10.23
C ILE A 73 10.79 -23.64 9.84
N ALA A 74 9.72 -24.43 9.82
CA ALA A 74 9.86 -25.85 9.53
C ALA A 74 10.38 -26.07 8.12
N VAL A 75 9.83 -25.33 7.15
CA VAL A 75 10.27 -25.49 5.77
C VAL A 75 11.74 -25.11 5.62
N GLU A 76 12.11 -23.97 6.20
CA GLU A 76 13.49 -23.50 6.13
C GLU A 76 14.44 -24.53 6.69
N GLU A 77 14.15 -25.02 7.88
CA GLU A 77 15.08 -25.94 8.53
C GLU A 77 15.13 -27.29 7.81
N LEU A 78 13.99 -27.78 7.30
CA LEU A 78 14.02 -28.99 6.49
C LEU A 78 14.77 -28.80 5.19
N ALA A 79 14.62 -27.63 4.56
CA ALA A 79 15.40 -27.37 3.35
C ALA A 79 16.89 -27.36 3.65
N GLN A 80 17.30 -26.83 4.81
CA GLN A 80 18.71 -26.87 5.15
C GLN A 80 19.21 -28.30 5.25
N LEU A 81 18.34 -29.24 5.59
CA LEU A 81 18.69 -30.64 5.77
C LEU A 81 18.50 -31.46 4.50
N GLY A 82 18.26 -30.79 3.37
CA GLY A 82 18.20 -31.43 2.06
C GLY A 82 16.80 -31.68 1.52
N VAL A 83 15.75 -31.26 2.23
CA VAL A 83 14.41 -31.51 1.74
C VAL A 83 14.10 -30.48 0.66
N ARG A 84 13.55 -30.95 -0.45
CA ARG A 84 13.25 -30.06 -1.57
C ARG A 84 11.79 -30.05 -1.98
N THR A 85 11.00 -31.01 -1.52
CA THR A 85 9.60 -31.16 -1.90
C THR A 85 8.76 -31.21 -0.62
N PHE A 86 7.69 -30.43 -0.57
CA PHE A 86 6.88 -30.25 0.63
C PHE A 86 5.40 -30.44 0.32
N LEU A 87 4.76 -31.47 0.90
CA LEU A 87 3.34 -31.74 0.66
C LEU A 87 2.57 -31.41 1.92
N ARG A 88 1.84 -30.30 1.92
CA ARG A 88 0.99 -29.98 3.06
C ARG A 88 -0.29 -30.79 2.94
N VAL A 89 -0.69 -31.40 4.05
CA VAL A 89 -2.01 -31.98 4.18
C VAL A 89 -2.69 -31.26 5.34
N GLY A 90 -3.87 -30.70 5.09
CA GLY A 90 -4.52 -29.81 6.04
C GLY A 90 -5.98 -30.15 6.25
N THR A 91 -6.60 -29.34 7.10
CA THR A 91 -8.04 -29.25 7.23
C THR A 91 -8.49 -27.88 6.75
N THR A 92 -9.76 -27.77 6.36
CA THR A 92 -10.18 -26.54 5.71
C THR A 92 -11.68 -26.32 5.89
N GLY A 93 -12.06 -25.04 5.79
CA GLY A 93 -13.46 -24.67 5.74
C GLY A 93 -13.84 -24.32 4.33
N ALA A 94 -14.80 -25.05 3.75
CA ALA A 94 -15.28 -24.70 2.42
C ALA A 94 -16.24 -23.51 2.48
N ILE A 95 -16.21 -22.69 1.42
CA ILE A 95 -17.09 -21.55 1.37
C ILE A 95 -18.05 -21.56 0.19
N GLN A 96 -17.99 -22.59 -0.69
CA GLN A 96 -18.90 -22.76 -1.83
C GLN A 96 -19.96 -23.79 -1.47
N PRO A 97 -21.21 -23.56 -1.89
CA PRO A 97 -22.36 -24.36 -1.40
C PRO A 97 -22.24 -25.86 -1.49
N HIS A 98 -21.59 -26.41 -2.51
CA HIS A 98 -21.64 -27.86 -2.75
C HIS A 98 -20.27 -28.51 -2.64
N VAL A 99 -19.34 -27.84 -1.96
CA VAL A 99 -18.04 -28.39 -1.65
C VAL A 99 -18.20 -29.00 -0.26
N ASN A 100 -18.42 -30.30 -0.18
CA ASN A 100 -18.99 -30.87 1.03
C ASN A 100 -17.94 -31.33 2.03
N VAL A 101 -18.38 -31.49 3.28
CA VAL A 101 -17.51 -32.08 4.29
C VAL A 101 -17.07 -33.45 3.81
N GLY A 102 -15.78 -33.74 3.92
CA GLY A 102 -15.23 -34.98 3.43
C GLY A 102 -14.64 -34.89 2.04
N ASP A 103 -14.94 -33.82 1.28
CA ASP A 103 -14.29 -33.62 -0.01
C ASP A 103 -12.84 -33.21 0.22
N MET A 104 -12.04 -33.35 -0.85
CA MET A 104 -10.65 -32.91 -0.84
CA MET A 104 -10.64 -32.92 -0.86
C MET A 104 -10.48 -31.71 -1.75
N ILE A 105 -9.68 -30.74 -1.33
CA ILE A 105 -9.39 -29.57 -2.15
C ILE A 105 -7.89 -29.52 -2.39
N VAL A 106 -7.49 -29.41 -3.65
CA VAL A 106 -6.10 -29.22 -4.02
C VAL A 106 -5.98 -27.77 -4.48
N THR A 107 -5.17 -27.01 -3.77
CA THR A 107 -5.04 -25.58 -4.02
C THR A 107 -4.24 -25.34 -5.29
N THR A 108 -4.80 -24.53 -6.22
CA THR A 108 -4.08 -24.15 -7.43
C THR A 108 -3.46 -22.76 -7.27
N GLY A 109 -3.82 -22.04 -6.23
CA GLY A 109 -3.25 -20.74 -5.94
C GLY A 109 -3.93 -20.25 -4.67
N SER A 110 -3.25 -19.40 -3.90
CA SER A 110 -3.78 -18.90 -2.64
C SER A 110 -3.94 -17.40 -2.66
N VAL A 111 -5.07 -16.96 -2.09
CA VAL A 111 -5.21 -15.55 -1.70
C VAL A 111 -4.31 -15.30 -0.49
N ARG A 112 -3.37 -14.36 -0.63
CA ARG A 112 -2.34 -14.14 0.40
C ARG A 112 -2.90 -13.22 1.47
N LEU A 113 -3.67 -13.81 2.40
CA LEU A 113 -4.23 -13.06 3.53
C LEU A 113 -3.36 -13.26 4.80
N ASP A 114 -2.06 -13.43 4.58
CA ASP A 114 -1.06 -13.75 5.57
C ASP A 114 -0.01 -12.64 5.59
N GLY A 115 0.92 -12.73 6.51
CA GLY A 115 2.04 -11.82 6.54
C GLY A 115 3.36 -12.48 6.10
N ALA A 116 3.55 -13.79 6.37
CA ALA A 116 4.85 -14.39 6.14
C ALA A 116 5.19 -14.51 4.67
N SER A 117 4.17 -14.65 3.79
CA SER A 117 4.48 -14.69 2.36
C SER A 117 5.28 -13.47 1.92
N LEU A 118 4.98 -12.29 2.50
CA LEU A 118 5.66 -11.02 2.17
C LEU A 118 7.09 -11.00 2.64
N HIS A 119 7.49 -11.96 3.47
CA HIS A 119 8.87 -12.05 3.86
C HIS A 119 9.70 -12.83 2.85
N PHE A 120 9.06 -13.35 1.80
CA PHE A 120 9.74 -14.06 0.72
C PHE A 120 9.54 -13.41 -0.64
N ALA A 121 8.40 -12.78 -0.89
CA ALA A 121 8.17 -12.19 -2.20
C ALA A 121 7.13 -11.08 -2.02
N PRO A 122 7.23 -10.00 -2.79
CA PRO A 122 6.21 -8.96 -2.71
C PRO A 122 4.84 -9.50 -3.11
N MET A 123 3.79 -8.73 -2.77
CA MET A 123 2.43 -9.22 -2.90
C MET A 123 2.08 -9.62 -4.30
N GLU A 124 2.67 -8.96 -5.31
CA GLU A 124 2.29 -9.31 -6.68
CA GLU A 124 2.43 -9.26 -6.73
C GLU A 124 2.73 -10.70 -7.09
N PHE A 125 3.62 -11.35 -6.32
CA PHE A 125 4.08 -12.68 -6.65
C PHE A 125 2.97 -13.70 -6.38
N PRO A 126 2.76 -14.68 -7.26
CA PRO A 126 1.63 -15.61 -7.06
C PRO A 126 1.95 -16.70 -6.03
N ALA A 127 1.03 -16.91 -5.10
CA ALA A 127 1.16 -18.03 -4.15
C ALA A 127 0.66 -19.30 -4.86
N VAL A 128 1.54 -19.90 -5.65
CA VAL A 128 1.20 -20.97 -6.60
C VAL A 128 1.93 -22.26 -6.21
N PRO A 129 1.29 -23.42 -6.33
CA PRO A 129 1.99 -24.67 -6.06
C PRO A 129 2.87 -25.02 -7.25
N ASP A 130 3.90 -25.83 -6.98
CA ASP A 130 4.60 -26.57 -8.03
C ASP A 130 3.62 -27.42 -8.84
N PHE A 131 3.71 -27.32 -10.20
CA PHE A 131 2.73 -27.99 -11.05
C PHE A 131 2.77 -29.51 -10.90
N ASP A 132 3.97 -30.06 -10.73
CA ASP A 132 4.08 -31.51 -10.54
C ASP A 132 3.40 -31.95 -9.24
N VAL A 133 3.60 -31.20 -8.15
CA VAL A 133 2.95 -31.56 -6.89
C VAL A 133 1.44 -31.45 -6.99
N ALA A 134 0.95 -30.35 -7.58
CA ALA A 134 -0.49 -30.21 -7.73
C ALA A 134 -1.07 -31.33 -8.58
N THR A 135 -0.35 -31.73 -9.65
CA THR A 135 -0.77 -32.86 -10.51
C THR A 135 -0.82 -34.17 -9.74
N ALA A 136 0.20 -34.40 -8.91
CA ALA A 136 0.27 -35.63 -8.12
C ALA A 136 -0.83 -35.64 -7.08
N MET A 137 -1.08 -34.48 -6.43
CA MET A 137 -2.16 -34.39 -5.47
C MET A 137 -3.52 -34.62 -6.09
N LYS A 138 -3.76 -34.05 -7.28
CA LYS A 138 -5.02 -34.26 -7.95
C LYS A 138 -5.20 -35.74 -8.30
N ALA A 139 -4.16 -36.35 -8.86
CA ALA A 139 -4.25 -37.78 -9.20
C ALA A 139 -4.53 -38.65 -7.97
N ALA A 140 -3.77 -38.42 -6.90
CA ALA A 140 -3.95 -39.23 -5.70
C ALA A 140 -5.35 -39.04 -5.14
N ALA A 141 -5.84 -37.79 -5.09
CA ALA A 141 -7.15 -37.56 -4.54
C ALA A 141 -8.24 -38.20 -5.38
N GLN A 142 -8.17 -38.04 -6.71
CA GLN A 142 -9.16 -38.67 -7.58
C GLN A 142 -9.10 -40.19 -7.51
N GLU A 143 -7.90 -40.75 -7.52
CA GLU A 143 -7.78 -42.20 -7.51
C GLU A 143 -8.31 -42.79 -6.22
N SER A 144 -8.29 -42.00 -5.10
CA SER A 144 -8.78 -42.56 -3.85
C SER A 144 -10.28 -42.77 -3.86
N GLY A 145 -10.98 -42.20 -4.84
CA GLY A 145 -12.42 -42.21 -4.84
C GLY A 145 -13.06 -41.02 -4.16
N ALA A 146 -12.25 -40.11 -3.62
CA ALA A 146 -12.77 -38.89 -3.02
C ALA A 146 -13.35 -37.98 -4.08
N THR A 147 -14.17 -37.04 -3.62
CA THR A 147 -14.65 -35.98 -4.48
C THR A 147 -13.65 -34.83 -4.34
N VAL A 148 -13.04 -34.44 -5.45
CA VAL A 148 -11.90 -33.52 -5.45
C VAL A 148 -12.28 -32.22 -6.14
N HIS A 149 -11.79 -31.09 -5.61
CA HIS A 149 -11.97 -29.79 -6.27
C HIS A 149 -10.60 -29.15 -6.37
N MET A 150 -10.30 -28.60 -7.55
CA MET A 150 -9.08 -27.84 -7.80
C MET A 150 -9.53 -26.39 -7.78
N GLY A 151 -8.82 -25.53 -7.05
CA GLY A 151 -9.10 -24.11 -7.20
C GLY A 151 -8.36 -23.27 -6.17
N VAL A 152 -8.80 -22.04 -6.07
CA VAL A 152 -8.14 -21.01 -5.26
C VAL A 152 -8.55 -21.14 -3.80
N THR A 153 -7.60 -20.94 -2.91
CA THR A 153 -7.82 -21.06 -1.45
C THR A 153 -7.49 -19.72 -0.81
N ALA A 154 -8.34 -19.24 0.09
CA ALA A 154 -8.05 -18.01 0.83
C ALA A 154 -7.29 -18.42 2.09
N SER A 155 -6.06 -17.92 2.23
CA SER A 155 -5.13 -18.37 3.26
C SER A 155 -4.90 -17.22 4.24
N SER A 156 -5.45 -17.38 5.44
CA SER A 156 -5.62 -16.31 6.41
C SER A 156 -4.72 -16.47 7.63
N ASP A 157 -4.14 -15.36 8.07
CA ASP A 157 -3.35 -15.33 9.32
C ASP A 157 -4.21 -15.43 10.58
N THR A 158 -5.53 -15.42 10.45
CA THR A 158 -6.39 -15.62 11.59
C THR A 158 -7.48 -16.65 11.27
N PHE A 159 -7.94 -17.32 12.31
CA PHE A 159 -9.11 -18.19 12.19
C PHE A 159 -10.39 -17.40 12.25
N TYR A 160 -10.40 -16.28 12.98
CA TYR A 160 -11.64 -15.59 13.29
C TYR A 160 -11.89 -14.42 12.34
N PRO A 161 -11.34 -13.21 12.56
CA PRO A 161 -11.77 -12.10 11.69
C PRO A 161 -11.36 -12.25 10.24
N GLY A 162 -10.19 -12.80 9.95
CA GLY A 162 -9.78 -12.97 8.57
C GLY A 162 -10.57 -14.03 7.83
N GLN A 163 -11.37 -14.83 8.54
CA GLN A 163 -12.34 -15.73 7.89
C GLN A 163 -13.76 -15.20 8.09
N GLU A 164 -13.86 -13.90 8.42
CA GLU A 164 -15.11 -13.20 8.65
C GLU A 164 -16.05 -13.98 9.58
N ARG A 165 -15.50 -14.48 10.69
CA ARG A 165 -16.31 -15.02 11.78
C ARG A 165 -16.72 -13.87 12.72
N TYR A 166 -18.01 -13.82 13.08
CA TYR A 166 -18.55 -12.80 13.98
C TYR A 166 -18.91 -13.35 15.35
N ASP A 167 -18.86 -14.68 15.52
CA ASP A 167 -19.26 -15.32 16.78
C ASP A 167 -18.05 -15.34 17.72
N THR A 168 -17.66 -14.14 18.17
CA THR A 168 -16.37 -13.93 18.82
C THR A 168 -16.54 -13.00 20.02
N PHE A 169 -15.44 -12.82 20.73
CA PHE A 169 -15.50 -11.99 21.93
C PHE A 169 -15.97 -10.57 21.62
N THR A 170 -15.39 -9.93 20.59
CA THR A 170 -15.85 -8.58 20.27
C THR A 170 -17.06 -8.58 19.33
N GLY A 171 -17.25 -9.65 18.55
CA GLY A 171 -18.30 -9.63 17.56
C GLY A 171 -18.07 -8.66 16.40
N ARG A 172 -16.85 -8.15 16.25
CA ARG A 172 -16.47 -7.16 15.25
CA ARG A 172 -16.54 -7.20 15.20
C ARG A 172 -15.48 -7.78 14.28
N VAL A 173 -15.51 -7.34 13.02
CA VAL A 173 -14.48 -7.67 12.05
C VAL A 173 -13.95 -6.36 11.47
N VAL A 174 -12.62 -6.18 11.45
CA VAL A 174 -11.99 -4.97 10.93
C VAL A 174 -12.45 -4.69 9.50
N ARG A 175 -12.46 -3.41 9.13
CA ARG A 175 -12.95 -2.97 7.83
CA ARG A 175 -12.95 -2.97 7.83
C ARG A 175 -12.42 -3.83 6.68
N ARG A 176 -11.13 -4.06 6.65
CA ARG A 176 -10.50 -4.85 5.59
C ARG A 176 -11.27 -6.14 5.30
N PHE A 177 -11.75 -6.82 6.35
CA PHE A 177 -12.36 -8.13 6.18
C PHE A 177 -13.88 -8.12 6.20
N GLN A 178 -14.50 -6.96 6.40
CA GLN A 178 -15.96 -6.91 6.32
C GLN A 178 -16.38 -7.18 4.88
N GLY A 179 -17.32 -8.11 4.72
CA GLY A 179 -17.77 -8.48 3.39
C GLY A 179 -16.84 -9.43 2.65
N SER A 180 -15.72 -9.82 3.26
CA SER A 180 -14.69 -10.56 2.53
C SER A 180 -15.12 -11.99 2.20
N MET A 181 -15.90 -12.66 3.05
CA MET A 181 -16.29 -14.02 2.68
C MET A 181 -17.13 -14.01 1.42
N LYS A 182 -18.11 -13.10 1.33
CA LYS A 182 -18.92 -13.02 0.13
C LYS A 182 -18.07 -12.64 -1.07
N GLU A 183 -17.13 -11.72 -0.89
CA GLU A 183 -16.23 -11.37 -1.97
C GLU A 183 -15.51 -12.60 -2.53
N TRP A 184 -14.93 -13.41 -1.64
CA TRP A 184 -14.22 -14.60 -2.10
C TRP A 184 -15.18 -15.60 -2.72
N GLN A 185 -16.36 -15.78 -2.11
CA GLN A 185 -17.36 -16.68 -2.68
C GLN A 185 -17.67 -16.30 -4.13
N ASP A 186 -17.92 -15.00 -4.36
CA ASP A 186 -18.32 -14.54 -5.67
C ASP A 186 -17.19 -14.67 -6.67
N MET A 187 -15.93 -14.65 -6.19
CA MET A 187 -14.74 -14.83 -7.00
C MET A 187 -14.42 -16.31 -7.21
N GLY A 188 -15.21 -17.23 -6.66
CA GLY A 188 -15.02 -18.65 -6.94
C GLY A 188 -13.98 -19.31 -6.04
N VAL A 189 -13.54 -18.62 -4.98
CA VAL A 189 -12.61 -19.20 -4.03
C VAL A 189 -13.32 -20.35 -3.31
N LEU A 190 -12.58 -21.44 -3.11
CA LEU A 190 -13.21 -22.66 -2.59
C LEU A 190 -13.25 -22.72 -1.08
N ASN A 191 -12.24 -22.19 -0.38
CA ASN A 191 -12.01 -22.60 1.00
C ASN A 191 -11.09 -21.62 1.71
N PHE A 192 -11.15 -21.66 3.05
CA PHE A 192 -10.20 -21.00 3.93
C PHE A 192 -9.29 -22.02 4.61
N GLU A 193 -8.00 -21.67 4.72
CA GLU A 193 -7.12 -22.34 5.64
C GLU A 193 -6.04 -21.33 6.03
N MET A 194 -4.97 -21.80 6.69
CA MET A 194 -4.09 -20.87 7.39
C MET A 194 -2.59 -21.03 7.12
N GLU A 195 -2.17 -21.86 6.15
CA GLU A 195 -0.75 -22.02 5.89
C GLU A 195 -0.36 -21.94 4.42
N SER A 196 -1.29 -22.14 3.48
CA SER A 196 -0.89 -22.30 2.08
C SER A 196 -0.23 -21.06 1.47
N ALA A 197 -0.69 -19.84 1.81
CA ALA A 197 -0.08 -18.67 1.17
C ALA A 197 1.39 -18.57 1.53
N THR A 198 1.72 -18.79 2.80
CA THR A 198 3.12 -18.71 3.18
C THR A 198 3.89 -19.84 2.52
N LEU A 199 3.38 -21.07 2.65
CA LEU A 199 4.09 -22.23 2.13
C LEU A 199 4.33 -22.08 0.64
N LEU A 200 3.28 -21.78 -0.13
CA LEU A 200 3.42 -21.78 -1.58
C LEU A 200 4.28 -20.61 -2.05
N THR A 201 4.13 -19.44 -1.42
CA THR A 201 4.97 -18.31 -1.82
C THR A 201 6.43 -18.56 -1.49
N MET A 202 6.70 -19.04 -0.27
CA MET A 202 8.07 -19.28 0.14
C MET A 202 8.73 -20.29 -0.79
N CYS A 203 8.04 -21.39 -1.08
CA CYS A 203 8.68 -22.42 -1.89
C CYS A 203 8.84 -22.00 -3.36
N ALA A 204 7.78 -21.39 -3.95
CA ALA A 204 7.84 -21.01 -5.35
C ALA A 204 8.89 -19.97 -5.60
N SER A 205 9.29 -19.22 -4.56
CA SER A 205 10.30 -18.18 -4.74
C SER A 205 11.68 -18.60 -4.27
N SER A 206 11.83 -19.87 -3.78
CA SER A 206 13.06 -20.37 -3.15
C SER A 206 13.55 -21.68 -3.76
N GLY A 207 13.02 -22.11 -4.90
CA GLY A 207 13.53 -23.32 -5.53
C GLY A 207 13.07 -24.60 -4.87
N LEU A 208 11.93 -24.58 -4.20
CA LEU A 208 11.39 -25.75 -3.52
C LEU A 208 10.02 -26.09 -4.11
N LYS A 209 9.69 -27.38 -4.20
CA LYS A 209 8.40 -27.81 -4.77
C LYS A 209 7.41 -27.97 -3.63
N ALA A 210 6.22 -27.38 -3.75
CA ALA A 210 5.23 -27.45 -2.67
C ALA A 210 3.81 -27.56 -3.25
N GLY A 211 2.91 -28.10 -2.44
CA GLY A 211 1.50 -28.16 -2.75
C GLY A 211 0.72 -28.30 -1.47
N CYS A 212 -0.59 -28.09 -1.58
CA CYS A 212 -1.49 -28.18 -0.43
CA CYS A 212 -1.48 -28.21 -0.43
C CYS A 212 -2.72 -28.97 -0.85
N VAL A 213 -3.03 -30.02 -0.09
CA VAL A 213 -4.30 -30.72 -0.22
C VAL A 213 -4.91 -30.71 1.17
N ALA A 214 -6.22 -30.51 1.24
CA ALA A 214 -6.87 -30.44 2.52
C ALA A 214 -8.25 -31.08 2.48
N GLY A 215 -8.63 -31.68 3.60
CA GLY A 215 -9.95 -32.29 3.73
C GLY A 215 -10.92 -31.28 4.32
N VAL A 216 -12.10 -31.20 3.72
CA VAL A 216 -13.10 -30.23 4.16
C VAL A 216 -13.70 -30.72 5.46
N ILE A 217 -13.52 -29.96 6.55
CA ILE A 217 -14.12 -30.33 7.85
C ILE A 217 -15.34 -29.49 8.21
N ILE A 218 -15.58 -28.39 7.50
CA ILE A 218 -16.75 -27.57 7.75
C ILE A 218 -17.03 -26.85 6.45
N ASN A 219 -18.32 -26.62 6.21
CA ASN A 219 -18.73 -25.81 5.08
C ASN A 219 -19.47 -24.62 5.68
N ARG A 220 -18.92 -23.42 5.48
CA ARG A 220 -19.41 -22.19 6.10
C ARG A 220 -20.80 -21.81 5.59
N THR A 221 -21.26 -22.41 4.49
CA THR A 221 -22.60 -22.20 3.95
C THR A 221 -23.59 -23.27 4.39
N GLN A 222 -23.15 -24.36 5.02
CA GLN A 222 -24.05 -25.44 5.40
C GLN A 222 -24.33 -25.37 6.88
N LYS A 223 -25.55 -25.77 7.23
CA LYS A 223 -25.95 -25.81 8.63
C LYS A 223 -25.84 -27.20 9.25
N GLU A 224 -25.81 -28.27 8.45
CA GLU A 224 -25.63 -29.59 9.03
C GLU A 224 -24.22 -29.72 9.60
N ILE A 225 -24.11 -30.36 10.76
CA ILE A 225 -22.84 -30.53 11.45
C ILE A 225 -22.34 -31.94 11.15
N PRO A 226 -21.13 -32.11 10.63
CA PRO A 226 -20.59 -33.45 10.43
C PRO A 226 -20.43 -34.16 11.76
N ASP A 227 -20.48 -35.47 11.73
CA ASP A 227 -20.24 -36.21 12.96
C ASP A 227 -18.76 -36.57 13.08
N HIS A 228 -18.41 -37.08 14.26
CA HIS A 228 -17.06 -37.61 14.49
C HIS A 228 -16.69 -38.63 13.43
N ALA A 229 -17.65 -39.48 13.02
CA ALA A 229 -17.33 -40.56 12.08
C ALA A 229 -16.90 -40.01 10.72
N THR A 230 -17.69 -39.10 10.16
CA THR A 230 -17.30 -38.46 8.91
C THR A 230 -15.98 -37.72 9.03
N LEU A 231 -15.69 -37.13 10.20
CA LEU A 231 -14.45 -36.35 10.34
C LEU A 231 -13.24 -37.26 10.43
N LYS A 232 -13.31 -38.29 11.28
CA LYS A 232 -12.26 -39.29 11.31
C LYS A 232 -11.96 -39.82 9.91
N GLU A 233 -13.03 -40.18 9.19
CA GLU A 233 -12.86 -40.69 7.84
C GLU A 233 -12.22 -39.64 6.93
N THR A 234 -12.62 -38.37 7.09
CA THR A 234 -12.04 -37.30 6.26
C THR A 234 -10.56 -37.18 6.54
N GLU A 235 -10.20 -37.20 7.83
CA GLU A 235 -8.79 -37.13 8.20
CA GLU A 235 -8.80 -37.15 8.22
C GLU A 235 -8.03 -38.34 7.68
N ALA A 236 -8.59 -39.56 7.87
CA ALA A 236 -7.93 -40.76 7.35
C ALA A 236 -7.72 -40.69 5.84
N ARG A 237 -8.76 -40.27 5.10
CA ARG A 237 -8.67 -40.17 3.66
CA ARG A 237 -8.65 -40.17 3.65
C ARG A 237 -7.62 -39.14 3.24
N SER A 238 -7.58 -37.99 3.94
CA SER A 238 -6.62 -36.95 3.59
CA SER A 238 -6.63 -36.96 3.56
C SER A 238 -5.19 -37.45 3.71
N ILE A 239 -4.90 -38.25 4.78
CA ILE A 239 -3.52 -38.70 4.92
C ILE A 239 -3.18 -39.82 3.92
N LYS A 240 -4.14 -40.72 3.60
CA LYS A 240 -3.89 -41.70 2.55
C LYS A 240 -3.63 -40.99 1.22
N VAL A 241 -4.36 -39.89 0.96
CA VAL A 241 -4.16 -39.14 -0.28
C VAL A 241 -2.78 -38.53 -0.33
N VAL A 242 -2.37 -37.87 0.77
CA VAL A 242 -1.08 -37.20 0.71
C VAL A 242 0.06 -38.19 0.61
N VAL A 243 -0.04 -39.38 1.25
CA VAL A 243 1.01 -40.38 1.09
C VAL A 243 1.09 -40.89 -0.36
N GLU A 244 -0.06 -41.15 -0.96
CA GLU A 244 -0.07 -41.52 -2.37
C GLU A 244 0.49 -40.40 -3.27
N ALA A 245 0.20 -39.13 -2.94
CA ALA A 245 0.81 -38.05 -3.72
C ALA A 245 2.31 -38.03 -3.55
N ALA A 246 2.80 -38.30 -2.35
CA ALA A 246 4.23 -38.44 -2.15
C ALA A 246 4.80 -39.56 -3.01
N ARG A 247 4.14 -40.73 -3.02
CA ARG A 247 4.59 -41.83 -3.87
CA ARG A 247 4.61 -41.82 -3.87
C ARG A 247 4.80 -41.37 -5.31
N LYS A 248 3.86 -40.54 -5.80
CA LYS A 248 3.90 -40.05 -7.18
C LYS A 248 5.06 -39.08 -7.41
N MET A 249 5.46 -38.34 -6.38
CA MET A 249 6.59 -37.44 -6.52
C MET A 249 7.96 -38.13 -6.43
N LEU A 250 8.09 -39.30 -5.82
CA LEU A 250 9.42 -39.87 -5.70
CA LEU A 250 9.47 -39.76 -5.74
C LEU A 250 9.91 -40.40 -7.04
N LYS A 251 11.23 -40.48 -7.18
CA LYS A 251 11.91 -40.83 -8.42
C LYS A 251 12.94 -41.91 -8.15
N LYS B 1 -20.32 -23.59 26.50
CA LYS B 1 -19.34 -23.46 25.41
C LYS B 1 -17.99 -24.12 25.69
N THR B 2 -17.55 -24.95 24.75
CA THR B 2 -16.17 -25.45 24.72
C THR B 2 -15.51 -24.87 23.48
N VAL B 3 -14.41 -24.14 23.69
CA VAL B 3 -13.77 -23.44 22.57
C VAL B 3 -13.14 -24.43 21.60
N PHE B 4 -13.01 -24.02 20.33
CA PHE B 4 -12.73 -24.94 19.23
C PHE B 4 -11.33 -25.53 19.31
N HIS B 5 -10.32 -24.72 19.61
CA HIS B 5 -8.93 -25.19 19.61
C HIS B 5 -8.40 -25.51 21.00
N LEU B 6 -8.77 -24.76 22.04
CA LEU B 6 -8.13 -24.96 23.34
C LEU B 6 -8.74 -26.16 24.08
N GLY B 7 -9.97 -26.54 23.75
CA GLY B 7 -10.58 -27.67 24.39
C GLY B 7 -10.90 -27.51 25.86
N VAL B 8 -11.21 -26.30 26.31
CA VAL B 8 -11.57 -26.05 27.71
C VAL B 8 -12.87 -25.25 27.75
N THR B 9 -13.51 -25.28 28.91
CA THR B 9 -14.73 -24.50 29.13
C THR B 9 -14.42 -23.36 30.08
N GLU B 10 -15.37 -22.42 30.18
CA GLU B 10 -15.19 -21.31 31.13
C GLU B 10 -15.10 -21.84 32.56
N ALA B 11 -15.89 -22.86 32.90
CA ALA B 11 -15.84 -23.43 34.25
C ALA B 11 -14.47 -24.03 34.56
N ASP B 12 -13.79 -24.58 33.55
CA ASP B 12 -12.46 -25.12 33.78
C ASP B 12 -11.48 -24.07 34.30
N LEU B 13 -11.71 -22.79 33.96
CA LEU B 13 -10.80 -21.72 34.34
C LEU B 13 -11.01 -21.22 35.76
N ASN B 14 -12.06 -21.67 36.45
CA ASN B 14 -12.27 -21.34 37.86
CA ASN B 14 -12.29 -21.33 37.85
C ASN B 14 -12.26 -19.82 38.09
N GLY B 15 -12.81 -19.07 37.14
CA GLY B 15 -12.95 -17.65 37.29
C GLY B 15 -11.75 -16.83 36.93
N ALA B 16 -10.70 -17.43 36.35
CA ALA B 16 -9.54 -16.64 35.97
C ALA B 16 -9.87 -15.57 34.93
N THR B 17 -9.33 -14.37 35.16
CA THR B 17 -9.39 -13.30 34.17
C THR B 17 -8.03 -12.89 33.66
N LEU B 18 -6.96 -13.53 34.11
CA LEU B 18 -5.60 -13.24 33.70
C LEU B 18 -4.97 -14.52 33.18
N ALA B 19 -4.27 -14.41 32.06
CA ALA B 19 -3.53 -15.52 31.49
C ALA B 19 -2.08 -15.12 31.29
N ILE B 20 -1.19 -16.06 31.54
CA ILE B 20 0.21 -15.99 31.16
C ILE B 20 0.35 -16.86 29.91
N ILE B 21 0.90 -16.27 28.83
CA ILE B 21 0.91 -16.91 27.49
C ILE B 21 2.33 -17.01 26.95
N PRO B 22 3.07 -18.08 27.28
CA PRO B 22 4.37 -18.31 26.64
C PRO B 22 4.17 -18.82 25.21
N GLY B 23 5.21 -18.73 24.38
CA GLY B 23 5.13 -19.35 23.03
C GLY B 23 5.21 -20.87 23.08
N ASP B 24 6.07 -21.40 23.94
CA ASP B 24 6.47 -22.80 23.93
C ASP B 24 5.55 -23.61 24.82
N PRO B 25 4.87 -24.63 24.33
CA PRO B 25 3.99 -25.47 25.16
C PRO B 25 4.68 -26.05 26.37
N ALA B 26 5.98 -26.34 26.28
CA ALA B 26 6.70 -26.93 27.41
C ALA B 26 6.93 -25.93 28.53
N ARG B 27 6.83 -24.64 28.27
CA ARG B 27 7.00 -23.64 29.34
C ARG B 27 5.76 -23.49 30.19
N VAL B 28 4.62 -24.03 29.79
CA VAL B 28 3.36 -23.81 30.49
C VAL B 28 3.40 -24.43 31.89
N GLN B 29 3.76 -25.72 31.96
CA GLN B 29 3.82 -26.39 33.25
C GLN B 29 4.83 -25.72 34.16
N LYS B 30 5.97 -25.29 33.62
CA LYS B 30 7.00 -24.63 34.41
C LYS B 30 6.48 -23.34 35.04
N ILE B 31 5.71 -22.56 34.29
CA ILE B 31 5.10 -21.36 34.83
C ILE B 31 4.07 -21.71 35.89
N ALA B 32 3.18 -22.67 35.60
CA ALA B 32 2.13 -23.05 36.54
C ALA B 32 2.69 -23.52 37.88
N GLU B 33 3.85 -24.17 37.86
CA GLU B 33 4.45 -24.71 39.10
C GLU B 33 5.15 -23.65 39.93
N LEU B 34 5.30 -22.44 39.44
CA LEU B 34 5.69 -21.33 40.29
C LEU B 34 4.52 -20.78 41.10
N MET B 35 3.32 -21.26 40.85
CA MET B 35 2.07 -20.82 41.45
C MET B 35 1.49 -21.96 42.30
N ASP B 36 0.36 -21.68 42.93
CA ASP B 36 -0.23 -22.68 43.83
C ASP B 36 -1.23 -23.57 43.11
N ASN B 37 -1.27 -24.83 43.50
CA ASN B 37 -2.26 -25.78 43.02
C ASN B 37 -2.36 -25.85 41.49
N PRO B 38 -1.26 -26.04 40.80
CA PRO B 38 -1.32 -26.14 39.34
C PRO B 38 -2.09 -27.41 38.91
N VAL B 39 -2.94 -27.26 37.91
CA VAL B 39 -3.72 -28.38 37.38
C VAL B 39 -3.64 -28.33 35.85
N PHE B 40 -3.25 -29.45 35.24
CA PHE B 40 -3.32 -29.57 33.78
C PHE B 40 -4.77 -29.55 33.34
N LEU B 41 -5.04 -28.79 32.28
CA LEU B 41 -6.40 -28.73 31.76
C LEU B 41 -6.55 -29.42 30.41
N ALA B 42 -5.66 -29.15 29.46
CA ALA B 42 -5.83 -29.68 28.11
C ALA B 42 -4.52 -29.49 27.36
N SER B 43 -4.32 -30.32 26.34
CA SER B 43 -3.25 -30.14 25.38
C SER B 43 -3.78 -30.55 24.01
N HIS B 44 -3.78 -29.60 23.08
CA HIS B 44 -4.20 -29.87 21.71
C HIS B 44 -3.33 -29.00 20.82
N ARG B 45 -2.74 -29.59 19.78
CA ARG B 45 -1.87 -28.84 18.86
C ARG B 45 -0.80 -28.14 19.70
N GLU B 46 -0.49 -26.89 19.44
CA GLU B 46 0.53 -26.14 20.16
C GLU B 46 0.02 -25.53 21.46
N TYR B 47 -1.22 -25.86 21.85
CA TYR B 47 -1.90 -25.24 22.99
C TYR B 47 -1.92 -26.18 24.19
N THR B 48 -1.06 -25.93 25.16
CA THR B 48 -1.09 -26.65 26.44
C THR B 48 -1.65 -25.65 27.45
N VAL B 49 -2.65 -26.06 28.22
CA VAL B 49 -3.39 -25.18 29.12
C VAL B 49 -3.35 -25.76 30.53
N TYR B 50 -2.84 -24.96 31.46
CA TYR B 50 -2.91 -25.28 32.89
C TYR B 50 -3.69 -24.18 33.59
N ARG B 51 -4.18 -24.47 34.79
CA ARG B 51 -4.68 -23.43 35.69
CA ARG B 51 -4.57 -23.37 35.65
C ARG B 51 -3.87 -23.49 36.99
N ALA B 52 -3.77 -22.36 37.68
CA ALA B 52 -3.13 -22.33 39.00
C ALA B 52 -3.74 -21.17 39.77
N GLU B 53 -3.21 -20.97 40.99
CA GLU B 53 -3.69 -19.92 41.88
C GLU B 53 -2.52 -19.05 42.29
N LEU B 54 -2.72 -17.74 42.24
CA LEU B 54 -1.71 -16.77 42.63
C LEU B 54 -2.40 -15.85 43.63
N ASP B 55 -1.89 -15.82 44.86
CA ASP B 55 -2.49 -15.00 45.92
C ASP B 55 -4.00 -15.22 45.99
N GLY B 56 -4.41 -16.46 45.84
CA GLY B 56 -5.79 -16.84 45.99
C GLY B 56 -6.66 -16.63 44.79
N GLN B 57 -6.11 -16.22 43.66
CA GLN B 57 -6.91 -15.98 42.47
C GLN B 57 -6.46 -16.92 41.35
N SER B 58 -7.45 -17.41 40.61
CA SER B 58 -7.17 -18.33 39.51
C SER B 58 -6.46 -17.59 38.38
N VAL B 59 -5.46 -18.26 37.84
CA VAL B 59 -4.71 -17.75 36.70
C VAL B 59 -4.60 -18.89 35.70
N VAL B 60 -4.75 -18.59 34.42
CA VAL B 60 -4.61 -19.56 33.34
CA VAL B 60 -4.57 -19.61 33.41
C VAL B 60 -3.22 -19.41 32.75
N VAL B 61 -2.59 -20.52 32.38
CA VAL B 61 -1.33 -20.51 31.65
C VAL B 61 -1.61 -21.26 30.36
N CYS B 62 -1.35 -20.61 29.22
CA CYS B 62 -1.70 -21.23 27.94
C CYS B 62 -0.65 -20.86 26.91
N SER B 63 -0.09 -21.85 26.22
CA SER B 63 0.88 -21.54 25.18
C SER B 63 0.20 -21.02 23.91
N THR B 64 0.97 -20.26 23.13
CA THR B 64 0.45 -19.66 21.91
C THR B 64 0.95 -20.37 20.66
N GLY B 65 2.01 -21.16 20.75
CA GLY B 65 2.80 -21.51 19.57
C GLY B 65 3.58 -20.31 19.03
N ILE B 66 4.37 -20.58 18.02
CA ILE B 66 5.12 -19.52 17.31
C ILE B 66 4.20 -18.81 16.33
N GLY B 67 4.15 -17.47 16.44
CA GLY B 67 3.61 -16.56 15.45
C GLY B 67 2.24 -16.01 15.80
N GLY B 68 1.93 -14.87 15.17
CA GLY B 68 0.65 -14.24 15.33
C GLY B 68 -0.57 -15.10 15.09
N PRO B 69 -0.58 -15.94 14.05
CA PRO B 69 -1.82 -16.70 13.77
C PRO B 69 -2.24 -17.62 14.92
N SER B 70 -1.32 -18.44 15.42
CA SER B 70 -1.68 -19.32 16.53
C SER B 70 -1.89 -18.56 17.83
N THR B 71 -1.20 -17.42 18.01
CA THR B 71 -1.45 -16.56 19.16
C THR B 71 -2.85 -16.00 19.11
N SER B 72 -3.27 -15.52 17.91
CA SER B 72 -4.59 -14.90 17.79
C SER B 72 -5.71 -15.86 18.17
N ILE B 73 -5.51 -17.16 17.88
CA ILE B 73 -6.52 -18.13 18.26
C ILE B 73 -6.57 -18.27 19.78
N ALA B 74 -5.42 -18.42 20.42
CA ALA B 74 -5.41 -18.60 21.88
C ALA B 74 -6.05 -17.41 22.59
N VAL B 75 -5.70 -16.19 22.17
CA VAL B 75 -6.19 -15.01 22.84
C VAL B 75 -7.69 -14.91 22.67
N GLU B 76 -8.16 -15.10 21.43
CA GLU B 76 -9.60 -15.03 21.16
C GLU B 76 -10.37 -16.02 22.02
N GLU B 77 -9.91 -17.27 22.03
CA GLU B 77 -10.67 -18.30 22.75
C GLU B 77 -10.61 -18.10 24.27
N LEU B 78 -9.45 -17.67 24.79
CA LEU B 78 -9.41 -17.32 26.21
C LEU B 78 -10.31 -16.14 26.53
N ALA B 79 -10.36 -15.11 25.66
CA ALA B 79 -11.28 -13.99 25.89
C ALA B 79 -12.75 -14.46 25.86
N GLN B 80 -13.08 -15.44 25.01
CA GLN B 80 -14.44 -15.96 25.04
C GLN B 80 -14.76 -16.60 26.39
N LEU B 81 -13.74 -17.05 27.10
CA LEU B 81 -13.93 -17.72 28.37
C LEU B 81 -13.71 -16.77 29.55
N GLY B 82 -13.68 -15.44 29.29
CA GLY B 82 -13.63 -14.44 30.33
C GLY B 82 -12.26 -13.87 30.65
N VAL B 83 -11.19 -14.30 29.94
CA VAL B 83 -9.88 -13.75 30.22
C VAL B 83 -9.77 -12.35 29.63
N ARG B 84 -9.23 -11.42 30.40
CA ARG B 84 -9.13 -10.03 29.98
C ARG B 84 -7.72 -9.47 29.99
N THR B 85 -6.78 -10.16 30.63
CA THR B 85 -5.40 -9.67 30.75
C THR B 85 -4.47 -10.78 30.29
N PHE B 86 -3.49 -10.44 29.44
CA PHE B 86 -2.65 -11.41 28.76
C PHE B 86 -1.18 -11.01 28.91
N LEU B 87 -0.40 -11.80 29.61
CA LEU B 87 1.01 -11.52 29.83
C LEU B 87 1.83 -12.50 29.02
N ARG B 88 2.40 -12.02 27.91
CA ARG B 88 3.31 -12.87 27.13
C ARG B 88 4.69 -12.90 27.78
N VAL B 89 5.26 -14.12 27.90
CA VAL B 89 6.64 -14.30 28.29
C VAL B 89 7.32 -15.07 27.17
N GLY B 90 8.38 -14.48 26.63
CA GLY B 90 8.94 -14.96 25.38
C GLY B 90 10.45 -15.09 25.45
N THR B 91 11.03 -15.49 24.33
CA THR B 91 12.46 -15.42 24.08
C THR B 91 12.67 -14.46 22.91
N THR B 92 13.87 -13.90 22.80
CA THR B 92 14.07 -12.79 21.88
C THR B 92 15.55 -12.66 21.52
N GLY B 93 15.81 -12.08 20.35
CA GLY B 93 17.15 -11.74 19.94
C GLY B 93 17.36 -10.23 20.06
N ALA B 94 18.40 -9.86 20.80
CA ALA B 94 18.75 -8.43 20.89
C ALA B 94 19.47 -7.93 19.64
N ILE B 95 19.16 -6.70 19.23
CA ILE B 95 19.83 -6.07 18.09
C ILE B 95 20.61 -4.81 18.47
N GLN B 96 20.72 -4.53 19.77
CA GLN B 96 21.62 -3.48 20.23
C GLN B 96 22.81 -4.13 20.90
N PRO B 97 24.02 -3.62 20.67
CA PRO B 97 25.23 -4.35 21.12
C PRO B 97 25.33 -4.56 22.63
N HIS B 98 24.80 -3.66 23.46
CA HIS B 98 25.07 -3.79 24.88
C HIS B 98 23.94 -4.43 25.67
N VAL B 99 22.93 -4.96 25.00
CA VAL B 99 21.93 -5.81 25.61
C VAL B 99 22.50 -7.22 25.65
N ASN B 100 22.57 -7.82 26.83
CA ASN B 100 23.26 -9.08 26.99
C ASN B 100 22.29 -10.25 27.04
N VAL B 101 22.80 -11.40 26.63
CA VAL B 101 22.07 -12.64 26.86
C VAL B 101 21.71 -12.76 28.33
N GLY B 102 20.47 -13.13 28.61
CA GLY B 102 19.97 -13.20 29.97
C GLY B 102 19.26 -11.97 30.47
N ASP B 103 19.42 -10.83 29.77
CA ASP B 103 18.62 -9.64 30.07
C ASP B 103 17.13 -9.87 29.73
N MET B 104 16.28 -9.01 30.27
CA MET B 104 14.86 -9.01 29.97
C MET B 104 14.54 -7.74 29.18
N ILE B 105 13.62 -7.86 28.23
CA ILE B 105 13.12 -6.72 27.47
C ILE B 105 11.62 -6.66 27.64
N VAL B 106 11.13 -5.50 28.06
CA VAL B 106 9.69 -5.26 28.11
C VAL B 106 9.36 -4.34 26.92
N THR B 107 8.46 -4.81 26.06
CA THR B 107 8.13 -4.08 24.84
C THR B 107 7.23 -2.89 25.17
N THR B 108 7.63 -1.70 24.69
CA THR B 108 6.76 -0.54 24.85
C THR B 108 5.94 -0.27 23.61
N GLY B 109 6.29 -0.90 22.51
CA GLY B 109 5.56 -0.79 21.26
C GLY B 109 6.23 -1.73 20.28
N SER B 110 5.49 -2.26 19.31
CA SER B 110 6.07 -3.20 18.35
C SER B 110 6.05 -2.66 16.92
N VAL B 111 7.16 -2.89 16.22
CA VAL B 111 7.11 -2.74 14.76
C VAL B 111 6.32 -3.92 14.21
N ARG B 112 5.25 -3.62 13.47
CA ARG B 112 4.29 -4.64 12.99
C ARG B 112 4.82 -5.24 11.71
N LEU B 113 5.74 -6.21 11.84
CA LEU B 113 6.27 -6.96 10.70
C LEU B 113 5.56 -8.31 10.55
N ASP B 114 4.28 -8.33 10.93
CA ASP B 114 3.41 -9.51 10.95
C ASP B 114 2.23 -9.28 10.01
N GLY B 115 1.40 -10.29 9.88
CA GLY B 115 0.18 -10.17 9.14
C GLY B 115 -1.07 -10.15 10.01
N ALA B 116 -1.06 -10.86 11.16
CA ALA B 116 -2.31 -11.04 11.88
C ALA B 116 -2.76 -9.73 12.55
N SER B 117 -1.83 -8.81 12.89
CA SER B 117 -2.26 -7.52 13.47
C SER B 117 -3.24 -6.80 12.54
N LEU B 118 -3.04 -6.93 11.22
CA LEU B 118 -3.88 -6.28 10.23
C LEU B 118 -5.28 -6.91 10.17
N HIS B 119 -5.47 -8.07 10.78
CA HIS B 119 -6.79 -8.65 10.87
C HIS B 119 -7.60 -8.06 12.01
N PHE B 120 -6.99 -7.15 12.80
CA PHE B 120 -7.66 -6.44 13.90
C PHE B 120 -7.66 -4.93 13.75
N ALA B 121 -6.62 -4.36 13.14
CA ALA B 121 -6.58 -2.91 13.01
C ALA B 121 -5.67 -2.56 11.83
N PRO B 122 -5.95 -1.45 11.13
CA PRO B 122 -5.10 -1.07 10.00
C PRO B 122 -3.71 -0.73 10.51
N MET B 123 -2.75 -0.69 9.60
CA MET B 123 -1.35 -0.57 9.99
C MET B 123 -1.05 0.67 10.80
N GLU B 124 -1.83 1.74 10.62
CA GLU B 124 -1.55 2.97 11.34
CA GLU B 124 -1.64 3.01 11.34
C GLU B 124 -1.81 2.85 12.83
N PHE B 125 -2.56 1.83 13.26
CA PHE B 125 -2.86 1.64 14.67
C PHE B 125 -1.60 1.18 15.42
N PRO B 126 -1.34 1.71 16.60
CA PRO B 126 -0.08 1.34 17.30
C PRO B 126 -0.15 -0.02 18.01
N ALA B 127 0.85 -0.88 17.79
CA ALA B 127 0.98 -2.13 18.56
C ALA B 127 1.58 -1.81 19.92
N VAL B 128 0.73 -1.36 20.86
CA VAL B 128 1.14 -0.81 22.15
CA VAL B 128 1.23 -0.91 22.16
C VAL B 128 0.62 -1.72 23.27
N PRO B 129 1.39 -1.95 24.34
CA PRO B 129 0.87 -2.70 25.48
C PRO B 129 -0.04 -1.84 26.32
N ASP B 130 -0.82 -2.51 27.15
CA ASP B 130 -1.49 -1.84 28.25
C ASP B 130 -0.43 -1.26 29.18
N PHE B 131 -0.66 0.00 29.57
CA PHE B 131 0.36 0.70 30.37
C PHE B 131 0.56 0.06 31.73
N ASP B 132 -0.52 -0.37 32.38
CA ASP B 132 -0.36 -1.05 33.67
C ASP B 132 0.45 -2.35 33.53
N VAL B 133 0.19 -3.14 32.47
CA VAL B 133 0.95 -4.38 32.27
C VAL B 133 2.42 -4.08 32.06
N ALA B 134 2.74 -3.12 31.17
CA ALA B 134 4.14 -2.77 30.95
C ALA B 134 4.80 -2.31 32.27
N THR B 135 4.09 -1.52 33.06
CA THR B 135 4.61 -1.03 34.35
C THR B 135 4.86 -2.18 35.28
N ALA B 136 3.91 -3.12 35.36
CA ALA B 136 4.07 -4.27 36.25
C ALA B 136 5.24 -5.14 35.80
N MET B 137 5.37 -5.32 34.47
CA MET B 137 6.50 -6.11 33.95
C MET B 137 7.84 -5.49 34.31
N LYS B 138 7.97 -4.17 34.16
CA LYS B 138 9.23 -3.51 34.50
C LYS B 138 9.55 -3.65 35.98
N ALA B 139 8.56 -3.38 36.86
CA ALA B 139 8.76 -3.49 38.31
C ALA B 139 9.12 -4.92 38.68
N ALA B 140 8.39 -5.90 38.14
CA ALA B 140 8.72 -7.29 38.47
C ALA B 140 10.12 -7.66 38.02
N ALA B 141 10.55 -7.19 36.84
CA ALA B 141 11.89 -7.52 36.39
C ALA B 141 12.92 -6.92 37.34
N GLN B 142 12.79 -5.63 37.64
CA GLN B 142 13.72 -5.01 38.57
C GLN B 142 13.74 -5.73 39.90
N GLU B 143 12.56 -6.08 40.43
CA GLU B 143 12.51 -6.63 41.78
C GLU B 143 13.08 -8.04 41.83
N SER B 144 13.09 -8.73 40.70
CA SER B 144 13.67 -10.07 40.58
CA SER B 144 13.68 -10.07 40.65
C SER B 144 15.19 -10.04 40.42
N GLY B 145 15.80 -8.86 40.36
CA GLY B 145 17.22 -8.76 40.14
C GLY B 145 17.66 -8.86 38.69
N ALA B 146 16.73 -8.95 37.74
CA ALA B 146 17.07 -9.02 36.32
C ALA B 146 17.56 -7.67 35.81
N THR B 147 18.34 -7.69 34.75
CA THR B 147 18.65 -6.46 34.02
C THR B 147 17.55 -6.29 32.98
N VAL B 148 16.85 -5.15 33.00
CA VAL B 148 15.65 -4.96 32.18
C VAL B 148 15.82 -3.74 31.29
N HIS B 149 15.35 -3.87 30.04
CA HIS B 149 15.30 -2.76 29.08
C HIS B 149 13.87 -2.56 28.60
N MET B 150 13.45 -1.30 28.50
CA MET B 150 12.14 -0.92 27.98
C MET B 150 12.35 -0.35 26.60
N GLY B 151 11.57 -0.79 25.62
CA GLY B 151 11.69 -0.15 24.33
C GLY B 151 10.91 -0.86 23.25
N VAL B 152 11.20 -0.42 22.04
CA VAL B 152 10.49 -0.89 20.86
C VAL B 152 11.05 -2.24 20.41
N THR B 153 10.14 -3.12 19.98
CA THR B 153 10.45 -4.49 19.57
C THR B 153 10.01 -4.70 18.11
N ALA B 154 10.89 -5.23 17.26
CA ALA B 154 10.49 -5.57 15.91
C ALA B 154 9.89 -6.98 15.95
N SER B 155 8.63 -7.13 15.51
CA SER B 155 7.87 -8.36 15.69
C SER B 155 7.54 -8.92 14.31
N SER B 156 8.18 -10.04 13.98
CA SER B 156 8.27 -10.60 12.63
C SER B 156 7.47 -11.88 12.49
N ASP B 157 6.79 -12.00 11.34
CA ASP B 157 6.15 -13.27 10.99
C ASP B 157 7.14 -14.35 10.55
N THR B 158 8.44 -14.05 10.45
CA THR B 158 9.41 -15.12 10.21
C THR B 158 10.56 -15.05 11.21
N PHE B 159 11.21 -16.18 11.45
CA PHE B 159 12.44 -16.20 12.20
C PHE B 159 13.61 -15.82 11.32
N TYR B 160 13.51 -16.13 10.00
CA TYR B 160 14.66 -16.02 9.12
C TYR B 160 14.71 -14.72 8.33
N PRO B 161 14.04 -14.58 7.16
CA PRO B 161 14.28 -13.35 6.38
C PRO B 161 13.75 -12.08 7.05
N GLY B 162 12.62 -12.15 7.78
CA GLY B 162 12.09 -10.97 8.46
C GLY B 162 12.92 -10.53 9.64
N GLN B 163 13.88 -11.33 10.07
CA GLN B 163 14.88 -10.91 11.04
C GLN B 163 16.23 -10.72 10.35
N GLU B 164 16.20 -10.64 9.00
CA GLU B 164 17.40 -10.45 8.20
C GLU B 164 18.48 -11.45 8.53
N ARG B 165 18.09 -12.72 8.71
CA ARG B 165 19.08 -13.79 8.80
C ARG B 165 19.51 -14.25 7.40
N TYR B 166 20.82 -14.46 7.20
CA TYR B 166 21.38 -14.90 5.93
C TYR B 166 21.93 -16.31 5.97
N ASP B 167 22.05 -16.95 7.15
CA ASP B 167 22.56 -18.32 7.23
C ASP B 167 21.39 -19.26 7.01
N THR B 168 20.97 -19.36 5.76
CA THR B 168 19.74 -20.02 5.40
C THR B 168 19.96 -20.82 4.11
N PHE B 169 18.94 -21.60 3.76
CA PHE B 169 19.01 -22.42 2.56
C PHE B 169 19.31 -21.59 1.31
N THR B 170 18.60 -20.47 1.10
CA THR B 170 18.85 -19.65 -0.09
C THR B 170 19.90 -18.59 0.16
N GLY B 171 20.08 -18.14 1.40
CA GLY B 171 21.00 -17.06 1.66
C GLY B 171 20.55 -15.72 1.15
N ARG B 172 19.30 -15.61 0.72
CA ARG B 172 18.73 -14.36 0.24
CA ARG B 172 18.70 -14.39 0.22
C ARG B 172 17.69 -13.84 1.21
N VAL B 173 17.51 -12.52 1.20
CA VAL B 173 16.44 -11.84 1.92
C VAL B 173 15.71 -10.93 0.94
N VAL B 174 14.38 -11.06 0.87
CA VAL B 174 13.60 -10.24 -0.04
C VAL B 174 13.90 -8.74 0.16
N ARG B 175 13.77 -7.96 -0.92
CA ARG B 175 14.00 -6.53 -0.93
C ARG B 175 13.51 -5.81 0.31
N ARG B 176 12.25 -6.04 0.65
CA ARG B 176 11.62 -5.39 1.82
C ARG B 176 12.52 -5.45 3.04
N PHE B 177 13.15 -6.59 3.30
CA PHE B 177 13.90 -6.78 4.53
C PHE B 177 15.40 -6.58 4.38
N GLN B 178 15.89 -6.30 3.17
CA GLN B 178 17.31 -6.02 2.98
C GLN B 178 17.68 -4.75 3.74
N GLY B 179 18.69 -4.83 4.60
CA GLY B 179 19.11 -3.69 5.39
C GLY B 179 18.23 -3.43 6.60
N SER B 180 17.21 -4.26 6.85
CA SER B 180 16.22 -3.92 7.86
C SER B 180 16.77 -4.01 9.27
N MET B 181 17.71 -4.93 9.54
CA MET B 181 18.19 -5.00 10.92
C MET B 181 18.96 -3.73 11.29
N LYS B 182 19.84 -3.25 10.39
CA LYS B 182 20.53 -2.00 10.69
CA LYS B 182 20.53 -1.99 10.65
C LYS B 182 19.55 -0.82 10.73
N GLU B 183 18.50 -0.86 9.92
CA GLU B 183 17.48 0.18 9.98
C GLU B 183 16.89 0.25 11.39
N TRP B 184 16.44 -0.90 11.90
CA TRP B 184 15.82 -0.89 13.22
C TRP B 184 16.85 -0.55 14.28
N GLN B 185 18.07 -1.08 14.17
CA GLN B 185 19.11 -0.76 15.14
C GLN B 185 19.33 0.74 15.21
N ASP B 186 19.40 1.40 14.06
CA ASP B 186 19.67 2.83 14.02
C ASP B 186 18.49 3.62 14.58
N MET B 187 17.27 3.07 14.52
CA MET B 187 16.07 3.67 15.09
C MET B 187 15.90 3.34 16.56
N GLY B 188 16.82 2.60 17.14
CA GLY B 188 16.78 2.34 18.58
C GLY B 188 15.93 1.16 18.98
N VAL B 189 15.51 0.33 18.04
CA VAL B 189 14.72 -0.86 18.36
C VAL B 189 15.61 -1.85 19.09
N LEU B 190 15.07 -2.50 20.12
CA LEU B 190 15.91 -3.32 20.98
C LEU B 190 16.07 -4.75 20.52
N ASN B 191 15.07 -5.34 19.85
CA ASN B 191 15.00 -6.79 19.81
C ASN B 191 14.02 -7.25 18.74
N PHE B 192 14.21 -8.50 18.30
CA PHE B 192 13.28 -9.21 17.44
C PHE B 192 12.57 -10.32 18.22
N GLU B 193 11.25 -10.45 18.00
CA GLU B 193 10.53 -11.66 18.38
C GLU B 193 9.37 -11.82 17.42
N MET B 194 8.43 -12.74 17.72
CA MET B 194 7.47 -13.18 16.71
C MET B 194 6.00 -13.14 17.09
N GLU B 195 5.62 -12.60 18.25
CA GLU B 195 4.19 -12.57 18.62
C GLU B 195 3.69 -11.23 19.10
N SER B 196 4.56 -10.29 19.50
CA SER B 196 4.08 -9.08 20.18
C SER B 196 3.24 -8.20 19.28
N ALA B 197 3.57 -8.08 18.00
CA ALA B 197 2.78 -7.18 17.17
C ALA B 197 1.33 -7.66 17.12
N THR B 198 1.14 -8.97 16.88
CA THR B 198 -0.22 -9.51 16.81
C THR B 198 -0.90 -9.34 18.16
N LEU B 199 -0.21 -9.77 19.21
CA LEU B 199 -0.84 -9.74 20.54
C LEU B 199 -1.25 -8.33 20.95
N LEU B 200 -0.32 -7.39 20.84
CA LEU B 200 -0.57 -6.05 21.33
C LEU B 200 -1.62 -5.36 20.48
N THR B 201 -1.55 -5.52 19.15
CA THR B 201 -2.56 -4.87 18.33
C THR B 201 -3.94 -5.44 18.57
N MET B 202 -4.06 -6.76 18.61
CA MET B 202 -5.37 -7.36 18.83
C MET B 202 -5.95 -6.95 20.18
N CYS B 203 -5.13 -7.00 21.23
CA CYS B 203 -5.58 -6.63 22.57
C CYS B 203 -5.91 -5.14 22.77
N ALA B 204 -5.08 -4.26 22.20
CA ALA B 204 -5.30 -2.82 22.32
C ALA B 204 -6.51 -2.35 21.57
N SER B 205 -6.92 -3.09 20.54
CA SER B 205 -8.08 -2.74 19.73
C SER B 205 -9.33 -3.50 20.12
N SER B 206 -9.24 -4.34 21.16
CA SER B 206 -10.35 -5.23 21.51
C SER B 206 -10.75 -5.18 22.97
N GLY B 207 -10.25 -4.22 23.73
CA GLY B 207 -10.60 -4.09 25.13
C GLY B 207 -9.92 -5.08 26.04
N LEU B 208 -8.77 -5.62 25.67
CA LEU B 208 -8.02 -6.57 26.48
C LEU B 208 -6.68 -5.96 26.84
N LYS B 209 -6.18 -6.26 28.02
CA LYS B 209 -4.91 -5.69 28.48
C LYS B 209 -3.80 -6.68 28.16
N ALA B 210 -2.72 -6.23 27.52
CA ALA B 210 -1.64 -7.16 27.16
C ALA B 210 -0.28 -6.51 27.37
N GLY B 211 0.74 -7.37 27.53
CA GLY B 211 2.09 -6.90 27.50
C GLY B 211 2.99 -8.04 27.08
N CYS B 212 4.26 -7.72 26.84
CA CYS B 212 5.25 -8.72 26.42
CA CYS B 212 5.24 -8.72 26.43
C CYS B 212 6.55 -8.49 27.15
N VAL B 213 7.03 -9.51 27.85
CA VAL B 213 8.38 -9.53 28.41
C VAL B 213 9.12 -10.73 27.84
N ALA B 214 10.37 -10.54 27.42
CA ALA B 214 11.11 -11.65 26.80
C ALA B 214 12.55 -11.68 27.27
N GLY B 215 13.08 -12.90 27.42
CA GLY B 215 14.48 -13.06 27.80
C GLY B 215 15.36 -13.13 26.56
N VAL B 216 16.47 -12.41 26.60
CA VAL B 216 17.41 -12.33 25.49
C VAL B 216 18.20 -13.63 25.43
N ILE B 217 18.02 -14.39 24.34
CA ILE B 217 18.74 -15.64 24.19
C ILE B 217 19.88 -15.55 23.20
N ILE B 218 20.04 -14.41 22.55
CA ILE B 218 21.08 -14.22 21.53
C ILE B 218 21.21 -12.73 21.30
N ASN B 219 22.42 -12.29 21.00
CA ASN B 219 22.66 -10.93 20.53
C ASN B 219 23.14 -11.01 19.09
N ARG B 220 22.35 -10.39 18.20
CA ARG B 220 22.58 -10.49 16.76
C ARG B 220 23.83 -9.74 16.32
N THR B 221 24.45 -8.98 17.23
CA THR B 221 25.80 -8.50 16.98
C THR B 221 26.81 -9.64 16.90
N GLN B 222 26.55 -10.76 17.56
CA GLN B 222 27.50 -11.87 17.57
C GLN B 222 27.20 -12.89 16.49
N LYS B 223 25.94 -13.32 16.37
CA LYS B 223 25.64 -14.53 15.61
C LYS B 223 24.15 -14.56 15.33
N GLU B 224 23.72 -15.58 14.56
CA GLU B 224 22.32 -15.77 14.19
C GLU B 224 21.63 -16.91 14.90
N ILE B 225 22.34 -17.99 15.25
CA ILE B 225 21.74 -19.17 15.86
C ILE B 225 21.98 -19.07 17.38
N PRO B 226 20.93 -19.10 18.22
CA PRO B 226 21.15 -18.95 19.65
C PRO B 226 21.90 -20.14 20.25
N ASP B 227 22.73 -19.84 21.25
CA ASP B 227 23.43 -20.90 21.98
CA ASP B 227 23.44 -20.88 21.99
C ASP B 227 22.47 -21.65 22.88
N HIS B 228 22.62 -22.97 22.90
CA HIS B 228 21.74 -23.76 23.75
CA HIS B 228 21.78 -23.82 23.74
C HIS B 228 22.11 -23.63 25.22
N ALA B 229 23.37 -23.34 25.54
CA ALA B 229 23.85 -23.39 26.93
C ALA B 229 23.02 -22.51 27.85
N THR B 230 22.68 -21.31 27.41
CA THR B 230 22.09 -20.30 28.26
C THR B 230 20.57 -20.30 28.25
N LEU B 231 19.95 -21.16 27.46
CA LEU B 231 18.49 -21.10 27.30
C LEU B 231 17.77 -21.35 28.61
N LYS B 232 18.17 -22.38 29.36
CA LYS B 232 17.41 -22.77 30.53
C LYS B 232 17.43 -21.69 31.59
N GLU B 233 18.60 -21.11 31.86
CA GLU B 233 18.72 -20.09 32.89
C GLU B 233 17.92 -18.84 32.52
N THR B 234 17.97 -18.46 31.24
CA THR B 234 17.25 -17.27 30.80
C THR B 234 15.75 -17.47 30.92
N GLU B 235 15.27 -18.65 30.50
CA GLU B 235 13.86 -18.98 30.61
C GLU B 235 13.40 -18.97 32.06
N ALA B 236 14.19 -19.59 32.95
CA ALA B 236 13.84 -19.61 34.38
C ALA B 236 13.68 -18.19 34.95
N ARG B 237 14.62 -17.31 34.61
CA ARG B 237 14.50 -15.91 35.03
C ARG B 237 13.25 -15.25 34.45
N SER B 238 12.98 -15.46 33.17
CA SER B 238 11.83 -14.81 32.54
CA SER B 238 11.84 -14.79 32.56
C SER B 238 10.51 -15.24 33.17
N ILE B 239 10.39 -16.52 33.55
CA ILE B 239 9.12 -16.97 34.11
C ILE B 239 8.93 -16.49 35.55
N LYS B 240 10.02 -16.37 36.31
CA LYS B 240 9.90 -15.75 37.61
C LYS B 240 9.42 -14.31 37.46
N VAL B 241 9.95 -13.59 36.47
CA VAL B 241 9.52 -12.22 36.23
C VAL B 241 8.04 -12.17 35.87
N VAL B 242 7.59 -13.00 34.92
CA VAL B 242 6.22 -12.85 34.49
C VAL B 242 5.22 -13.22 35.56
N VAL B 243 5.53 -14.21 36.41
CA VAL B 243 4.62 -14.54 37.50
C VAL B 243 4.54 -13.38 38.50
N GLU B 244 5.67 -12.74 38.79
CA GLU B 244 5.62 -11.60 39.68
CA GLU B 244 5.64 -11.57 39.67
C GLU B 244 4.88 -10.42 39.05
N ALA B 245 4.97 -10.26 37.72
CA ALA B 245 4.16 -9.22 37.06
C ALA B 245 2.67 -9.56 37.15
N ALA B 246 2.32 -10.85 36.99
CA ALA B 246 0.93 -11.25 37.18
C ALA B 246 0.47 -10.90 38.60
N ARG B 247 1.31 -11.17 39.59
CA ARG B 247 0.97 -10.82 40.97
CA ARG B 247 0.97 -10.82 40.98
C ARG B 247 0.65 -9.33 41.09
N LYS B 248 1.46 -8.49 40.44
CA LYS B 248 1.24 -7.05 40.49
C LYS B 248 -0.05 -6.64 39.81
N MET B 249 -0.47 -7.36 38.76
CA MET B 249 -1.71 -7.05 38.07
C MET B 249 -2.94 -7.53 38.82
N LEU B 250 -2.79 -8.52 39.70
CA LEU B 250 -3.95 -9.03 40.41
C LEU B 250 -4.33 -8.13 41.57
N LYS B 251 -3.47 -7.18 41.91
CA LYS B 251 -3.62 -6.13 42.94
C LYS B 251 -2.77 -6.52 44.13
N LYS C 1 25.48 28.05 14.27
CA LYS C 1 24.90 27.72 15.56
C LYS C 1 23.55 28.39 15.70
N THR C 2 22.96 28.81 14.56
CA THR C 2 21.61 29.37 14.52
C THR C 2 20.77 28.60 13.52
N VAL C 3 19.83 27.83 14.02
CA VAL C 3 18.95 27.02 13.18
C VAL C 3 18.05 27.88 12.29
N PHE C 4 17.51 27.25 11.25
CA PHE C 4 16.93 27.99 10.12
C PHE C 4 15.59 28.65 10.48
N HIS C 5 14.74 28.00 11.28
CA HIS C 5 13.40 28.52 11.58
C HIS C 5 13.22 29.10 12.97
N LEU C 6 13.82 28.51 14.00
CA LEU C 6 13.51 28.94 15.37
C LEU C 6 14.20 30.27 15.77
N GLY C 7 15.27 30.67 15.08
CA GLY C 7 15.84 31.96 15.40
C GLY C 7 16.55 32.03 16.74
N VAL C 8 17.00 30.89 17.28
CA VAL C 8 17.76 30.86 18.53
C VAL C 8 19.06 30.10 18.28
N THR C 9 20.03 30.34 19.16
CA THR C 9 21.32 29.64 19.16
C THR C 9 21.34 28.65 20.30
N GLU C 10 22.36 27.78 20.32
CA GLU C 10 22.47 26.86 21.45
CA GLU C 10 22.48 26.86 21.45
C GLU C 10 22.73 27.62 22.74
N ALA C 11 23.57 28.66 22.68
CA ALA C 11 23.83 29.47 23.87
C ALA C 11 22.55 30.07 24.44
N ASP C 12 21.59 30.43 23.57
CA ASP C 12 20.33 31.00 24.03
C ASP C 12 19.61 30.05 24.97
N LEU C 13 19.82 28.73 24.81
CA LEU C 13 19.09 27.75 25.61
C LEU C 13 19.72 27.48 26.95
N ASN C 14 20.93 27.99 27.21
CA ASN C 14 21.52 27.96 28.56
C ASN C 14 21.66 26.54 29.09
N GLY C 15 21.98 25.60 28.21
CA GLY C 15 22.16 24.24 28.65
C GLY C 15 20.91 23.37 28.66
N ALA C 16 19.75 23.89 28.27
CA ALA C 16 18.53 23.08 28.38
C ALA C 16 18.63 21.84 27.51
N THR C 17 18.18 20.72 28.08
CA THR C 17 18.08 19.47 27.33
C THR C 17 16.64 18.97 27.28
N LEU C 18 15.70 19.76 27.78
CA LEU C 18 14.29 19.40 27.85
C LEU C 18 13.48 20.57 27.33
N ALA C 19 12.47 20.27 26.50
CA ALA C 19 11.56 21.27 25.96
C ALA C 19 10.12 20.88 26.24
N ILE C 20 9.30 21.85 26.63
CA ILE C 20 7.86 21.74 26.62
C ILE C 20 7.34 22.37 25.34
N ILE C 21 6.54 21.61 24.57
CA ILE C 21 6.15 22.00 23.21
C ILE C 21 4.64 22.05 23.08
N PRO C 22 3.99 23.17 23.42
CA PRO C 22 2.55 23.34 23.10
C PRO C 22 2.35 23.59 21.61
N GLY C 23 1.10 23.43 21.13
CA GLY C 23 0.83 23.75 19.72
C GLY C 23 0.71 25.23 19.50
N ASP C 24 0.11 25.93 20.46
CA ASP C 24 -0.32 27.31 20.27
C ASP C 24 0.78 28.25 20.75
N PRO C 25 1.27 29.15 19.88
CA PRO C 25 2.29 30.14 20.31
C PRO C 25 1.90 30.91 21.55
N ALA C 26 0.60 31.21 21.72
CA ALA C 26 0.17 32.01 22.88
C ALA C 26 0.34 31.28 24.22
N ARG C 27 0.41 29.94 24.21
CA ARG C 27 0.56 29.14 25.41
C ARG C 27 2.00 29.18 25.94
N VAL C 28 2.96 29.58 25.11
CA VAL C 28 4.36 29.45 25.49
C VAL C 28 4.66 30.30 26.73
N GLN C 29 4.33 31.60 26.66
CA GLN C 29 4.60 32.50 27.78
C GLN C 29 3.90 32.02 29.04
N LYS C 30 2.68 31.49 28.91
CA LYS C 30 1.93 31.01 30.08
C LYS C 30 2.67 29.85 30.77
N ILE C 31 3.19 28.92 29.98
CA ILE C 31 3.98 27.82 30.52
C ILE C 31 5.27 28.33 31.15
N ALA C 32 5.97 29.21 30.46
CA ALA C 32 7.26 29.66 31.00
C ALA C 32 7.07 30.39 32.31
N GLU C 33 5.96 31.12 32.44
CA GLU C 33 5.72 31.88 33.67
C GLU C 33 5.36 31.02 34.86
N LEU C 34 5.05 29.74 34.68
CA LEU C 34 4.92 28.82 35.81
C LEU C 34 6.27 28.42 36.37
N MET C 35 7.35 28.66 35.63
CA MET C 35 8.70 28.33 36.07
C MET C 35 9.41 29.59 36.55
N ASP C 36 10.70 29.45 36.84
CA ASP C 36 11.48 30.54 37.39
C ASP C 36 12.26 31.25 36.31
N ASN C 37 12.36 32.57 36.47
CA ASN C 37 13.11 33.41 35.55
C ASN C 37 12.78 33.19 34.07
N PRO C 38 11.50 33.29 33.68
CA PRO C 38 11.19 33.13 32.24
C PRO C 38 11.82 34.24 31.40
N VAL C 39 12.36 33.86 30.24
CA VAL C 39 13.01 34.79 29.30
C VAL C 39 12.46 34.52 27.90
N PHE C 40 11.92 35.56 27.28
CA PHE C 40 11.53 35.49 25.86
C PHE C 40 12.78 35.43 25.02
N LEU C 41 12.84 34.46 24.09
CA LEU C 41 13.98 34.33 23.20
C LEU C 41 13.69 34.78 21.78
N ALA C 42 12.61 34.31 21.16
CA ALA C 42 12.36 34.66 19.76
C ALA C 42 10.92 34.30 19.40
N SER C 43 10.45 34.95 18.34
CA SER C 43 9.16 34.57 17.74
C SER C 43 9.27 34.74 16.23
N HIS C 44 9.07 33.64 15.49
CA HIS C 44 9.12 33.62 14.03
C HIS C 44 8.07 32.63 13.58
N ARG C 45 7.22 33.02 12.64
CA ARG C 45 6.17 32.12 12.17
C ARG C 45 5.39 31.60 13.39
N GLU C 46 5.08 30.30 13.42
CA GLU C 46 4.33 29.70 14.53
C GLU C 46 5.20 29.33 15.72
N TYR C 47 6.47 29.73 15.72
CA TYR C 47 7.44 29.28 16.72
C TYR C 47 7.75 30.44 17.66
N THR C 48 7.13 30.43 18.85
CA THR C 48 7.46 31.34 19.93
C THR C 48 8.30 30.54 20.90
N VAL C 49 9.45 31.09 21.31
CA VAL C 49 10.46 30.36 22.09
C VAL C 49 10.80 31.13 23.36
N TYR C 50 10.67 30.47 24.52
CA TYR C 50 11.09 31.04 25.81
C TYR C 50 12.06 30.07 26.46
N ARG C 51 12.87 30.55 27.41
CA ARG C 51 13.47 29.65 28.37
C ARG C 51 13.07 30.03 29.78
N ALA C 52 13.22 29.09 30.68
CA ALA C 52 12.99 29.34 32.10
C ALA C 52 13.80 28.31 32.87
N GLU C 53 13.70 28.40 34.20
CA GLU C 53 14.45 27.54 35.09
C GLU C 53 13.49 26.74 35.95
N LEU C 54 13.78 25.45 36.08
CA LEU C 54 12.96 24.53 36.83
C LEU C 54 13.89 23.75 37.76
N ASP C 55 13.70 23.93 39.08
CA ASP C 55 14.61 23.34 40.06
C ASP C 55 16.06 23.66 39.70
N GLY C 56 16.30 24.87 39.22
CA GLY C 56 17.64 25.29 38.90
C GLY C 56 18.17 24.81 37.56
N GLN C 57 17.37 24.13 36.76
CA GLN C 57 17.81 23.67 35.46
C GLN C 57 17.06 24.39 34.35
N SER C 58 17.78 24.72 33.29
CA SER C 58 17.15 25.41 32.18
CA SER C 58 17.16 25.42 32.18
C SER C 58 16.22 24.49 31.41
N VAL C 59 15.06 25.01 31.07
CA VAL C 59 14.03 24.34 30.27
CA VAL C 59 14.12 24.32 30.21
C VAL C 59 13.67 25.28 29.12
N VAL C 60 13.40 24.73 27.95
CA VAL C 60 12.91 25.49 26.80
CA VAL C 60 12.89 25.56 26.87
C VAL C 60 11.41 25.30 26.69
N VAL C 61 10.68 26.34 26.28
CA VAL C 61 9.27 26.22 25.90
C VAL C 61 9.18 26.75 24.46
N CYS C 62 8.62 25.94 23.55
CA CYS C 62 8.62 26.31 22.14
C CYS C 62 7.35 25.79 21.52
N SER C 63 6.61 26.65 20.84
CA SER C 63 5.41 26.19 20.18
C SER C 63 5.74 25.42 18.89
N THR C 64 4.83 24.53 18.51
CA THR C 64 5.02 23.73 17.30
C THR C 64 4.18 24.19 16.12
N GLY C 65 3.12 24.99 16.34
CA GLY C 65 2.05 25.12 15.38
C GLY C 65 1.18 23.86 15.31
N ILE C 66 0.12 23.93 14.50
CA ILE C 66 -0.75 22.77 14.23
C ILE C 66 -0.10 21.87 13.19
N GLY C 67 -0.01 20.58 13.53
CA GLY C 67 0.35 19.59 12.54
C GLY C 67 1.75 19.03 12.68
N GLY C 68 1.91 17.80 12.17
CA GLY C 68 3.21 17.16 12.12
C GLY C 68 4.29 17.93 11.38
N PRO C 69 4.00 18.57 10.24
CA PRO C 69 5.10 19.27 9.53
C PRO C 69 5.76 20.38 10.35
N SER C 70 4.97 21.30 10.90
CA SER C 70 5.62 22.35 11.68
C SER C 70 6.23 21.80 12.98
N THR C 71 5.61 20.75 13.56
CA THR C 71 6.20 20.10 14.73
C THR C 71 7.56 19.52 14.41
N SER C 72 7.69 18.86 13.25
CA SER C 72 8.94 18.18 12.92
C SER C 72 10.10 19.16 12.82
N ILE C 73 9.83 20.36 12.31
CA ILE C 73 10.87 21.38 12.21
C ILE C 73 11.32 21.81 13.60
N ALA C 74 10.36 22.05 14.51
CA ALA C 74 10.67 22.53 15.85
C ALA C 74 11.50 21.48 16.59
N VAL C 75 11.10 20.22 16.51
CA VAL C 75 11.84 19.17 17.20
C VAL C 75 13.23 19.03 16.65
N GLU C 76 13.36 19.01 15.32
CA GLU C 76 14.67 18.84 14.70
C GLU C 76 15.61 19.96 15.12
N GLU C 77 15.14 21.20 15.01
CA GLU C 77 16.02 22.33 15.29
C GLU C 77 16.36 22.39 16.77
N LEU C 78 15.41 22.09 17.67
CA LEU C 78 15.76 22.00 19.10
C LEU C 78 16.75 20.87 19.37
N ALA C 79 16.59 19.71 18.69
CA ALA C 79 17.57 18.63 18.88
C ALA C 79 18.95 19.04 18.41
N GLN C 80 19.03 19.81 17.31
CA GLN C 80 20.32 20.32 16.86
C GLN C 80 20.98 21.19 17.92
N LEU C 81 20.18 21.86 18.76
CA LEU C 81 20.69 22.74 19.80
C LEU C 81 20.80 22.04 21.15
N GLY C 82 20.65 20.70 21.18
CA GLY C 82 20.97 19.90 22.34
C GLY C 82 19.79 19.38 23.12
N VAL C 83 18.56 19.67 22.69
CA VAL C 83 17.40 19.19 23.42
C VAL C 83 17.19 17.71 23.09
N ARG C 84 16.90 16.91 24.13
CA ARG C 84 16.74 15.47 23.99
C ARG C 84 15.40 14.95 24.47
N THR C 85 14.63 15.73 25.22
CA THR C 85 13.36 15.32 25.78
C THR C 85 12.31 16.36 25.43
N PHE C 86 11.15 15.91 24.94
CA PHE C 86 10.12 16.78 24.39
C PHE C 86 8.78 16.42 25.01
N LEU C 87 8.19 17.35 25.76
CA LEU C 87 6.89 17.11 26.38
C LEU C 87 5.82 17.93 25.67
N ARG C 88 4.98 17.29 24.89
CA ARG C 88 3.86 18.00 24.26
C ARG C 88 2.72 18.17 25.25
N VAL C 89 2.17 19.39 25.30
CA VAL C 89 0.95 19.65 26.05
C VAL C 89 -0.05 20.19 25.02
N GLY C 90 -1.20 19.54 24.90
CA GLY C 90 -2.13 19.80 23.81
C GLY C 90 -3.56 20.00 24.27
N THR C 91 -4.43 20.24 23.29
CA THR C 91 -5.88 20.17 23.44
C THR C 91 -6.36 19.03 22.56
N THR C 92 -7.56 18.50 22.89
CA THR C 92 -7.96 17.27 22.24
C THR C 92 -9.46 17.09 22.30
N GLY C 93 -9.98 16.31 21.34
CA GLY C 93 -11.40 15.97 21.30
C GLY C 93 -11.58 14.53 21.75
N ALA C 94 -12.30 14.30 22.85
CA ALA C 94 -12.49 12.93 23.28
C ALA C 94 -13.59 12.27 22.47
N ILE C 95 -13.46 10.97 22.23
CA ILE C 95 -14.45 10.24 21.46
C ILE C 95 -15.12 9.13 22.25
N GLN C 96 -14.75 8.93 23.52
CA GLN C 96 -15.39 7.93 24.35
C GLN C 96 -16.36 8.62 25.30
N PRO C 97 -17.51 8.01 25.56
CA PRO C 97 -18.57 8.75 26.25
C PRO C 97 -18.21 9.25 27.65
N HIS C 98 -17.35 8.57 28.39
CA HIS C 98 -17.11 9.06 29.75
C HIS C 98 -15.74 9.67 29.96
N VAL C 99 -15.15 10.18 28.88
CA VAL C 99 -13.92 10.93 28.93
C VAL C 99 -14.34 12.39 28.78
N ASN C 100 -14.42 13.09 29.89
CA ASN C 100 -15.16 14.34 29.91
C ASN C 100 -14.28 15.56 29.65
N VAL C 101 -14.94 16.66 29.22
CA VAL C 101 -14.24 17.94 29.08
C VAL C 101 -13.56 18.26 30.41
N GLY C 102 -12.29 18.67 30.31
CA GLY C 102 -11.51 18.97 31.50
C GLY C 102 -10.66 17.80 31.99
N ASP C 103 -10.94 16.57 31.55
CA ASP C 103 -10.06 15.45 31.86
C ASP C 103 -8.73 15.60 31.13
N MET C 104 -7.72 14.85 31.60
CA MET C 104 -6.40 14.76 30.97
CA MET C 104 -6.40 14.75 30.98
C MET C 104 -6.22 13.38 30.34
N ILE C 105 -5.60 13.36 29.17
CA ILE C 105 -5.28 12.12 28.46
C ILE C 105 -3.77 12.06 28.26
N VAL C 106 -3.14 10.98 28.67
CA VAL C 106 -1.73 10.74 28.38
C VAL C 106 -1.69 9.64 27.32
N THR C 107 -1.10 9.96 26.17
CA THR C 107 -1.10 9.05 25.04
C THR C 107 -0.10 7.90 25.25
N THR C 108 -0.59 6.66 25.15
CA THR C 108 0.30 5.49 25.20
C THR C 108 0.72 5.03 23.81
N GLY C 109 0.04 5.50 22.76
CA GLY C 109 0.41 5.16 21.40
C GLY C 109 -0.54 5.96 20.52
N SER C 110 -0.11 6.29 19.30
CA SER C 110 -0.95 7.05 18.40
C SER C 110 -1.27 6.25 17.13
N VAL C 111 -2.53 6.37 16.72
CA VAL C 111 -2.92 5.96 15.35
C VAL C 111 -2.33 6.99 14.40
N ARG C 112 -1.49 6.53 13.47
CA ARG C 112 -0.73 7.43 12.59
C ARG C 112 -1.59 7.80 11.38
N LEU C 113 -2.44 8.80 11.59
CA LEU C 113 -3.28 9.34 10.53
C LEU C 113 -2.69 10.61 9.92
N ASP C 114 -1.36 10.68 9.91
CA ASP C 114 -0.55 11.84 9.53
C ASP C 114 0.35 11.43 8.37
N GLY C 115 1.13 12.37 7.87
CA GLY C 115 2.09 12.07 6.83
C GLY C 115 3.51 12.15 7.33
N ALA C 116 3.81 13.06 8.27
CA ALA C 116 5.21 13.31 8.59
C ALA C 116 5.82 12.14 9.33
N SER C 117 5.01 11.32 10.05
CA SER C 117 5.60 10.18 10.72
C SER C 117 6.34 9.26 9.73
N LEU C 118 5.81 9.14 8.50
CA LEU C 118 6.37 8.32 7.44
C LEU C 118 7.67 8.90 6.91
N HIS C 119 8.00 10.14 7.26
CA HIS C 119 9.29 10.68 6.88
C HIS C 119 10.39 10.28 7.85
N PHE C 120 10.04 9.54 8.92
CA PHE C 120 10.99 9.05 9.90
C PHE C 120 11.01 7.54 10.03
N ALA C 121 9.88 6.87 9.82
CA ALA C 121 9.82 5.43 9.97
C ALA C 121 8.65 4.93 9.15
N PRO C 122 8.76 3.73 8.59
CA PRO C 122 7.63 3.15 7.83
C PRO C 122 6.43 2.95 8.77
N MET C 123 5.25 2.77 8.16
CA MET C 123 3.99 2.73 8.89
C MET C 123 3.99 1.67 10.00
N GLU C 124 4.71 0.54 9.81
CA GLU C 124 4.75 -0.55 10.77
CA GLU C 124 4.66 -0.51 10.80
C GLU C 124 5.31 -0.10 12.11
N PHE C 125 6.10 0.96 12.14
CA PHE C 125 6.77 1.38 13.36
C PHE C 125 5.76 2.01 14.33
N PRO C 126 5.84 1.69 15.64
CA PRO C 126 4.82 2.21 16.56
C PRO C 126 5.05 3.68 16.93
N ALA C 127 4.00 4.48 16.85
CA ALA C 127 4.08 5.87 17.36
C ALA C 127 3.84 5.82 18.88
N VAL C 128 4.92 5.54 19.61
CA VAL C 128 4.92 5.24 21.04
CA VAL C 128 4.83 5.33 21.05
C VAL C 128 5.70 6.32 21.80
N PRO C 129 5.25 6.75 22.99
CA PRO C 129 6.05 7.67 23.79
C PRO C 129 7.18 6.91 24.49
N ASP C 130 8.19 7.69 24.84
CA ASP C 130 9.18 7.21 25.79
C ASP C 130 8.48 6.81 27.09
N PHE C 131 8.88 5.63 27.63
CA PHE C 131 8.19 5.07 28.79
C PHE C 131 8.38 5.94 30.02
N ASP C 132 9.57 6.52 30.18
CA ASP C 132 9.81 7.42 31.31
C ASP C 132 8.96 8.67 31.21
N VAL C 133 8.83 9.24 30.00
CA VAL C 133 7.97 10.41 29.85
C VAL C 133 6.51 10.07 30.15
N ALA C 134 6.02 8.96 29.58
CA ALA C 134 4.62 8.61 29.83
C ALA C 134 4.38 8.38 31.33
N THR C 135 5.35 7.75 31.98
CA THR C 135 5.28 7.52 33.44
C THR C 135 5.25 8.83 34.21
N ALA C 136 6.11 9.78 33.82
CA ALA C 136 6.12 11.08 34.49
C ALA C 136 4.83 11.85 34.22
N MET C 137 4.30 11.79 32.99
CA MET C 137 3.04 12.48 32.70
C MET C 137 1.87 11.90 33.50
N LYS C 138 1.80 10.56 33.58
CA LYS C 138 0.73 9.93 34.34
C LYS C 138 0.82 10.37 35.79
N ALA C 139 2.02 10.34 36.35
CA ALA C 139 2.20 10.68 37.78
C ALA C 139 1.83 12.14 38.03
N ALA C 140 2.30 13.06 37.18
CA ALA C 140 2.00 14.46 37.35
C ALA C 140 0.51 14.68 37.22
N ALA C 141 -0.11 14.03 36.21
CA ALA C 141 -1.55 14.22 36.03
C ALA C 141 -2.33 13.68 37.23
N GLN C 142 -2.02 12.46 37.69
CA GLN C 142 -2.80 11.92 38.80
C GLN C 142 -2.55 12.71 40.07
N GLU C 143 -1.30 13.12 40.32
CA GLU C 143 -1.00 13.84 41.58
C GLU C 143 -1.71 15.20 41.59
N SER C 144 -2.05 15.74 40.42
CA SER C 144 -2.71 17.03 40.40
C SER C 144 -4.15 16.94 40.87
N GLY C 145 -4.68 15.71 41.00
CA GLY C 145 -6.08 15.49 41.29
C GLY C 145 -6.97 15.47 40.07
N ALA C 146 -6.40 15.60 38.87
CA ALA C 146 -7.21 15.54 37.66
C ALA C 146 -7.71 14.12 37.45
N THR C 147 -8.74 14.00 36.62
CA THR C 147 -9.21 12.72 36.11
C THR C 147 -8.39 12.42 34.86
N VAL C 148 -7.64 11.31 34.90
CA VAL C 148 -6.61 11.00 33.89
C VAL C 148 -6.96 9.69 33.19
N HIS C 149 -6.74 9.65 31.87
CA HIS C 149 -6.90 8.42 31.09
C HIS C 149 -5.63 8.15 30.33
N MET C 150 -5.16 6.90 30.37
CA MET C 150 -4.05 6.44 29.55
C MET C 150 -4.62 5.66 28.37
N GLY C 151 -4.15 5.94 27.15
CA GLY C 151 -4.61 5.10 26.07
C GLY C 151 -4.19 5.63 24.72
N VAL C 152 -4.79 5.05 23.70
CA VAL C 152 -4.43 5.34 22.32
C VAL C 152 -5.15 6.59 21.84
N THR C 153 -4.42 7.42 21.07
CA THR C 153 -4.89 8.67 20.49
C THR C 153 -4.84 8.55 18.96
N ALA C 154 -5.92 8.98 18.30
CA ALA C 154 -5.90 9.05 16.84
C ALA C 154 -5.34 10.42 16.42
N SER C 155 -4.21 10.44 15.68
CA SER C 155 -3.48 11.66 15.41
C SER C 155 -3.61 11.96 13.92
N SER C 156 -4.37 12.99 13.60
CA SER C 156 -4.82 13.27 12.25
C SER C 156 -4.14 14.51 11.64
N ASP C 157 -3.81 14.39 10.35
CA ASP C 157 -3.34 15.56 9.59
C ASP C 157 -4.42 16.56 9.24
N THR C 158 -5.70 16.27 9.54
CA THR C 158 -6.75 17.28 9.38
C THR C 158 -7.61 17.38 10.63
N PHE C 159 -8.22 18.54 10.81
CA PHE C 159 -9.20 18.74 11.87
C PHE C 159 -10.56 18.27 11.41
N TYR C 160 -10.82 18.32 10.10
CA TYR C 160 -12.17 18.10 9.59
C TYR C 160 -12.35 16.68 9.06
N PRO C 161 -11.95 16.31 7.83
CA PRO C 161 -12.34 14.96 7.37
C PRO C 161 -11.66 13.83 8.13
N GLY C 162 -10.40 13.99 8.53
CA GLY C 162 -9.65 12.98 9.26
C GLY C 162 -10.16 12.77 10.67
N GLN C 163 -11.03 13.67 11.16
CA GLN C 163 -11.74 13.44 12.43
C GLN C 163 -13.22 13.15 12.16
N GLU C 164 -13.53 12.80 10.90
CA GLU C 164 -14.89 12.51 10.45
C GLU C 164 -15.91 13.56 10.88
N ARG C 165 -15.53 14.84 10.68
CA ARG C 165 -16.47 15.95 10.78
C ARG C 165 -17.21 16.14 9.45
N TYR C 166 -18.55 16.27 9.52
CA TYR C 166 -19.39 16.50 8.34
C TYR C 166 -19.93 17.92 8.25
N ASP C 167 -19.77 18.74 9.30
CA ASP C 167 -20.31 20.11 9.32
CA ASP C 167 -20.27 20.11 9.37
C ASP C 167 -19.30 21.03 8.63
N THR C 168 -19.20 20.85 7.31
CA THR C 168 -18.11 21.44 6.53
C THR C 168 -18.65 22.00 5.22
N PHE C 169 -17.75 22.68 4.51
CA PHE C 169 -18.12 23.27 3.22
C PHE C 169 -18.69 22.23 2.26
N THR C 170 -18.04 21.08 2.11
CA THR C 170 -18.58 20.08 1.19
C THR C 170 -19.54 19.12 1.87
N GLY C 171 -19.41 18.93 3.19
CA GLY C 171 -20.24 17.96 3.87
C GLY C 171 -19.90 16.52 3.56
N ARG C 172 -18.75 16.28 2.92
CA ARG C 172 -18.28 14.96 2.50
CA ARG C 172 -18.34 14.92 2.58
C ARG C 172 -17.03 14.57 3.26
N VAL C 173 -16.83 13.27 3.43
CA VAL C 173 -15.58 12.73 3.94
C VAL C 173 -15.11 11.62 2.99
N VAL C 174 -13.85 11.67 2.57
CA VAL C 174 -13.29 10.71 1.63
C VAL C 174 -13.44 9.28 2.18
N ARG C 175 -13.55 8.32 1.27
CA ARG C 175 -13.81 6.93 1.62
CA ARG C 175 -13.78 6.91 1.60
C ARG C 175 -12.95 6.44 2.79
N ARG C 176 -11.63 6.72 2.76
CA ARG C 176 -10.73 6.26 3.81
C ARG C 176 -11.27 6.57 5.20
N PHE C 177 -11.90 7.74 5.38
CA PHE C 177 -12.29 8.20 6.72
C PHE C 177 -13.78 8.00 7.01
N GLN C 178 -14.56 7.53 6.04
CA GLN C 178 -15.96 7.21 6.30
C GLN C 178 -16.06 6.07 7.32
N GLY C 179 -16.83 6.30 8.38
CA GLY C 179 -16.98 5.35 9.45
C GLY C 179 -15.81 5.29 10.40
N SER C 180 -14.83 6.14 10.24
CA SER C 180 -13.60 5.99 11.00
C SER C 180 -13.77 6.37 12.46
N MET C 181 -14.64 7.34 12.79
CA MET C 181 -14.73 7.66 14.19
C MET C 181 -15.31 6.49 14.98
N LYS C 182 -16.37 5.84 14.46
CA LYS C 182 -16.94 4.67 15.11
C LYS C 182 -15.94 3.53 15.16
N GLU C 183 -15.15 3.36 14.10
CA GLU C 183 -14.08 2.37 14.11
C GLU C 183 -13.12 2.60 15.28
N TRP C 184 -12.65 3.83 15.44
CA TRP C 184 -11.73 4.08 16.54
C TRP C 184 -12.44 3.96 17.88
N GLN C 185 -13.68 4.44 17.97
CA GLN C 185 -14.40 4.29 19.23
C GLN C 185 -14.48 2.84 19.64
N ASP C 186 -14.81 1.95 18.70
CA ASP C 186 -14.99 0.55 19.03
C ASP C 186 -13.66 -0.11 19.37
N MET C 187 -12.55 0.42 18.85
CA MET C 187 -11.21 -0.01 19.19
C MET C 187 -10.67 0.57 20.46
N GLY C 188 -11.44 1.39 21.18
CA GLY C 188 -11.02 1.90 22.48
C GLY C 188 -10.17 3.15 22.40
N VAL C 189 -10.03 3.76 21.22
CA VAL C 189 -9.23 4.98 21.08
C VAL C 189 -9.91 6.11 21.85
N LEU C 190 -9.12 6.91 22.56
CA LEU C 190 -9.70 7.86 23.49
C LEU C 190 -10.04 9.19 22.86
N ASN C 191 -9.27 9.63 21.85
CA ASN C 191 -9.30 11.04 21.49
C ASN C 191 -8.64 11.27 20.12
N PHE C 192 -8.97 12.43 19.53
CA PHE C 192 -8.29 12.95 18.36
C PHE C 192 -7.41 14.16 18.73
N GLU C 193 -6.23 14.22 18.13
CA GLU C 193 -5.43 15.44 18.05
C GLU C 193 -4.60 15.40 16.78
N MET C 194 -3.64 16.33 16.65
CA MET C 194 -3.03 16.56 15.35
C MET C 194 -1.51 16.57 15.31
N GLU C 195 -0.80 16.23 16.41
CA GLU C 195 0.67 16.24 16.39
C GLU C 195 1.34 15.00 16.94
N SER C 196 0.65 14.20 17.76
CA SER C 196 1.34 13.12 18.49
C SER C 196 1.92 12.06 17.57
N ALA C 197 1.27 11.70 16.45
CA ALA C 197 1.86 10.63 15.62
C ALA C 197 3.22 11.07 15.10
N THR C 198 3.30 12.29 14.57
CA THR C 198 4.58 12.75 14.06
C THR C 198 5.60 12.84 15.20
N LEU C 199 5.23 13.53 16.29
CA LEU C 199 6.16 13.71 17.40
C LEU C 199 6.68 12.37 17.93
N LEU C 200 5.76 11.45 18.24
CA LEU C 200 6.21 10.22 18.89
C LEU C 200 7.01 9.34 17.92
N THR C 201 6.60 9.25 16.65
CA THR C 201 7.37 8.42 15.73
C THR C 201 8.75 9.01 15.49
N MET C 202 8.79 10.31 15.24
CA MET C 202 10.08 10.94 15.00
CA MET C 202 10.07 10.97 15.01
C MET C 202 11.02 10.74 16.19
N CYS C 203 10.53 10.99 17.42
CA CYS C 203 11.44 10.87 18.56
C CYS C 203 11.82 9.41 18.85
N ALA C 204 10.86 8.48 18.79
CA ALA C 204 11.15 7.11 19.14
C ALA C 204 12.10 6.47 18.15
N SER C 205 12.19 7.02 16.94
CA SER C 205 13.11 6.49 15.93
C SER C 205 14.38 7.29 15.78
N SER C 206 14.55 8.34 16.62
CA SER C 206 15.67 9.27 16.48
C SER C 206 16.46 9.45 17.77
N GLY C 207 16.21 8.65 18.81
CA GLY C 207 16.99 8.79 20.02
C GLY C 207 16.59 9.94 20.91
N LEU C 208 15.34 10.39 20.80
CA LEU C 208 14.80 11.48 21.59
C LEU C 208 13.64 10.94 22.43
N LYS C 209 13.46 11.50 23.62
CA LYS C 209 12.40 11.07 24.52
C LYS C 209 11.20 11.97 24.35
N ALA C 210 10.02 11.41 24.12
CA ALA C 210 8.84 12.26 23.92
C ALA C 210 7.58 11.67 24.55
N GLY C 211 6.62 12.55 24.87
CA GLY C 211 5.30 12.12 25.28
C GLY C 211 4.30 13.24 25.02
N CYS C 212 3.01 12.91 25.14
CA CYS C 212 1.93 13.85 24.89
CA CYS C 212 1.93 13.86 24.92
C CYS C 212 0.91 13.73 26.02
N VAL C 213 0.59 14.85 26.64
CA VAL C 213 -0.56 14.96 27.51
C VAL C 213 -1.46 16.07 26.98
N ALA C 214 -2.77 15.87 27.05
CA ALA C 214 -3.69 16.83 26.47
C ALA C 214 -4.92 16.96 27.33
N GLY C 215 -5.44 18.20 27.37
CA GLY C 215 -6.68 18.46 28.06
C GLY C 215 -7.85 18.38 27.09
N VAL C 216 -8.92 17.69 27.54
CA VAL C 216 -10.09 17.46 26.72
C VAL C 216 -10.92 18.73 26.66
N ILE C 217 -11.06 19.33 25.46
CA ILE C 217 -11.85 20.54 25.26
C ILE C 217 -13.19 20.29 24.56
N ILE C 218 -13.41 19.09 24.02
CA ILE C 218 -14.70 18.76 23.44
C ILE C 218 -14.85 17.25 23.53
N ASN C 219 -16.10 16.78 23.70
CA ASN C 219 -16.40 15.36 23.62
C ASN C 219 -17.37 15.17 22.46
N ARG C 220 -16.91 14.46 21.43
CA ARG C 220 -17.65 14.27 20.19
C ARG C 220 -18.97 13.51 20.38
N THR C 221 -19.20 12.90 21.56
CA THR C 221 -20.41 12.14 21.83
C THR C 221 -21.38 12.87 22.74
N GLN C 222 -21.00 14.01 23.31
CA GLN C 222 -21.83 14.73 24.25
C GLN C 222 -22.39 15.95 23.56
N LYS C 223 -23.66 16.24 23.83
CA LYS C 223 -24.31 17.39 23.23
C LYS C 223 -24.16 18.66 24.08
N GLU C 224 -23.84 18.52 25.37
CA GLU C 224 -23.66 19.68 26.23
C GLU C 224 -22.43 20.48 25.80
N ILE C 225 -22.57 21.80 25.73
CA ILE C 225 -21.47 22.68 25.39
C ILE C 225 -20.73 23.03 26.68
N PRO C 226 -19.41 22.85 26.75
CA PRO C 226 -18.68 23.29 27.94
C PRO C 226 -18.63 24.81 28.02
N ASP C 227 -18.55 25.31 29.25
CA ASP C 227 -18.48 26.75 29.49
C ASP C 227 -17.10 27.30 29.11
N HIS C 228 -17.04 28.61 28.89
CA HIS C 228 -15.74 29.28 28.78
C HIS C 228 -14.95 29.08 30.07
N ALA C 229 -15.66 29.06 31.21
CA ALA C 229 -15.01 28.85 32.49
C ALA C 229 -14.28 27.51 32.53
N THR C 230 -14.99 26.44 32.17
CA THR C 230 -14.40 25.10 32.22
C THR C 230 -13.20 24.97 31.28
N LEU C 231 -13.25 25.62 30.12
CA LEU C 231 -12.15 25.50 29.16
C LEU C 231 -10.89 26.21 29.65
N LYS C 232 -11.04 27.38 30.29
CA LYS C 232 -9.88 28.08 30.82
C LYS C 232 -9.21 27.28 31.94
N GLU C 233 -10.02 26.73 32.85
CA GLU C 233 -9.47 25.85 33.89
C GLU C 233 -8.77 24.65 33.26
N THR C 234 -9.32 24.10 32.18
CA THR C 234 -8.71 22.91 31.59
C THR C 234 -7.31 23.24 31.10
N GLU C 235 -7.17 24.39 30.43
CA GLU C 235 -5.86 24.78 29.92
CA GLU C 235 -5.85 24.77 29.92
C GLU C 235 -4.87 24.99 31.06
N ALA C 236 -5.31 25.74 32.11
CA ALA C 236 -4.46 25.97 33.27
C ALA C 236 -4.00 24.66 33.90
N ARG C 237 -4.91 23.70 34.04
CA ARG C 237 -4.56 22.40 34.61
CA ARG C 237 -4.51 22.43 34.64
C ARG C 237 -3.54 21.68 33.75
N SER C 238 -3.75 21.70 32.42
CA SER C 238 -2.86 21.00 31.50
CA SER C 238 -2.86 20.97 31.52
C SER C 238 -1.44 21.50 31.61
N ILE C 239 -1.25 22.83 31.69
CA ILE C 239 0.11 23.34 31.77
C ILE C 239 0.77 23.13 33.13
N LYS C 240 0.02 23.19 34.23
CA LYS C 240 0.62 22.81 35.50
CA LYS C 240 0.57 22.79 35.52
C LYS C 240 1.05 21.34 35.47
N VAL C 241 0.25 20.46 34.87
CA VAL C 241 0.62 19.06 34.79
C VAL C 241 1.89 18.87 33.98
N VAL C 242 1.98 19.51 32.82
CA VAL C 242 3.18 19.28 31.98
C VAL C 242 4.43 19.84 32.65
N VAL C 243 4.32 20.97 33.39
CA VAL C 243 5.49 21.46 34.09
C VAL C 243 5.94 20.47 35.18
N GLU C 244 4.99 19.90 35.92
CA GLU C 244 5.34 18.90 36.93
C GLU C 244 5.92 17.66 36.28
N ALA C 245 5.41 17.26 35.11
CA ALA C 245 6.01 16.14 34.38
C ALA C 245 7.45 16.46 34.00
N ALA C 246 7.70 17.69 33.58
CA ALA C 246 9.06 18.11 33.29
C ALA C 246 9.96 18.00 34.53
N ARG C 247 9.45 18.45 35.70
CA ARG C 247 10.22 18.33 36.93
CA ARG C 247 10.23 18.34 36.92
C ARG C 247 10.62 16.89 37.17
N LYS C 248 9.70 15.97 36.88
CA LYS C 248 9.99 14.55 37.10
C LYS C 248 11.06 14.04 36.13
N MET C 249 11.14 14.59 34.92
CA MET C 249 12.12 14.13 33.95
C MET C 249 13.52 14.65 34.23
N LEU C 250 13.65 15.72 35.02
CA LEU C 250 14.98 16.21 35.36
C LEU C 250 15.49 15.30 36.47
N LYS C 251 16.57 14.59 36.21
CA LYS C 251 17.13 13.55 37.10
C LYS C 251 16.54 13.38 38.54
N LYS D 1 -21.15 30.60 12.58
CA LYS D 1 -21.05 32.06 12.44
C LYS D 1 -19.60 32.50 12.42
N THR D 2 -18.89 32.10 13.48
CA THR D 2 -17.47 32.37 13.68
C THR D 2 -16.75 31.03 13.66
N VAL D 3 -16.01 30.78 12.57
CA VAL D 3 -15.28 29.53 12.38
C VAL D 3 -14.38 29.26 13.58
N PHE D 4 -13.96 28.01 13.72
CA PHE D 4 -13.36 27.55 14.97
C PHE D 4 -11.97 28.14 15.21
N HIS D 5 -11.13 28.23 14.18
CA HIS D 5 -9.75 28.68 14.36
C HIS D 5 -9.47 30.09 13.88
N LEU D 6 -10.07 30.53 12.78
CA LEU D 6 -9.63 31.81 12.22
C LEU D 6 -10.15 33.02 12.98
N GLY D 7 -11.22 32.85 13.75
CA GLY D 7 -11.70 33.97 14.54
C GLY D 7 -12.33 35.11 13.77
N VAL D 8 -12.88 34.85 12.58
CA VAL D 8 -13.56 35.86 11.78
C VAL D 8 -14.94 35.32 11.40
N THR D 9 -15.84 36.23 11.02
CA THR D 9 -17.18 35.89 10.56
C THR D 9 -17.29 36.13 9.06
N GLU D 10 -18.37 35.64 8.47
CA GLU D 10 -18.58 35.89 7.05
C GLU D 10 -18.68 37.37 6.76
N ALA D 11 -19.32 38.12 7.67
CA ALA D 11 -19.50 39.56 7.45
C ALA D 11 -18.17 40.28 7.49
N ASP D 12 -17.22 39.81 8.33
CA ASP D 12 -15.90 40.41 8.36
C ASP D 12 -15.22 40.41 7.01
N LEU D 13 -15.52 39.42 6.14
CA LEU D 13 -14.82 39.34 4.86
C LEU D 13 -15.40 40.26 3.78
N ASN D 14 -16.52 40.94 4.07
CA ASN D 14 -17.07 41.95 3.16
CA ASN D 14 -17.09 41.94 3.16
C ASN D 14 -17.36 41.39 1.76
N GLY D 15 -17.78 40.11 1.69
CA GLY D 15 -18.11 39.49 0.43
C GLY D 15 -16.95 38.89 -0.34
N ALA D 16 -15.74 38.84 0.24
CA ALA D 16 -14.61 38.27 -0.49
C ALA D 16 -14.88 36.83 -0.91
N THR D 17 -14.53 36.51 -2.15
CA THR D 17 -14.53 35.11 -2.59
C THR D 17 -13.14 34.63 -2.98
N LEU D 18 -12.12 35.45 -2.86
CA LEU D 18 -10.76 35.08 -3.21
C LEU D 18 -9.87 35.37 -2.02
N ALA D 19 -8.99 34.42 -1.73
CA ALA D 19 -8.01 34.57 -0.66
C ALA D 19 -6.61 34.36 -1.20
N ILE D 20 -5.68 35.16 -0.72
CA ILE D 20 -4.26 34.97 -0.90
C ILE D 20 -3.73 34.37 0.39
N ILE D 21 -3.07 33.22 0.27
CA ILE D 21 -2.71 32.42 1.45
C ILE D 21 -1.21 32.16 1.53
N PRO D 22 -0.42 33.06 2.10
CA PRO D 22 1.00 32.77 2.35
C PRO D 22 1.15 31.83 3.53
N GLY D 23 2.32 31.19 3.63
CA GLY D 23 2.58 30.33 4.79
C GLY D 23 2.87 31.12 6.05
N ASP D 24 3.64 32.20 5.90
CA ASP D 24 4.21 32.92 7.03
C ASP D 24 3.24 34.03 7.48
N PRO D 25 2.80 34.04 8.74
CA PRO D 25 1.88 35.10 9.21
C PRO D 25 2.38 36.52 9.00
N ALA D 26 3.70 36.72 9.04
CA ALA D 26 4.29 38.05 8.84
C ALA D 26 4.11 38.53 7.41
N ARG D 27 3.88 37.63 6.46
CA ARG D 27 3.71 38.08 5.09
C ARG D 27 2.31 38.64 4.82
N VAL D 28 1.34 38.34 5.67
CA VAL D 28 -0.05 38.73 5.41
C VAL D 28 -0.18 40.24 5.25
N GLN D 29 0.31 41.01 6.23
CA GLN D 29 0.17 42.46 6.17
C GLN D 29 0.87 43.02 4.95
N LYS D 30 2.02 42.43 4.60
CA LYS D 30 2.77 42.91 3.42
C LYS D 30 1.95 42.75 2.15
N ILE D 31 1.26 41.62 2.01
CA ILE D 31 0.40 41.41 0.85
C ILE D 31 -0.77 42.39 0.88
N ALA D 32 -1.45 42.52 2.02
CA ALA D 32 -2.64 43.37 2.10
C ALA D 32 -2.29 44.81 1.77
N GLU D 33 -1.05 45.21 2.04
CA GLU D 33 -0.64 46.60 1.81
C GLU D 33 -0.31 46.90 0.37
N LEU D 34 -0.28 45.89 -0.50
CA LEU D 34 -0.24 46.15 -1.93
C LEU D 34 -1.61 46.41 -2.49
N MET D 35 -2.64 46.29 -1.69
CA MET D 35 -4.02 46.46 -2.10
C MET D 35 -4.58 47.70 -1.41
N ASP D 36 -5.87 47.95 -1.60
CA ASP D 36 -6.51 49.14 -1.08
C ASP D 36 -7.19 48.86 0.26
N ASN D 37 -7.16 49.83 1.16
CA ASN D 37 -7.87 49.74 2.43
C ASN D 37 -7.59 48.45 3.21
N PRO D 38 -6.33 48.11 3.44
CA PRO D 38 -6.04 46.89 4.21
C PRO D 38 -6.47 47.06 5.66
N VAL D 39 -7.14 46.06 6.21
CA VAL D 39 -7.58 46.11 7.61
C VAL D 39 -7.26 44.76 8.24
N PHE D 40 -6.62 44.80 9.39
CA PHE D 40 -6.40 43.61 10.21
C PHE D 40 -7.73 43.09 10.74
N LEU D 41 -7.94 41.78 10.63
CA LEU D 41 -9.17 41.19 11.16
C LEU D 41 -8.92 40.34 12.39
N ALA D 42 -7.88 39.50 12.39
CA ALA D 42 -7.68 38.62 13.53
C ALA D 42 -6.30 37.99 13.46
N SER D 43 -5.82 37.57 14.61
CA SER D 43 -4.64 36.71 14.67
C SER D 43 -4.83 35.70 15.78
N HIS D 44 -4.82 34.41 15.43
CA HIS D 44 -4.92 33.31 16.38
C HIS D 44 -3.98 32.25 15.88
N ARG D 45 -3.12 31.73 16.76
CA ARG D 45 -2.17 30.70 16.34
C ARG D 45 -1.40 31.18 15.11
N GLU D 46 -1.20 30.30 14.12
CA GLU D 46 -0.48 30.67 12.91
C GLU D 46 -1.32 31.44 11.91
N TYR D 47 -2.55 31.79 12.26
CA TYR D 47 -3.52 32.38 11.34
C TYR D 47 -3.66 33.88 11.56
N THR D 48 -3.02 34.67 10.70
CA THR D 48 -3.22 36.12 10.68
C THR D 48 -4.05 36.44 9.46
N VAL D 49 -5.11 37.23 9.66
CA VAL D 49 -6.16 37.44 8.67
C VAL D 49 -6.33 38.95 8.48
N TYR D 50 -6.21 39.39 7.23
CA TYR D 50 -6.49 40.78 6.82
C TYR D 50 -7.55 40.75 5.73
N ARG D 51 -8.24 41.86 5.53
CA ARG D 51 -9.02 42.06 4.33
C ARG D 51 -8.49 43.32 3.64
N ALA D 52 -8.62 43.32 2.32
CA ALA D 52 -8.29 44.50 1.51
C ALA D 52 -9.22 44.51 0.31
N GLU D 53 -9.01 45.48 -0.58
CA GLU D 53 -9.83 45.66 -1.77
C GLU D 53 -8.91 45.77 -2.97
N LEU D 54 -9.30 45.08 -4.04
CA LEU D 54 -8.52 44.99 -5.26
C LEU D 54 -9.49 45.31 -6.38
N ASP D 55 -9.27 46.43 -7.07
CA ASP D 55 -10.18 46.85 -8.13
C ASP D 55 -11.62 46.87 -7.63
N GLY D 56 -11.80 47.31 -6.39
CA GLY D 56 -13.13 47.43 -5.84
C GLY D 56 -13.75 46.16 -5.30
N GLN D 57 -13.04 45.04 -5.32
CA GLN D 57 -13.56 43.78 -4.79
C GLN D 57 -12.80 43.39 -3.53
N SER D 58 -13.53 42.91 -2.52
CA SER D 58 -12.89 42.47 -1.30
C SER D 58 -12.06 41.21 -1.54
N VAL D 59 -10.88 41.18 -0.94
CA VAL D 59 -9.97 40.04 -0.97
C VAL D 59 -9.53 39.78 0.45
N VAL D 60 -9.40 38.52 0.82
CA VAL D 60 -8.93 38.08 2.14
CA VAL D 60 -8.91 38.16 2.13
C VAL D 60 -7.48 37.66 1.99
N VAL D 61 -6.64 37.97 2.96
CA VAL D 61 -5.28 37.46 3.04
C VAL D 61 -5.16 36.72 4.36
N CYS D 62 -4.76 35.46 4.32
CA CYS D 62 -4.75 34.64 5.53
C CYS D 62 -3.56 33.70 5.49
N SER D 63 -2.74 33.71 6.52
CA SER D 63 -1.65 32.76 6.55
C SER D 63 -2.14 31.35 6.86
N THR D 64 -1.35 30.37 6.43
CA THR D 64 -1.68 28.96 6.62
C THR D 64 -0.83 28.29 7.67
N GLY D 65 0.29 28.88 8.07
CA GLY D 65 1.32 28.14 8.77
C GLY D 65 2.06 27.18 7.84
N ILE D 66 3.08 26.53 8.40
CA ILE D 66 3.82 25.50 7.66
C ILE D 66 3.05 24.18 7.68
N GLY D 67 2.83 23.61 6.49
CA GLY D 67 2.39 22.24 6.35
C GLY D 67 0.92 22.12 5.95
N GLY D 68 0.61 20.97 5.34
CA GLY D 68 -0.76 20.66 4.98
C GLY D 68 -1.78 20.74 6.09
N PRO D 69 -1.49 20.21 7.30
CA PRO D 69 -2.55 20.23 8.35
C PRO D 69 -3.07 21.63 8.66
N SER D 70 -2.16 22.59 8.97
CA SER D 70 -2.66 23.93 9.27
C SER D 70 -3.26 24.59 8.02
N THR D 71 -2.70 24.31 6.83
CA THR D 71 -3.29 24.82 5.60
C THR D 71 -4.72 24.34 5.43
N SER D 72 -4.96 23.04 5.68
CA SER D 72 -6.30 22.49 5.45
C SER D 72 -7.35 23.14 6.33
N ILE D 73 -6.98 23.51 7.58
CA ILE D 73 -7.90 24.23 8.45
C ILE D 73 -8.25 25.59 7.87
N ALA D 74 -7.22 26.34 7.44
CA ALA D 74 -7.51 27.68 6.92
C ALA D 74 -8.40 27.61 5.68
N VAL D 75 -8.11 26.70 4.75
CA VAL D 75 -8.88 26.65 3.52
C VAL D 75 -10.33 26.29 3.84
N GLU D 76 -10.53 25.26 4.68
CA GLU D 76 -11.88 24.84 5.01
C GLU D 76 -12.68 25.97 5.64
N GLU D 77 -12.08 26.67 6.60
CA GLU D 77 -12.83 27.69 7.32
C GLU D 77 -13.10 28.91 6.42
N LEU D 78 -12.13 29.26 5.55
CA LEU D 78 -12.40 30.31 4.60
C LEU D 78 -13.52 29.90 3.64
N ALA D 79 -13.54 28.63 3.20
CA ALA D 79 -14.59 28.17 2.30
C ALA D 79 -15.96 28.24 2.98
N GLN D 80 -16.03 27.88 4.28
CA GLN D 80 -17.27 28.05 5.02
C GLN D 80 -17.76 29.48 4.99
N LEU D 81 -16.84 30.43 4.90
CA LEU D 81 -17.18 31.84 4.90
C LEU D 81 -17.30 32.42 3.50
N GLY D 82 -17.36 31.58 2.47
CA GLY D 82 -17.69 31.96 1.11
C GLY D 82 -16.52 32.09 0.16
N VAL D 83 -15.28 31.84 0.62
CA VAL D 83 -14.13 31.91 -0.27
C VAL D 83 -14.11 30.70 -1.20
N ARG D 84 -13.86 30.94 -2.48
CA ARG D 84 -13.87 29.87 -3.48
C ARG D 84 -12.56 29.76 -4.25
N THR D 85 -11.70 30.78 -4.20
CA THR D 85 -10.46 30.79 -4.95
C THR D 85 -9.33 31.08 -3.99
N PHE D 86 -8.23 30.32 -4.06
CA PHE D 86 -7.13 30.33 -3.10
C PHE D 86 -5.81 30.44 -3.85
N LEU D 87 -5.08 31.54 -3.65
CA LEU D 87 -3.77 31.75 -4.29
C LEU D 87 -2.66 31.62 -3.24
N ARG D 88 -1.94 30.50 -3.23
CA ARG D 88 -0.77 30.38 -2.34
C ARG D 88 0.44 31.12 -2.93
N VAL D 89 1.10 31.92 -2.09
CA VAL D 89 2.41 32.50 -2.41
C VAL D 89 3.38 31.98 -1.35
N GLY D 90 4.45 31.32 -1.78
CA GLY D 90 5.34 30.61 -0.87
C GLY D 90 6.82 30.91 -1.11
N THR D 91 7.66 30.22 -0.35
CA THR D 91 9.09 30.14 -0.58
C THR D 91 9.43 28.68 -0.93
N THR D 92 10.57 28.49 -1.59
CA THR D 92 10.82 27.14 -2.11
C THR D 92 12.31 26.93 -2.33
N GLY D 93 12.72 25.65 -2.30
CA GLY D 93 14.06 25.29 -2.69
C GLY D 93 14.05 24.66 -4.06
N ALA D 94 14.84 25.21 -4.96
CA ALA D 94 14.94 24.63 -6.30
C ALA D 94 15.93 23.46 -6.29
N ILE D 95 15.64 22.48 -7.15
CA ILE D 95 16.49 21.30 -7.25
C ILE D 95 17.08 21.11 -8.63
N GLN D 96 16.78 21.99 -9.56
CA GLN D 96 17.36 21.99 -10.90
C GLN D 96 18.44 23.07 -11.01
N PRO D 97 19.55 22.73 -11.68
CA PRO D 97 20.76 23.56 -11.56
C PRO D 97 20.59 24.98 -12.08
N HIS D 98 19.67 25.24 -13.01
CA HIS D 98 19.57 26.59 -13.55
C HIS D 98 18.26 27.30 -13.19
N VAL D 99 17.61 26.84 -12.13
CA VAL D 99 16.47 27.53 -11.55
C VAL D 99 17.02 28.30 -10.37
N ASN D 100 17.16 29.62 -10.54
CA ASN D 100 18.03 30.43 -9.69
C ASN D 100 17.27 31.05 -8.53
N VAL D 101 18.03 31.38 -7.47
CA VAL D 101 17.48 32.16 -6.37
C VAL D 101 16.88 33.44 -6.93
N GLY D 102 15.67 33.75 -6.49
CA GLY D 102 14.95 34.89 -6.99
C GLY D 102 13.99 34.61 -8.12
N ASP D 103 14.07 33.43 -8.77
CA ASP D 103 13.08 33.07 -9.78
C ASP D 103 11.74 32.71 -9.11
N MET D 104 10.68 32.74 -9.91
CA MET D 104 9.35 32.29 -9.48
C MET D 104 9.03 30.94 -10.12
N ILE D 105 8.36 30.11 -9.36
CA ILE D 105 7.90 28.81 -9.84
C ILE D 105 6.39 28.74 -9.66
N VAL D 106 5.67 28.44 -10.75
CA VAL D 106 4.24 28.18 -10.70
C VAL D 106 4.06 26.68 -10.83
N THR D 107 3.48 26.07 -9.81
CA THR D 107 3.29 24.62 -9.78
C THR D 107 2.21 24.18 -10.76
N THR D 108 2.54 23.24 -11.66
CA THR D 108 1.54 22.65 -12.54
C THR D 108 0.98 21.33 -11.99
N GLY D 109 1.65 20.76 -11.00
CA GLY D 109 1.20 19.56 -10.33
C GLY D 109 2.15 19.29 -9.19
N SER D 110 1.70 18.64 -8.11
CA SER D 110 2.58 18.36 -6.99
C SER D 110 2.78 16.86 -6.76
N VAL D 111 4.03 16.50 -6.48
CA VAL D 111 4.28 15.17 -5.92
C VAL D 111 3.77 15.21 -4.49
N ARG D 112 2.84 14.30 -4.18
CA ARG D 112 2.13 14.28 -2.89
C ARG D 112 2.99 13.55 -1.86
N LEU D 113 3.95 14.28 -1.27
CA LEU D 113 4.79 13.71 -0.19
C LEU D 113 4.29 14.17 1.16
N ASP D 114 2.98 14.34 1.28
CA ASP D 114 2.30 14.86 2.45
C ASP D 114 1.32 13.81 2.94
N GLY D 115 0.63 14.13 4.03
CA GLY D 115 -0.44 13.28 4.50
C GLY D 115 -1.83 13.84 4.33
N ALA D 116 -1.99 15.17 4.45
CA ALA D 116 -3.33 15.71 4.45
C ALA D 116 -4.05 15.57 3.12
N SER D 117 -3.30 15.51 1.99
CA SER D 117 -3.97 15.31 0.72
C SER D 117 -4.83 14.05 0.75
N LEU D 118 -4.34 12.99 1.43
CA LEU D 118 -5.04 11.73 1.52
C LEU D 118 -6.30 11.82 2.36
N HIS D 119 -6.49 12.92 3.09
CA HIS D 119 -7.72 13.12 3.79
C HIS D 119 -8.80 13.71 2.90
N PHE D 120 -8.48 14.01 1.62
CA PHE D 120 -9.44 14.53 0.67
C PHE D 120 -9.60 13.63 -0.55
N ALA D 121 -8.54 12.92 -0.96
CA ALA D 121 -8.65 12.09 -2.15
C ALA D 121 -7.57 11.03 -2.05
N PRO D 122 -7.81 9.85 -2.62
CA PRO D 122 -6.77 8.79 -2.61
C PRO D 122 -5.58 9.23 -3.43
N MET D 123 -4.43 8.56 -3.18
CA MET D 123 -3.16 8.96 -3.74
C MET D 123 -3.21 9.09 -5.26
N GLU D 124 -4.03 8.26 -5.94
CA GLU D 124 -4.04 8.32 -7.41
CA GLU D 124 -4.15 8.28 -7.41
C GLU D 124 -4.61 9.64 -7.95
N PHE D 125 -5.31 10.42 -7.12
CA PHE D 125 -5.86 11.69 -7.59
C PHE D 125 -4.75 12.72 -7.80
N PRO D 126 -4.80 13.52 -8.87
CA PRO D 126 -3.69 14.44 -9.17
C PRO D 126 -3.77 15.71 -8.33
N ALA D 127 -2.64 16.09 -7.71
CA ALA D 127 -2.55 17.36 -7.00
C ALA D 127 -2.27 18.44 -8.03
N VAL D 128 -3.33 18.93 -8.66
CA VAL D 128 -3.26 19.81 -9.83
CA VAL D 128 -3.17 19.86 -9.78
C VAL D 128 -3.92 21.15 -9.52
N PRO D 129 -3.39 22.28 -9.97
CA PRO D 129 -4.06 23.54 -9.75
C PRO D 129 -5.24 23.71 -10.68
N ASP D 130 -6.11 24.65 -10.32
CA ASP D 130 -7.07 25.14 -11.27
C ASP D 130 -6.36 25.80 -12.45
N PHE D 131 -6.82 25.48 -13.67
CA PHE D 131 -6.12 25.93 -14.86
C PHE D 131 -6.15 27.45 -15.02
N ASP D 132 -7.27 28.08 -14.70
CA ASP D 132 -7.34 29.54 -14.74
C ASP D 132 -6.35 30.20 -13.76
N VAL D 133 -6.22 29.65 -12.54
CA VAL D 133 -5.27 30.21 -11.57
C VAL D 133 -3.84 30.07 -12.06
N ALA D 134 -3.48 28.89 -12.60
CA ALA D 134 -2.12 28.66 -13.03
C ALA D 134 -1.79 29.60 -14.18
N THR D 135 -2.76 29.80 -15.10
CA THR D 135 -2.63 30.72 -16.23
C THR D 135 -2.45 32.16 -15.73
N ALA D 136 -3.24 32.57 -14.73
CA ALA D 136 -3.13 33.93 -14.18
C ALA D 136 -1.79 34.13 -13.48
N MET D 137 -1.33 33.11 -12.76
CA MET D 137 -0.04 33.21 -12.08
C MET D 137 1.12 33.32 -13.06
N LYS D 138 1.11 32.52 -14.13
CA LYS D 138 2.15 32.63 -15.14
C LYS D 138 2.18 34.02 -15.77
N ALA D 139 1.01 34.52 -16.20
CA ALA D 139 0.93 35.84 -16.84
C ALA D 139 1.39 36.94 -15.88
N ALA D 140 0.93 36.88 -14.63
CA ALA D 140 1.34 37.88 -13.65
C ALA D 140 2.85 37.83 -13.42
N ALA D 141 3.42 36.63 -13.34
CA ALA D 141 4.86 36.52 -13.12
C ALA D 141 5.64 37.09 -14.29
N GLN D 142 5.20 36.79 -15.52
CA GLN D 142 5.88 37.28 -16.70
C GLN D 142 5.79 38.80 -16.77
N GLU D 143 4.59 39.34 -16.54
CA GLU D 143 4.32 40.76 -16.65
C GLU D 143 4.99 41.59 -15.57
N SER D 144 5.52 40.96 -14.52
CA SER D 144 6.18 41.68 -13.46
CA SER D 144 6.19 41.66 -13.44
C SER D 144 7.70 41.64 -13.58
N GLY D 145 8.22 41.11 -14.68
CA GLY D 145 9.64 41.05 -14.89
C GLY D 145 10.35 39.84 -14.33
N ALA D 146 9.64 38.95 -13.62
CA ALA D 146 10.29 37.81 -12.99
C ALA D 146 10.70 36.77 -14.03
N THR D 147 11.72 35.99 -13.71
CA THR D 147 11.99 34.75 -14.44
C THR D 147 11.11 33.67 -13.83
N VAL D 148 10.20 33.13 -14.62
CA VAL D 148 9.19 32.16 -14.13
C VAL D 148 9.35 30.81 -14.81
N HIS D 149 9.17 29.76 -14.01
CA HIS D 149 9.16 28.37 -14.46
C HIS D 149 7.83 27.72 -14.10
N MET D 150 7.29 26.97 -15.05
CA MET D 150 6.10 26.15 -14.83
C MET D 150 6.56 24.71 -14.70
N GLY D 151 6.09 24.02 -13.65
CA GLY D 151 6.43 22.61 -13.60
C GLY D 151 5.98 21.96 -12.32
N VAL D 152 6.46 20.72 -12.17
CA VAL D 152 6.10 19.85 -11.05
C VAL D 152 6.89 20.22 -9.79
N THR D 153 6.21 20.19 -8.65
CA THR D 153 6.79 20.56 -7.36
C THR D 153 6.67 19.36 -6.43
N ALA D 154 7.74 19.02 -5.71
CA ALA D 154 7.65 17.97 -4.69
C ALA D 154 7.22 18.63 -3.37
N SER D 155 6.09 18.17 -2.81
CA SER D 155 5.48 18.87 -1.68
C SER D 155 5.53 17.95 -0.47
N SER D 156 6.38 18.30 0.50
CA SER D 156 6.79 17.41 1.56
C SER D 156 6.21 17.82 2.91
N ASP D 157 5.83 16.80 3.72
CA ASP D 157 5.42 17.05 5.11
C ASP D 157 6.60 17.35 6.04
N THR D 158 7.83 17.26 5.55
CA THR D 158 8.98 17.68 6.37
C THR D 158 9.89 18.61 5.58
N PHE D 159 10.62 19.43 6.32
CA PHE D 159 11.66 20.25 5.74
C PHE D 159 12.96 19.47 5.62
N TYR D 160 13.17 18.48 6.50
CA TYR D 160 14.46 17.82 6.60
C TYR D 160 14.47 16.48 5.87
N PRO D 161 14.04 15.34 6.43
CA PRO D 161 14.26 14.09 5.67
C PRO D 161 13.45 14.00 4.37
N GLY D 162 12.23 14.52 4.34
CA GLY D 162 11.45 14.45 3.11
C GLY D 162 12.00 15.34 2.01
N GLN D 163 12.95 16.22 2.31
CA GLN D 163 13.66 16.94 1.26
C GLN D 163 15.09 16.42 1.16
N GLU D 164 15.31 15.23 1.71
CA GLU D 164 16.60 14.54 1.70
C GLU D 164 17.75 15.45 2.15
N ARG D 165 17.54 16.14 3.29
CA ARG D 165 18.60 16.87 3.98
C ARG D 165 19.27 15.94 4.96
N TYR D 166 20.61 15.91 4.94
CA TYR D 166 21.40 15.08 5.83
C TYR D 166 22.10 15.88 6.94
N ASP D 167 22.07 17.21 6.87
CA ASP D 167 22.72 18.10 7.83
CA ASP D 167 22.76 18.03 7.89
C ASP D 167 21.82 18.27 9.06
N THR D 168 21.63 17.18 9.80
CA THR D 168 20.58 17.13 10.82
C THR D 168 21.10 16.43 12.08
N PHE D 169 20.25 16.43 13.11
CA PHE D 169 20.62 15.77 14.37
C PHE D 169 21.04 14.31 14.16
N THR D 170 20.23 13.49 13.46
CA THR D 170 20.60 12.10 13.30
C THR D 170 21.50 11.89 12.10
N GLY D 171 21.47 12.80 11.12
CA GLY D 171 22.20 12.57 9.87
C GLY D 171 21.66 11.43 9.01
N ARG D 172 20.47 10.93 9.32
CA ARG D 172 19.87 9.80 8.61
C ARG D 172 18.62 10.27 7.88
N VAL D 173 18.32 9.57 6.80
CA VAL D 173 17.05 9.73 6.10
C VAL D 173 16.43 8.35 5.93
N VAL D 174 15.15 8.23 6.29
CA VAL D 174 14.48 6.94 6.21
C VAL D 174 14.53 6.41 4.78
N ARG D 175 14.55 5.09 4.65
CA ARG D 175 14.62 4.38 3.36
C ARG D 175 13.75 5.02 2.27
N ARG D 176 12.47 5.31 2.57
CA ARG D 176 11.55 5.89 1.59
C ARG D 176 12.17 7.07 0.88
N PHE D 177 12.89 7.92 1.62
CA PHE D 177 13.42 9.17 1.05
C PHE D 177 14.88 9.12 0.62
N GLN D 178 15.58 8.01 0.85
CA GLN D 178 16.95 7.87 0.38
C GLN D 178 16.99 7.90 -1.15
N GLY D 179 17.86 8.73 -1.71
CA GLY D 179 17.93 8.92 -3.15
C GLY D 179 16.81 9.74 -3.74
N SER D 180 15.92 10.29 -2.92
CA SER D 180 14.71 10.86 -3.50
C SER D 180 14.99 12.19 -4.21
N MET D 181 15.94 12.98 -3.71
CA MET D 181 16.16 14.26 -4.40
C MET D 181 16.65 14.02 -5.81
N LYS D 182 17.58 13.08 -5.99
CA LYS D 182 18.06 12.76 -7.33
C LYS D 182 16.96 12.15 -8.18
N GLU D 183 16.10 11.33 -7.58
CA GLU D 183 14.94 10.80 -8.29
C GLU D 183 14.07 11.93 -8.85
N TRP D 184 13.67 12.89 -8.01
CA TRP D 184 12.86 14.01 -8.51
C TRP D 184 13.62 14.84 -9.54
N GLN D 185 14.90 15.12 -9.30
CA GLN D 185 15.72 15.86 -10.26
C GLN D 185 15.67 15.19 -11.64
N ASP D 186 15.84 13.87 -11.65
CA ASP D 186 15.90 13.16 -12.92
C ASP D 186 14.56 13.12 -13.63
N MET D 187 13.47 13.24 -12.86
CA MET D 187 12.11 13.32 -13.37
C MET D 187 11.69 14.73 -13.72
N GLY D 188 12.58 15.70 -13.59
CA GLY D 188 12.30 17.06 -14.04
C GLY D 188 11.52 17.88 -13.03
N VAL D 189 11.38 17.42 -11.79
CA VAL D 189 10.73 18.21 -10.73
C VAL D 189 11.55 19.46 -10.46
N LEU D 190 10.86 20.59 -10.25
CA LEU D 190 11.59 21.85 -10.15
C LEU D 190 12.02 22.20 -8.73
N ASN D 191 11.24 21.83 -7.72
CA ASN D 191 11.39 22.49 -6.42
C ASN D 191 10.72 21.67 -5.33
N PHE D 192 11.13 21.97 -4.09
CA PHE D 192 10.50 21.43 -2.88
C PHE D 192 9.79 22.57 -2.14
N GLU D 193 8.58 22.30 -1.66
CA GLU D 193 7.92 23.16 -0.66
C GLU D 193 7.00 22.27 0.15
N MET D 194 6.16 22.88 1.01
CA MET D 194 5.50 22.10 2.07
C MET D 194 3.99 22.24 2.16
N GLU D 195 3.30 22.91 1.20
CA GLU D 195 1.84 23.05 1.32
C GLU D 195 1.06 22.72 0.05
N SER D 196 1.69 22.71 -1.13
CA SER D 196 0.92 22.64 -2.37
C SER D 196 0.23 21.29 -2.58
N ALA D 197 0.81 20.16 -2.15
CA ALA D 197 0.09 18.90 -2.33
C ALA D 197 -1.25 18.92 -1.60
N THR D 198 -1.23 19.35 -0.34
CA THR D 198 -2.48 19.42 0.41
C THR D 198 -3.43 20.43 -0.22
N LEU D 199 -2.92 21.63 -0.50
CA LEU D 199 -3.81 22.67 -0.99
C LEU D 199 -4.45 22.28 -2.32
N LEU D 200 -3.63 21.83 -3.27
CA LEU D 200 -4.15 21.53 -4.61
C LEU D 200 -5.08 20.33 -4.58
N THR D 201 -4.73 19.27 -3.83
CA THR D 201 -5.61 18.10 -3.78
C THR D 201 -6.94 18.45 -3.13
N MET D 202 -6.87 19.13 -1.99
CA MET D 202 -8.10 19.51 -1.29
CA MET D 202 -8.11 19.50 -1.30
C MET D 202 -9.00 20.35 -2.20
N CYS D 203 -8.43 21.37 -2.85
CA CYS D 203 -9.27 22.27 -3.63
C CYS D 203 -9.80 21.60 -4.89
N ALA D 204 -8.95 20.85 -5.61
CA ALA D 204 -9.38 20.22 -6.86
C ALA D 204 -10.44 19.17 -6.63
N SER D 205 -10.51 18.62 -5.43
CA SER D 205 -11.52 17.61 -5.13
C SER D 205 -12.72 18.17 -4.38
N SER D 206 -12.75 19.49 -4.14
CA SER D 206 -13.77 20.12 -3.31
C SER D 206 -14.50 21.28 -3.99
N GLY D 207 -14.30 21.50 -5.29
CA GLY D 207 -15.02 22.59 -5.95
C GLY D 207 -14.42 23.95 -5.68
N LEU D 208 -13.14 24.01 -5.34
CA LEU D 208 -12.45 25.28 -5.03
C LEU D 208 -11.32 25.47 -6.04
N LYS D 209 -11.05 26.72 -6.46
CA LYS D 209 -9.97 26.99 -7.40
C LYS D 209 -8.71 27.32 -6.62
N ALA D 210 -7.59 26.69 -6.94
CA ALA D 210 -6.34 26.94 -6.23
C ALA D 210 -5.13 26.94 -7.15
N GLY D 211 -4.06 27.60 -6.70
CA GLY D 211 -2.77 27.56 -7.37
C GLY D 211 -1.69 27.89 -6.37
N CYS D 212 -0.43 27.68 -6.77
CA CYS D 212 0.74 27.91 -5.93
CA CYS D 212 0.73 27.95 -5.93
C CYS D 212 1.82 28.58 -6.77
N VAL D 213 2.33 29.75 -6.32
CA VAL D 213 3.50 30.38 -6.90
C VAL D 213 4.48 30.60 -5.75
N ALA D 214 5.76 30.33 -5.97
CA ALA D 214 6.74 30.41 -4.89
C ALA D 214 8.02 31.04 -5.39
N GLY D 215 8.66 31.83 -4.51
CA GLY D 215 9.95 32.41 -4.85
C GLY D 215 11.06 31.50 -4.38
N VAL D 216 12.05 31.31 -5.26
CA VAL D 216 13.16 30.42 -4.96
C VAL D 216 14.09 31.12 -3.98
N ILE D 217 14.27 30.54 -2.81
CA ILE D 217 15.15 31.13 -1.78
C ILE D 217 16.43 30.33 -1.58
N ILE D 218 16.53 29.15 -2.19
CA ILE D 218 17.73 28.33 -2.09
C ILE D 218 17.72 27.42 -3.30
N ASN D 219 18.91 27.09 -3.80
CA ASN D 219 19.09 26.06 -4.82
C ASN D 219 19.94 24.95 -4.23
N ARG D 220 19.38 23.74 -4.17
CA ARG D 220 20.04 22.63 -3.49
C ARG D 220 21.28 22.13 -4.21
N THR D 221 21.54 22.57 -5.45
CA THR D 221 22.73 22.21 -6.20
C THR D 221 23.77 23.32 -6.27
N GLN D 222 23.37 24.59 -6.05
CA GLN D 222 24.27 25.75 -6.19
C GLN D 222 24.98 26.00 -4.86
N PRO D 226 22.47 32.74 -0.26
CA PRO D 226 22.49 34.09 -0.81
C PRO D 226 22.13 35.15 0.24
N ASP D 227 22.18 36.43 -0.17
CA ASP D 227 22.14 37.55 0.76
C ASP D 227 20.73 37.79 1.31
N HIS D 228 20.66 38.63 2.35
CA HIS D 228 19.37 39.13 2.81
C HIS D 228 18.74 40.03 1.75
N ALA D 229 19.55 40.87 1.11
CA ALA D 229 19.05 41.72 0.02
C ALA D 229 18.45 40.87 -1.09
N THR D 230 19.14 39.77 -1.46
CA THR D 230 18.57 38.82 -2.40
C THR D 230 17.25 38.24 -1.87
N LEU D 231 17.27 37.75 -0.62
CA LEU D 231 16.10 37.06 -0.08
C LEU D 231 14.92 38.00 0.10
N LYS D 232 15.17 39.24 0.53
CA LYS D 232 14.06 40.16 0.71
C LYS D 232 13.49 40.62 -0.63
N GLU D 233 14.37 40.82 -1.63
CA GLU D 233 13.91 41.11 -2.98
C GLU D 233 13.01 39.99 -3.51
N THR D 234 13.36 38.74 -3.19
CA THR D 234 12.59 37.60 -3.69
C THR D 234 11.18 37.59 -3.13
N GLU D 235 11.04 37.84 -1.82
CA GLU D 235 9.71 37.88 -1.22
CA GLU D 235 9.71 37.87 -1.24
C GLU D 235 8.88 39.02 -1.81
N ALA D 236 9.48 40.22 -1.93
CA ALA D 236 8.74 41.35 -2.52
C ALA D 236 8.23 41.03 -3.93
N ARG D 237 9.07 40.43 -4.76
CA ARG D 237 8.65 40.06 -6.11
C ARG D 237 7.50 39.05 -6.07
N SER D 238 7.60 38.05 -5.20
CA SER D 238 6.57 37.01 -5.13
CA SER D 238 6.57 37.01 -5.13
C SER D 238 5.23 37.60 -4.73
N ILE D 239 5.21 38.59 -3.80
CA ILE D 239 3.88 39.06 -3.42
C ILE D 239 3.31 40.03 -4.47
N LYS D 240 4.16 40.81 -5.13
CA LYS D 240 3.68 41.59 -6.28
C LYS D 240 3.04 40.65 -7.33
N VAL D 241 3.68 39.50 -7.59
CA VAL D 241 3.15 38.53 -8.58
C VAL D 241 1.80 37.99 -8.15
N VAL D 242 1.67 37.56 -6.87
CA VAL D 242 0.42 36.93 -6.45
C VAL D 242 -0.74 37.92 -6.46
N VAL D 243 -0.48 39.20 -6.11
CA VAL D 243 -1.55 40.18 -6.14
C VAL D 243 -1.99 40.46 -7.58
N GLU D 244 -1.05 40.53 -8.49
CA GLU D 244 -1.42 40.69 -9.90
C GLU D 244 -2.16 39.48 -10.43
N ALA D 245 -1.81 38.27 -9.94
CA ALA D 245 -2.58 37.08 -10.33
C ALA D 245 -3.99 37.16 -9.80
N ALA D 246 -4.16 37.62 -8.55
CA ALA D 246 -5.52 37.81 -8.05
C ALA D 246 -6.31 38.80 -8.89
N ARG D 247 -5.67 39.89 -9.32
CA ARG D 247 -6.39 40.84 -10.16
C ARG D 247 -6.90 40.16 -11.43
N LYS D 248 -6.07 39.30 -12.02
CA LYS D 248 -6.47 38.59 -13.24
C LYS D 248 -7.62 37.64 -12.97
N MET D 249 -7.70 37.09 -11.77
CA MET D 249 -8.78 36.17 -11.47
C MET D 249 -10.10 36.87 -11.17
N LEU D 250 -10.06 38.13 -10.76
CA LEU D 250 -11.29 38.77 -10.29
C LEU D 250 -12.20 39.17 -11.43
N LYS D 251 -11.73 40.06 -12.30
CA LYS D 251 -12.60 40.44 -13.42
C LYS D 251 -11.93 40.15 -14.75
N LYS E 1 17.95 0.30 -37.20
CA LYS E 1 17.36 1.31 -36.31
C LYS E 1 15.91 1.55 -36.71
N THR E 2 15.22 0.45 -37.00
CA THR E 2 13.77 0.38 -37.01
C THR E 2 13.35 -0.03 -35.61
N VAL E 3 12.53 0.78 -34.97
CA VAL E 3 12.11 0.46 -33.61
C VAL E 3 11.28 -0.82 -33.60
N PHE E 4 11.29 -1.49 -32.43
CA PHE E 4 10.93 -2.90 -32.32
C PHE E 4 9.48 -3.14 -32.71
N HIS E 5 8.57 -2.26 -32.27
CA HIS E 5 7.14 -2.45 -32.50
C HIS E 5 6.57 -1.56 -33.60
N LEU E 6 7.02 -0.31 -33.71
CA LEU E 6 6.35 0.60 -34.66
C LEU E 6 6.78 0.36 -36.11
N GLY E 7 7.94 -0.25 -36.34
CA GLY E 7 8.33 -0.55 -37.70
C GLY E 7 8.71 0.64 -38.55
N VAL E 8 9.13 1.73 -37.92
CA VAL E 8 9.58 2.90 -38.67
C VAL E 8 10.99 3.29 -38.20
N THR E 9 11.66 4.09 -39.04
CA THR E 9 12.98 4.63 -38.76
C THR E 9 12.88 6.13 -38.54
N GLU E 10 13.95 6.72 -38.03
CA GLU E 10 13.94 8.18 -37.90
C GLU E 10 13.76 8.85 -39.26
N ALA E 11 14.41 8.33 -40.30
CA ALA E 11 14.28 8.93 -41.63
C ALA E 11 12.83 8.94 -42.10
N ASP E 12 12.05 7.90 -41.73
CA ASP E 12 10.64 7.85 -42.11
C ASP E 12 9.88 9.05 -41.54
N LEU E 13 10.30 9.57 -40.39
CA LEU E 13 9.60 10.66 -39.75
C LEU E 13 9.91 12.01 -40.37
N ASN E 14 10.93 12.10 -41.23
CA ASN E 14 11.20 13.32 -41.99
C ASN E 14 11.33 14.55 -41.07
N GLY E 15 11.98 14.37 -39.92
CA GLY E 15 12.26 15.50 -39.05
C GLY E 15 11.21 15.77 -37.97
N ALA E 16 10.13 15.00 -37.92
CA ALA E 16 9.05 15.24 -36.96
C ALA E 16 9.56 15.16 -35.52
N THR E 17 9.20 16.16 -34.74
CA THR E 17 9.42 16.12 -33.30
C THR E 17 8.11 16.20 -32.54
N LEU E 18 6.98 16.18 -33.23
CA LEU E 18 5.65 16.20 -32.64
C LEU E 18 4.85 15.06 -33.21
N ALA E 19 4.11 14.37 -32.34
CA ALA E 19 3.24 13.29 -32.74
C ALA E 19 1.83 13.55 -32.22
N ILE E 20 0.87 13.24 -33.06
CA ILE E 20 -0.51 13.12 -32.68
C ILE E 20 -0.79 11.63 -32.51
N ILE E 21 -1.34 11.26 -31.34
CA ILE E 21 -1.46 9.86 -30.92
C ILE E 21 -2.91 9.49 -30.57
N PRO E 22 -3.74 9.15 -31.53
CA PRO E 22 -5.08 8.63 -31.20
C PRO E 22 -4.99 7.22 -30.67
N GLY E 23 -6.08 6.76 -30.02
CA GLY E 23 -6.12 5.35 -29.59
C GLY E 23 -6.39 4.39 -30.75
N ASP E 24 -7.32 4.77 -31.64
CA ASP E 24 -7.82 3.90 -32.71
C ASP E 24 -6.95 3.97 -33.96
N PRO E 25 -6.38 2.85 -34.44
CA PRO E 25 -5.61 2.88 -35.68
C PRO E 25 -6.33 3.49 -36.85
N ALA E 26 -7.66 3.28 -36.97
CA ALA E 26 -8.40 3.86 -38.09
C ALA E 26 -8.43 5.39 -38.07
N ARG E 27 -8.22 6.02 -36.94
CA ARG E 27 -8.23 7.48 -36.84
C ARG E 27 -6.96 8.10 -37.41
N VAL E 28 -5.90 7.30 -37.61
CA VAL E 28 -4.59 7.84 -38.01
C VAL E 28 -4.68 8.49 -39.38
N GLN E 29 -5.19 7.75 -40.37
CA GLN E 29 -5.28 8.29 -41.73
C GLN E 29 -6.19 9.52 -41.75
N LYS E 30 -7.25 9.51 -40.94
CA LYS E 30 -8.18 10.65 -40.94
C LYS E 30 -7.47 11.91 -40.44
N ILE E 31 -6.66 11.76 -39.40
CA ILE E 31 -5.87 12.88 -38.89
C ILE E 31 -4.86 13.35 -39.93
N ALA E 32 -4.14 12.41 -40.53
CA ALA E 32 -3.09 12.80 -41.48
C ALA E 32 -3.67 13.52 -42.68
N GLU E 33 -4.88 13.16 -43.08
CA GLU E 33 -5.48 13.79 -44.25
C GLU E 33 -6.02 15.18 -43.96
N LEU E 34 -6.09 15.60 -42.70
CA LEU E 34 -6.36 16.99 -42.40
C LEU E 34 -5.13 17.88 -42.59
N MET E 35 -3.95 17.30 -42.78
CA MET E 35 -2.68 18.00 -42.97
C MET E 35 -2.24 17.87 -44.43
N ASP E 36 -1.05 18.40 -44.72
CA ASP E 36 -0.52 18.41 -46.08
C ASP E 36 0.35 17.18 -46.30
N ASN E 37 0.36 16.72 -47.54
CA ASN E 37 1.20 15.61 -47.96
C ASN E 37 1.17 14.40 -47.01
N PRO E 38 -0.01 13.84 -46.70
CA PRO E 38 -0.04 12.64 -45.83
C PRO E 38 0.61 11.44 -46.52
N VAL E 39 1.40 10.70 -45.76
CA VAL E 39 2.08 9.51 -46.28
C VAL E 39 1.93 8.38 -45.27
N PHE E 40 1.42 7.25 -45.73
CA PHE E 40 1.39 6.04 -44.91
C PHE E 40 2.80 5.50 -44.71
N LEU E 41 3.17 5.20 -43.46
CA LEU E 41 4.49 4.66 -43.16
C LEU E 41 4.47 3.18 -42.82
N ALA E 42 3.60 2.73 -41.89
CA ALA E 42 3.63 1.33 -41.51
C ALA E 42 2.37 1.01 -40.72
N SER E 43 2.06 -0.26 -40.64
CA SER E 43 1.02 -0.76 -39.76
C SER E 43 1.51 -2.10 -39.20
N HIS E 44 1.60 -2.19 -37.88
CA HIS E 44 1.96 -3.43 -37.20
C HIS E 44 1.15 -3.44 -35.91
N ARG E 45 0.49 -4.56 -35.62
CA ARG E 45 -0.30 -4.65 -34.41
C ARG E 45 -1.26 -3.47 -34.34
N GLU E 46 -1.38 -2.84 -33.19
CA GLU E 46 -2.29 -1.70 -33.03
C GLU E 46 -1.67 -0.39 -33.49
N TYR E 47 -0.48 -0.44 -34.09
CA TYR E 47 0.29 0.77 -34.42
C TYR E 47 0.22 1.06 -35.92
N THR E 48 -0.64 2.01 -36.31
CA THR E 48 -0.65 2.54 -37.68
C THR E 48 0.00 3.91 -37.62
N VAL E 49 0.94 4.14 -38.54
CA VAL E 49 1.83 5.29 -38.50
C VAL E 49 1.77 5.98 -39.86
N TYR E 50 1.50 7.28 -39.82
CA TYR E 50 1.54 8.17 -40.99
C TYR E 50 2.44 9.34 -40.67
N ARG E 51 2.95 10.01 -41.71
CA ARG E 51 3.58 11.31 -41.59
C ARG E 51 2.75 12.30 -42.40
N ALA E 52 2.80 13.57 -42.01
CA ALA E 52 2.19 14.64 -42.78
C ALA E 52 2.94 15.93 -42.51
N GLU E 53 2.53 16.99 -43.19
CA GLU E 53 3.16 18.29 -43.00
C GLU E 53 2.15 19.31 -42.53
N LEU E 54 2.56 20.12 -41.54
CA LEU E 54 1.70 21.15 -40.97
C LEU E 54 2.50 22.44 -40.94
N ASP E 55 2.01 23.45 -41.66
CA ASP E 55 2.72 24.72 -41.77
C ASP E 55 4.17 24.46 -42.16
N GLY E 56 4.36 23.48 -43.06
CA GLY E 56 5.66 23.16 -43.58
C GLY E 56 6.54 22.28 -42.70
N GLN E 57 6.06 21.86 -41.53
CA GLN E 57 6.85 21.04 -40.64
C GLN E 57 6.28 19.62 -40.59
N SER E 58 7.17 18.65 -40.48
N SER E 58 7.16 18.64 -40.49
CA SER E 58 6.74 17.27 -40.37
CA SER E 58 6.71 17.26 -40.47
C SER E 58 6.07 17.00 -39.03
C SER E 58 6.15 16.88 -39.10
N VAL E 59 4.98 16.23 -39.11
CA VAL E 59 4.29 15.74 -37.92
CA VAL E 59 4.37 15.71 -37.90
C VAL E 59 4.09 14.23 -38.15
N VAL E 60 4.17 13.45 -37.08
CA VAL E 60 3.89 12.02 -37.15
C VAL E 60 2.54 11.77 -36.49
N VAL E 61 1.78 10.84 -37.03
CA VAL E 61 0.51 10.43 -36.45
C VAL E 61 0.64 8.92 -36.22
N CYS E 62 0.41 8.49 -34.97
CA CYS E 62 0.67 7.09 -34.62
C CYS E 62 -0.37 6.68 -33.61
N SER E 63 -1.09 5.58 -33.88
CA SER E 63 -2.07 5.10 -32.92
C SER E 63 -1.39 4.42 -31.74
N THR E 64 -2.05 4.43 -30.59
CA THR E 64 -1.49 3.83 -29.40
C THR E 64 -2.11 2.49 -29.04
N GLY E 65 -3.27 2.13 -29.60
CA GLY E 65 -4.07 1.06 -29.04
C GLY E 65 -4.73 1.49 -27.74
N ILE E 66 -5.60 0.66 -27.19
CA ILE E 66 -6.27 0.92 -25.93
C ILE E 66 -5.32 0.56 -24.77
N GLY E 67 -5.12 1.49 -23.86
CA GLY E 67 -4.48 1.23 -22.58
C GLY E 67 -3.07 1.78 -22.49
N GLY E 68 -2.66 2.00 -21.24
CA GLY E 68 -1.32 2.40 -20.88
C GLY E 68 -0.20 1.54 -21.50
N PRO E 69 -0.32 0.20 -21.45
CA PRO E 69 0.80 -0.63 -21.92
C PRO E 69 1.16 -0.38 -23.38
N SER E 70 0.16 -0.45 -24.26
CA SER E 70 0.49 -0.23 -25.68
C SER E 70 0.85 1.23 -25.93
N THR E 71 0.26 2.16 -25.19
CA THR E 71 0.65 3.58 -25.31
C THR E 71 2.11 3.77 -24.93
N SER E 72 2.53 3.15 -23.82
CA SER E 72 3.91 3.33 -23.34
C SER E 72 4.95 2.90 -24.39
N ILE E 73 4.67 1.83 -25.13
CA ILE E 73 5.55 1.37 -26.19
C ILE E 73 5.61 2.40 -27.29
N ALA E 74 4.46 2.91 -27.73
CA ALA E 74 4.47 3.90 -28.83
C ALA E 74 5.23 5.17 -28.43
N VAL E 75 5.01 5.68 -27.22
CA VAL E 75 5.69 6.90 -26.81
C VAL E 75 7.19 6.67 -26.72
N GLU E 76 7.60 5.56 -26.11
CA GLU E 76 9.03 5.29 -25.97
C GLU E 76 9.69 5.21 -27.33
N GLU E 77 9.09 4.45 -28.25
CA GLU E 77 9.74 4.22 -29.53
C GLU E 77 9.76 5.50 -30.37
N LEU E 78 8.69 6.29 -30.29
CA LEU E 78 8.72 7.59 -30.94
C LEU E 78 9.76 8.52 -30.32
N ALA E 79 9.87 8.51 -28.99
CA ALA E 79 10.88 9.35 -28.36
C ALA E 79 12.28 8.94 -28.80
N GLN E 80 12.52 7.63 -28.98
CA GLN E 80 13.81 7.16 -29.47
C GLN E 80 14.11 7.75 -30.84
N LEU E 81 13.09 8.06 -31.62
CA LEU E 81 13.26 8.57 -32.98
C LEU E 81 13.20 10.10 -33.04
N GLY E 82 13.15 10.77 -31.88
CA GLY E 82 13.27 12.21 -31.77
C GLY E 82 11.98 12.93 -31.46
N VAL E 83 10.88 12.22 -31.27
CA VAL E 83 9.64 12.93 -30.95
C VAL E 83 9.70 13.40 -29.50
N ARG E 84 9.31 14.65 -29.27
CA ARG E 84 9.34 15.21 -27.92
C ARG E 84 7.99 15.70 -27.43
N THR E 85 7.02 15.87 -28.32
CA THR E 85 5.70 16.40 -27.97
C THR E 85 4.63 15.43 -28.47
N PHE E 86 3.70 15.08 -27.58
CA PHE E 86 2.72 14.03 -27.82
C PHE E 86 1.33 14.59 -27.52
N LEU E 87 0.47 14.71 -28.53
CA LEU E 87 -0.91 15.19 -28.37
C LEU E 87 -1.85 14.00 -28.53
N ARG E 88 -2.39 13.52 -27.42
CA ARG E 88 -3.40 12.47 -27.51
C ARG E 88 -4.75 13.09 -27.89
N VAL E 89 -5.44 12.44 -28.82
CA VAL E 89 -6.83 12.76 -29.16
C VAL E 89 -7.63 11.47 -28.94
N GLY E 90 -8.64 11.54 -28.07
CA GLY E 90 -9.36 10.35 -27.64
C GLY E 90 -10.87 10.49 -27.70
N THR E 91 -11.53 9.44 -27.22
CA THR E 91 -12.94 9.46 -26.93
C THR E 91 -13.09 9.23 -25.43
N THR E 92 -14.23 9.64 -24.87
CA THR E 92 -14.32 9.64 -23.42
C THR E 92 -15.78 9.57 -22.98
N GLY E 93 -15.99 9.08 -21.76
CA GLY E 93 -17.32 9.13 -21.13
C GLY E 93 -17.37 10.22 -20.08
N ALA E 94 -18.31 11.15 -20.22
CA ALA E 94 -18.47 12.20 -19.22
C ALA E 94 -19.13 11.63 -17.97
N ILE E 95 -18.68 12.10 -16.79
CA ILE E 95 -19.34 11.70 -15.55
C ILE E 95 -20.14 12.78 -14.88
N GLN E 96 -19.99 14.03 -15.30
CA GLN E 96 -20.76 15.17 -14.79
C GLN E 96 -22.02 15.30 -15.62
N PRO E 97 -23.12 15.66 -14.97
CA PRO E 97 -24.43 15.57 -15.63
C PRO E 97 -24.61 16.47 -16.83
N HIS E 98 -23.96 17.65 -16.89
CA HIS E 98 -24.20 18.56 -17.99
C HIS E 98 -23.01 18.72 -18.95
N VAL E 99 -22.12 17.75 -18.95
CA VAL E 99 -21.08 17.61 -19.95
C VAL E 99 -21.64 16.66 -20.99
N ASN E 100 -21.94 17.19 -22.18
CA ASN E 100 -22.75 16.49 -23.16
C ASN E 100 -21.94 15.83 -24.27
N VAL E 101 -22.56 14.81 -24.89
CA VAL E 101 -21.99 14.16 -26.06
C VAL E 101 -21.63 15.23 -27.09
N GLY E 102 -20.43 15.15 -27.64
CA GLY E 102 -19.93 16.11 -28.60
C GLY E 102 -19.06 17.19 -28.02
N ASP E 103 -19.08 17.38 -26.68
CA ASP E 103 -18.18 18.33 -26.04
C ASP E 103 -16.75 17.79 -26.07
N MET E 104 -15.78 18.68 -25.91
CA MET E 104 -14.37 18.33 -25.79
CA MET E 104 -14.38 18.32 -25.79
C MET E 104 -13.91 18.53 -24.36
N ILE E 105 -13.08 17.61 -23.88
CA ILE E 105 -12.51 17.72 -22.54
C ILE E 105 -11.02 17.76 -22.70
N VAL E 106 -10.37 18.80 -22.13
CA VAL E 106 -8.92 18.88 -22.08
C VAL E 106 -8.51 18.53 -20.65
N THR E 107 -7.71 17.48 -20.50
CA THR E 107 -7.32 17.00 -19.18
C THR E 107 -6.26 17.90 -18.53
N THR E 108 -6.53 18.34 -17.29
CA THR E 108 -5.54 19.12 -16.55
C THR E 108 -4.75 18.25 -15.59
N GLY E 109 -5.23 17.06 -15.34
CA GLY E 109 -4.54 16.08 -14.49
C GLY E 109 -5.35 14.79 -14.51
N SER E 110 -4.72 13.63 -14.30
CA SER E 110 -5.48 12.39 -14.35
C SER E 110 -5.43 11.69 -13.01
N VAL E 111 -6.57 11.09 -12.66
CA VAL E 111 -6.59 10.09 -11.60
C VAL E 111 -5.95 8.83 -12.16
N ARG E 112 -4.90 8.35 -11.49
CA ARG E 112 -4.08 7.24 -11.99
C ARG E 112 -4.70 5.92 -11.58
N LEU E 113 -5.71 5.50 -12.38
CA LEU E 113 -6.37 4.22 -12.17
C LEU E 113 -5.79 3.17 -13.11
N ASP E 114 -4.51 3.30 -13.40
CA ASP E 114 -3.78 2.46 -14.36
C ASP E 114 -2.64 1.77 -13.65
N GLY E 115 -1.90 0.96 -14.37
CA GLY E 115 -0.71 0.35 -13.83
C GLY E 115 0.57 0.89 -14.44
N ALA E 116 0.57 1.28 -15.72
CA ALA E 116 1.83 1.60 -16.39
C ALA E 116 2.42 2.89 -15.86
N SER E 117 1.59 3.81 -15.33
CA SER E 117 2.17 5.04 -14.81
C SER E 117 3.17 4.73 -13.70
N LEU E 118 2.89 3.69 -12.89
CA LEU E 118 3.78 3.26 -11.82
C LEU E 118 5.09 2.67 -12.30
N HIS E 119 5.21 2.37 -13.58
CA HIS E 119 6.46 1.92 -14.13
C HIS E 119 7.35 3.08 -14.52
N PHE E 120 6.88 4.33 -14.32
CA PHE E 120 7.68 5.54 -14.56
C PHE E 120 7.82 6.42 -13.32
N ALA E 121 6.84 6.42 -12.41
CA ALA E 121 6.93 7.28 -11.22
C ALA E 121 6.01 6.71 -10.17
N PRO E 122 6.39 6.82 -8.90
CA PRO E 122 5.54 6.32 -7.83
C PRO E 122 4.23 7.12 -7.80
N MET E 123 3.23 6.56 -7.12
CA MET E 123 1.86 7.06 -7.21
C MET E 123 1.75 8.51 -6.79
N GLU E 124 2.62 8.97 -5.88
CA GLU E 124 2.59 10.35 -5.40
CA GLU E 124 2.52 10.36 -5.43
C GLU E 124 2.80 11.36 -6.55
N PHE E 125 3.42 10.93 -7.64
CA PHE E 125 3.76 11.86 -8.70
C PHE E 125 2.50 12.26 -9.50
N PRO E 126 2.35 13.55 -9.88
CA PRO E 126 1.10 13.96 -10.57
C PRO E 126 1.08 13.58 -12.04
N ALA E 127 -0.05 12.99 -12.49
CA ALA E 127 -0.25 12.73 -13.93
C ALA E 127 -0.77 14.01 -14.56
N VAL E 128 0.16 14.91 -14.86
CA VAL E 128 -0.26 16.23 -15.31
CA VAL E 128 -0.16 16.28 -15.26
C VAL E 128 0.31 16.51 -16.69
N PRO E 129 -0.43 17.23 -17.53
CA PRO E 129 0.06 17.56 -18.86
C PRO E 129 1.10 18.65 -18.78
N ASP E 130 1.88 18.73 -19.85
CA ASP E 130 2.66 19.92 -20.12
C ASP E 130 1.74 21.12 -20.26
N PHE E 131 2.12 22.24 -19.59
CA PHE E 131 1.28 23.42 -19.54
C PHE E 131 1.08 24.02 -20.93
N ASP E 132 2.14 24.01 -21.73
CA ASP E 132 2.01 24.56 -23.09
C ASP E 132 1.03 23.73 -23.94
N VAL E 133 1.10 22.40 -23.83
CA VAL E 133 0.16 21.54 -24.57
C VAL E 133 -1.28 21.77 -24.11
N ALA E 134 -1.50 21.82 -22.79
CA ALA E 134 -2.86 22.02 -22.33
C ALA E 134 -3.40 23.36 -22.81
N THR E 135 -2.57 24.39 -22.74
CA THR E 135 -2.93 25.74 -23.21
C THR E 135 -3.29 25.73 -24.70
N ALA E 136 -2.50 25.01 -25.49
CA ALA E 136 -2.77 24.90 -26.92
C ALA E 136 -4.07 24.16 -27.19
N MET E 137 -4.29 23.05 -26.47
CA MET E 137 -5.53 22.32 -26.68
C MET E 137 -6.75 23.16 -26.31
N LYS E 138 -6.70 23.89 -25.19
CA LYS E 138 -7.84 24.70 -24.81
C LYS E 138 -8.10 25.76 -25.89
N ALA E 139 -7.05 26.40 -26.36
CA ALA E 139 -7.24 27.47 -27.36
C ALA E 139 -7.78 26.89 -28.67
N ALA E 140 -7.22 25.76 -29.11
CA ALA E 140 -7.71 25.14 -30.34
C ALA E 140 -9.17 24.77 -30.18
N ALA E 141 -9.52 24.19 -29.01
CA ALA E 141 -10.90 23.78 -28.84
C ALA E 141 -11.83 24.97 -28.81
N GLN E 142 -11.46 26.02 -28.06
CA GLN E 142 -12.34 27.18 -27.96
C GLN E 142 -12.47 27.93 -29.29
N GLU E 143 -11.35 28.08 -30.00
CA GLU E 143 -11.40 28.82 -31.28
C GLU E 143 -12.23 28.05 -32.29
N SER E 144 -12.29 26.74 -32.17
CA SER E 144 -13.05 25.98 -33.16
C SER E 144 -14.53 26.10 -32.94
N GLY E 145 -14.96 26.71 -31.84
CA GLY E 145 -16.35 26.80 -31.51
C GLY E 145 -16.91 25.62 -30.74
N ALA E 146 -16.08 24.63 -30.39
CA ALA E 146 -16.55 23.51 -29.58
C ALA E 146 -16.91 23.99 -28.18
N THR E 147 -17.72 23.18 -27.51
CA THR E 147 -17.96 23.38 -26.09
C THR E 147 -16.90 22.57 -25.35
N VAL E 148 -16.09 23.27 -24.54
CA VAL E 148 -14.84 22.72 -24.01
C VAL E 148 -14.87 22.78 -22.49
N HIS E 149 -14.34 21.74 -21.84
CA HIS E 149 -14.23 21.70 -20.40
C HIS E 149 -12.81 21.35 -20.07
N MET E 150 -12.25 22.04 -19.08
CA MET E 150 -10.92 21.75 -18.57
C MET E 150 -11.09 21.11 -17.21
N GLY E 151 -10.38 20.01 -16.95
CA GLY E 151 -10.43 19.47 -15.60
C GLY E 151 -9.80 18.10 -15.49
N VAL E 152 -10.08 17.48 -14.35
CA VAL E 152 -9.47 16.22 -13.99
C VAL E 152 -10.16 15.06 -14.72
N THR E 153 -9.37 14.09 -15.17
CA THR E 153 -9.90 12.92 -15.88
C THR E 153 -9.53 11.65 -15.09
N ALA E 154 -10.49 10.73 -14.90
CA ALA E 154 -10.17 9.45 -14.29
C ALA E 154 -9.73 8.49 -15.41
N SER E 155 -8.52 7.96 -15.29
CA SER E 155 -7.88 7.24 -16.39
C SER E 155 -7.70 5.80 -15.94
N SER E 156 -8.46 4.91 -16.54
CA SER E 156 -8.61 3.53 -16.04
C SER E 156 -7.99 2.48 -16.94
N ASP E 157 -7.37 1.45 -16.31
CA ASP E 157 -6.88 0.27 -17.05
C ASP E 157 -7.99 -0.65 -17.50
N THR E 158 -9.25 -0.41 -17.16
CA THR E 158 -10.35 -1.19 -17.72
C THR E 158 -11.44 -0.25 -18.26
N PHE E 159 -12.19 -0.79 -19.22
CA PHE E 159 -13.39 -0.12 -19.70
C PHE E 159 -14.57 -0.42 -18.78
N TYR E 160 -14.58 -1.62 -18.17
CA TYR E 160 -15.77 -2.10 -17.47
C TYR E 160 -15.69 -1.84 -15.97
N PRO E 161 -15.03 -2.64 -15.15
CA PRO E 161 -15.16 -2.41 -13.69
C PRO E 161 -14.50 -1.14 -13.20
N GLY E 162 -13.39 -0.72 -13.80
CA GLY E 162 -12.70 0.49 -13.37
C GLY E 162 -13.41 1.75 -13.75
N GLN E 163 -14.42 1.64 -14.63
CA GLN E 163 -15.34 2.74 -14.91
C GLN E 163 -16.70 2.48 -14.27
N GLU E 164 -16.73 1.56 -13.29
CA GLU E 164 -17.93 1.15 -12.57
C GLU E 164 -19.11 0.85 -13.49
N ARG E 165 -18.86 0.09 -14.56
CA ARG E 165 -19.93 -0.45 -15.38
C ARG E 165 -20.43 -1.76 -14.77
N TYR E 166 -21.75 -1.94 -14.70
CA TYR E 166 -22.39 -3.15 -14.15
C TYR E 166 -23.06 -4.03 -15.21
N ASP E 167 -23.21 -3.56 -16.45
CA ASP E 167 -23.90 -4.36 -17.47
CA ASP E 167 -23.91 -4.34 -17.48
C ASP E 167 -22.90 -5.26 -18.17
N THR E 168 -22.43 -6.22 -17.40
CA THR E 168 -21.32 -7.07 -17.77
C THR E 168 -21.66 -8.52 -17.51
N PHE E 169 -20.71 -9.39 -17.89
CA PHE E 169 -20.91 -10.81 -17.70
C PHE E 169 -21.16 -11.17 -16.24
N THR E 170 -20.31 -10.66 -15.31
CA THR E 170 -20.57 -10.97 -13.90
C THR E 170 -21.52 -10.01 -13.23
N GLY E 171 -21.64 -8.78 -13.72
CA GLY E 171 -22.46 -7.81 -13.03
C GLY E 171 -21.89 -7.33 -11.72
N ARG E 172 -20.61 -7.63 -11.45
CA ARG E 172 -19.92 -7.34 -10.20
CA ARG E 172 -19.99 -7.25 -10.20
C ARG E 172 -18.85 -6.29 -10.49
N VAL E 173 -18.56 -5.44 -9.49
CA VAL E 173 -17.38 -4.58 -9.53
C VAL E 173 -16.62 -4.81 -8.22
N VAL E 174 -15.30 -5.01 -8.32
CA VAL E 174 -14.47 -5.28 -7.15
C VAL E 174 -14.58 -4.12 -6.14
N ARG E 175 -14.43 -4.45 -4.87
CA ARG E 175 -14.56 -3.49 -3.77
C ARG E 175 -13.92 -2.13 -4.08
N ARG E 176 -12.66 -2.13 -4.54
CA ARG E 176 -11.94 -0.88 -4.84
C ARG E 176 -12.78 0.09 -5.65
N PHE E 177 -13.49 -0.41 -6.66
CA PHE E 177 -14.21 0.46 -7.57
C PHE E 177 -15.70 0.61 -7.26
N GLN E 178 -16.22 -0.08 -6.24
CA GLN E 178 -17.62 0.13 -5.87
C GLN E 178 -17.80 1.56 -5.35
N GLY E 179 -18.82 2.27 -5.88
CA GLY E 179 -19.07 3.65 -5.49
C GLY E 179 -18.06 4.63 -6.08
N SER E 180 -17.13 4.15 -6.91
CA SER E 180 -16.08 5.02 -7.40
C SER E 180 -16.57 6.09 -8.39
N MET E 181 -17.59 5.79 -9.20
CA MET E 181 -18.04 6.81 -10.13
C MET E 181 -18.63 8.01 -9.39
N LYS E 182 -19.47 7.76 -8.37
CA LYS E 182 -20.00 8.85 -7.58
C LYS E 182 -18.90 9.57 -6.82
N GLU E 183 -17.92 8.83 -6.30
CA GLU E 183 -16.77 9.48 -5.65
C GLU E 183 -16.12 10.48 -6.59
N TRP E 184 -15.84 10.06 -7.84
CA TRP E 184 -15.19 11.00 -8.75
C TRP E 184 -16.14 12.13 -9.13
N GLN E 185 -17.42 11.82 -9.32
CA GLN E 185 -18.38 12.88 -9.63
CA GLN E 185 -18.38 12.88 -9.63
C GLN E 185 -18.38 13.94 -8.54
N ASP E 186 -18.44 13.50 -7.28
CA ASP E 186 -18.49 14.47 -6.19
C ASP E 186 -17.20 15.28 -6.06
N MET E 187 -16.06 14.71 -6.50
CA MET E 187 -14.79 15.41 -6.53
C MET E 187 -14.61 16.26 -7.76
N GLY E 188 -15.63 16.37 -8.63
CA GLY E 188 -15.51 17.25 -9.78
C GLY E 188 -14.79 16.68 -10.96
N VAL E 189 -14.45 15.38 -10.93
CA VAL E 189 -13.81 14.76 -12.08
C VAL E 189 -14.77 14.78 -13.27
N LEU E 190 -14.23 15.08 -14.46
CA LEU E 190 -15.11 15.29 -15.62
C LEU E 190 -15.45 14.03 -16.39
N ASN E 191 -14.53 13.07 -16.45
CA ASN E 191 -14.63 12.06 -17.50
C ASN E 191 -13.76 10.86 -17.21
N PHE E 192 -14.08 9.76 -17.93
CA PHE E 192 -13.28 8.54 -17.91
C PHE E 192 -12.65 8.33 -19.29
N GLU E 193 -11.37 7.95 -19.32
CA GLU E 193 -10.75 7.36 -20.52
C GLU E 193 -9.68 6.39 -20.04
N MET E 194 -8.83 5.93 -20.96
CA MET E 194 -7.96 4.79 -20.64
C MET E 194 -6.47 4.96 -20.95
N GLU E 195 -5.99 6.16 -21.33
CA GLU E 195 -4.56 6.31 -21.64
C GLU E 195 -3.90 7.50 -21.00
N SER E 196 -4.64 8.50 -20.54
CA SER E 196 -3.99 9.72 -20.08
C SER E 196 -3.09 9.53 -18.85
N ALA E 197 -3.48 8.69 -17.87
CA ALA E 197 -2.63 8.56 -16.69
C ALA E 197 -1.25 8.05 -17.07
N THR E 198 -1.20 7.05 -17.95
CA THR E 198 0.08 6.51 -18.38
C THR E 198 0.86 7.56 -19.19
N LEU E 199 0.18 8.15 -20.18
CA LEU E 199 0.84 9.09 -21.09
C LEU E 199 1.38 10.28 -20.32
N LEU E 200 0.55 10.88 -19.44
CA LEU E 200 0.97 12.10 -18.77
C LEU E 200 2.04 11.82 -17.74
N THR E 201 1.94 10.71 -16.99
CA THR E 201 2.98 10.43 -15.99
C THR E 201 4.30 10.09 -16.66
N MET E 202 4.24 9.24 -17.69
CA MET E 202 5.45 8.88 -18.42
CA MET E 202 5.47 8.89 -18.40
C MET E 202 6.15 10.13 -18.98
N CYS E 203 5.38 10.99 -19.64
CA CYS E 203 6.01 12.14 -20.28
C CYS E 203 6.50 13.17 -19.26
N ALA E 204 5.71 13.47 -18.21
CA ALA E 204 6.08 14.51 -17.26
C ALA E 204 7.27 14.09 -16.44
N SER E 205 7.54 12.80 -16.35
CA SER E 205 8.72 12.30 -15.62
C SER E 205 9.89 11.95 -16.51
N SER E 206 9.78 12.21 -17.82
CA SER E 206 10.77 11.78 -18.79
C SER E 206 11.20 12.89 -19.74
N GLY E 207 10.83 14.14 -19.49
CA GLY E 207 11.33 15.21 -20.35
C GLY E 207 10.58 15.36 -21.65
N LEU E 208 9.34 14.86 -21.72
CA LEU E 208 8.51 14.92 -22.91
C LEU E 208 7.25 15.74 -22.62
N LYS E 209 6.75 16.44 -23.63
CA LYS E 209 5.58 17.29 -23.50
C LYS E 209 4.36 16.53 -23.97
N ALA E 210 3.33 16.44 -23.14
CA ALA E 210 2.14 15.69 -23.48
C ALA E 210 0.87 16.39 -23.02
N GLY E 211 -0.24 16.11 -23.71
CA GLY E 211 -1.57 16.48 -23.28
C GLY E 211 -2.59 15.52 -23.87
N CYS E 212 -3.83 15.67 -23.41
CA CYS E 212 -4.93 14.79 -23.80
CA CYS E 212 -4.93 14.80 -23.82
C CYS E 212 -6.16 15.67 -24.03
N VAL E 213 -6.73 15.60 -25.24
CA VAL E 213 -8.05 16.14 -25.51
C VAL E 213 -8.93 14.99 -26.03
N ALA E 214 -10.18 14.93 -25.56
CA ALA E 214 -11.04 13.82 -25.95
C ALA E 214 -12.47 14.32 -26.19
N GLY E 215 -13.11 13.71 -27.19
CA GLY E 215 -14.51 13.98 -27.47
C GLY E 215 -15.45 13.08 -26.68
N VAL E 216 -16.48 13.70 -26.08
CA VAL E 216 -17.42 12.97 -25.23
C VAL E 216 -18.35 12.18 -26.12
N ILE E 217 -18.34 10.84 -25.96
CA ILE E 217 -19.21 9.99 -26.76
C ILE E 217 -20.36 9.40 -25.95
N ILE E 218 -20.40 9.62 -24.64
CA ILE E 218 -21.47 9.09 -23.79
C ILE E 218 -21.45 9.91 -22.52
N ASN E 219 -22.63 10.09 -21.94
CA ASN E 219 -22.76 10.64 -20.60
C ASN E 219 -23.19 9.52 -19.65
N ARG E 220 -22.33 9.21 -18.68
CA ARG E 220 -22.53 8.07 -17.78
C ARG E 220 -23.61 8.30 -16.72
N THR E 221 -24.13 9.53 -16.57
CA THR E 221 -25.30 9.68 -15.72
C THR E 221 -26.55 9.11 -16.41
N GLN E 222 -26.42 8.76 -17.68
CA GLN E 222 -27.49 8.17 -18.50
C GLN E 222 -27.33 6.66 -18.66
N LYS E 223 -26.20 6.21 -19.19
CA LYS E 223 -26.12 4.82 -19.63
C LYS E 223 -24.66 4.41 -19.73
N GLU E 224 -24.44 3.13 -20.02
CA GLU E 224 -23.11 2.53 -20.06
C GLU E 224 -22.52 2.33 -21.44
N ILE E 225 -23.29 2.01 -22.46
CA ILE E 225 -22.76 1.70 -23.78
C ILE E 225 -22.99 2.88 -24.71
N PRO E 226 -21.94 3.43 -25.33
CA PRO E 226 -22.13 4.63 -26.16
C PRO E 226 -23.01 4.34 -27.37
N ASP E 227 -23.82 5.33 -27.75
CA ASP E 227 -24.64 5.26 -28.94
C ASP E 227 -23.77 5.39 -30.19
N HIS E 228 -24.08 4.59 -31.20
CA HIS E 228 -23.26 4.59 -32.41
C HIS E 228 -23.43 5.88 -33.21
N ALA E 229 -24.62 6.46 -33.20
CA ALA E 229 -24.95 7.46 -34.20
C ALA E 229 -24.08 8.70 -34.09
N THR E 230 -23.67 9.04 -32.89
CA THR E 230 -22.92 10.28 -32.65
C THR E 230 -21.41 10.10 -32.68
N LEU E 231 -20.90 8.89 -32.92
CA LEU E 231 -19.46 8.67 -32.83
C LEU E 231 -18.69 9.41 -33.92
N LYS E 232 -19.17 9.34 -35.18
CA LYS E 232 -18.45 9.90 -36.30
C LYS E 232 -18.28 11.42 -36.18
N GLU E 233 -19.37 12.14 -35.92
CA GLU E 233 -19.28 13.60 -35.85
C GLU E 233 -18.42 14.07 -34.67
N THR E 234 -18.51 13.39 -33.51
CA THR E 234 -17.68 13.78 -32.38
C THR E 234 -16.21 13.58 -32.70
N GLU E 235 -15.89 12.45 -33.34
CA GLU E 235 -14.51 12.20 -33.70
C GLU E 235 -14.00 13.23 -34.69
N ALA E 236 -14.80 13.55 -35.71
CA ALA E 236 -14.39 14.56 -36.68
C ALA E 236 -14.06 15.87 -36.00
N ARG E 237 -14.87 16.27 -35.02
CA ARG E 237 -14.63 17.53 -34.31
C ARG E 237 -13.33 17.44 -33.51
N SER E 238 -13.12 16.32 -32.84
CA SER E 238 -11.94 16.14 -32.00
CA SER E 238 -11.95 16.17 -32.00
C SER E 238 -10.65 16.20 -32.80
N ILE E 239 -10.66 15.64 -34.02
CA ILE E 239 -9.40 15.63 -34.73
C ILE E 239 -9.11 16.98 -35.37
N LYS E 240 -10.15 17.74 -35.77
CA LYS E 240 -9.92 19.12 -36.18
C LYS E 240 -9.26 19.91 -35.04
N VAL E 241 -9.73 19.69 -33.80
CA VAL E 241 -9.20 20.41 -32.65
C VAL E 241 -7.74 20.01 -32.42
N VAL E 242 -7.44 18.70 -32.45
CA VAL E 242 -6.07 18.30 -32.13
C VAL E 242 -5.07 18.79 -33.18
N VAL E 243 -5.47 18.84 -34.47
CA VAL E 243 -4.55 19.32 -35.49
C VAL E 243 -4.25 20.80 -35.30
N GLU E 244 -5.27 21.58 -34.92
CA GLU E 244 -5.04 22.98 -34.58
C GLU E 244 -4.15 23.13 -33.34
N ALA E 245 -4.34 22.24 -32.35
CA ALA E 245 -3.45 22.30 -31.19
C ALA E 245 -2.01 21.99 -31.58
N ALA E 246 -1.82 21.05 -32.50
CA ALA E 246 -0.48 20.79 -33.00
C ALA E 246 0.11 22.02 -33.71
N ARG E 247 -0.70 22.69 -34.55
CA ARG E 247 -0.24 23.94 -35.19
CA ARG E 247 -0.25 23.95 -35.18
C ARG E 247 0.31 24.92 -34.14
N LYS E 248 -0.38 25.04 -33.01
CA LYS E 248 0.01 25.98 -31.98
C LYS E 248 1.31 25.55 -31.31
N MET E 249 1.56 24.24 -31.25
CA MET E 249 2.79 23.78 -30.61
C MET E 249 4.00 23.90 -31.51
N LEU E 250 3.80 24.04 -32.82
CA LEU E 250 4.95 24.02 -33.72
C LEU E 250 5.77 25.28 -33.56
N LYS E 251 5.16 26.42 -33.80
CA LYS E 251 5.83 27.71 -33.63
C LYS E 251 4.72 28.73 -33.83
N LYS F 1 -26.95 -5.76 -28.92
CA LYS F 1 -26.88 -7.15 -29.36
C LYS F 1 -25.51 -7.41 -29.94
N THR F 2 -24.88 -6.38 -30.49
CA THR F 2 -23.49 -6.47 -30.90
C THR F 2 -22.59 -5.70 -29.94
N VAL F 3 -21.56 -6.40 -29.45
CA VAL F 3 -20.73 -5.83 -28.39
C VAL F 3 -19.96 -4.64 -28.93
N PHE F 4 -19.67 -3.69 -28.04
CA PHE F 4 -19.27 -2.37 -28.49
C PHE F 4 -17.90 -2.37 -29.17
N HIS F 5 -16.90 -3.07 -28.60
CA HIS F 5 -15.59 -3.01 -29.24
C HIS F 5 -15.37 -4.08 -30.28
N LEU F 6 -15.84 -5.30 -30.03
CA LEU F 6 -15.51 -6.36 -30.98
C LEU F 6 -16.41 -6.35 -32.20
N GLY F 7 -17.59 -5.72 -32.13
CA GLY F 7 -18.38 -5.63 -33.33
C GLY F 7 -18.97 -6.93 -33.82
N VAL F 8 -19.22 -7.89 -32.92
CA VAL F 8 -19.84 -9.16 -33.27
C VAL F 8 -21.02 -9.43 -32.34
N THR F 9 -21.84 -10.38 -32.75
CA THR F 9 -23.00 -10.80 -31.99
C THR F 9 -22.81 -12.23 -31.51
N GLU F 10 -23.66 -12.67 -30.56
CA GLU F 10 -23.57 -14.05 -30.13
C GLU F 10 -23.80 -15.00 -31.30
N ALA F 11 -24.77 -14.68 -32.17
CA ALA F 11 -25.06 -15.55 -33.30
C ALA F 11 -23.86 -15.70 -34.22
N ASP F 12 -23.03 -14.65 -34.33
CA ASP F 12 -21.83 -14.73 -35.16
C ASP F 12 -20.87 -15.82 -34.70
N LEU F 13 -20.92 -16.15 -33.40
CA LEU F 13 -19.97 -17.13 -32.87
C LEU F 13 -20.41 -18.57 -33.05
N ASN F 14 -21.65 -18.81 -33.50
CA ASN F 14 -22.11 -20.17 -33.85
CA ASN F 14 -22.09 -20.16 -33.86
C ASN F 14 -21.93 -21.13 -32.69
N GLY F 15 -22.17 -20.65 -31.47
CA GLY F 15 -22.15 -21.52 -30.33
C GLY F 15 -20.79 -21.71 -29.67
N ALA F 16 -19.75 -21.00 -30.13
CA ALA F 16 -18.43 -21.14 -29.52
C ALA F 16 -18.48 -20.81 -28.03
N THR F 17 -17.87 -21.68 -27.23
CA THR F 17 -17.62 -21.37 -25.82
C THR F 17 -16.14 -21.27 -25.49
N LEU F 18 -15.28 -21.44 -26.46
CA LEU F 18 -13.85 -21.38 -26.25
C LEU F 18 -13.26 -20.40 -27.26
N ALA F 19 -12.32 -19.56 -26.77
CA ALA F 19 -11.65 -18.56 -27.61
C ALA F 19 -10.16 -18.78 -27.47
N ILE F 20 -9.46 -18.66 -28.59
CA ILE F 20 -8.02 -18.55 -28.60
C ILE F 20 -7.69 -17.07 -28.79
N ILE F 21 -6.85 -16.51 -27.91
CA ILE F 21 -6.64 -15.07 -27.84
C ILE F 21 -5.16 -14.70 -27.98
N PRO F 22 -4.63 -14.55 -29.19
CA PRO F 22 -3.26 -14.03 -29.36
C PRO F 22 -3.25 -12.53 -29.11
N GLY F 23 -2.05 -12.00 -28.84
CA GLY F 23 -1.90 -10.55 -28.71
C GLY F 23 -2.01 -9.82 -30.03
N ASP F 24 -1.38 -10.36 -31.06
CA ASP F 24 -1.18 -9.71 -32.35
C ASP F 24 -2.36 -9.99 -33.27
N PRO F 25 -3.07 -8.97 -33.76
CA PRO F 25 -4.17 -9.19 -34.73
C PRO F 25 -3.77 -10.03 -35.95
N ALA F 26 -2.52 -9.93 -36.40
CA ALA F 26 -2.10 -10.68 -37.58
C ALA F 26 -2.06 -12.17 -37.30
N ARG F 27 -1.99 -12.58 -36.03
CA ARG F 27 -1.93 -13.99 -35.70
C ARG F 27 -3.28 -14.67 -35.79
N VAL F 28 -4.37 -13.91 -35.77
CA VAL F 28 -5.72 -14.46 -35.67
C VAL F 28 -6.03 -15.36 -36.88
N GLN F 29 -5.81 -14.87 -38.09
CA GLN F 29 -6.13 -15.63 -39.30
C GLN F 29 -5.25 -16.87 -39.36
N LYS F 30 -3.98 -16.73 -38.92
CA LYS F 30 -3.06 -17.87 -38.94
C LYS F 30 -3.55 -19.00 -38.04
N ILE F 31 -4.04 -18.66 -36.85
CA ILE F 31 -4.60 -19.66 -35.96
C ILE F 31 -5.88 -20.26 -36.55
N ALA F 32 -6.77 -19.40 -37.06
CA ALA F 32 -8.05 -19.87 -37.59
C ALA F 32 -7.85 -20.86 -38.73
N GLU F 33 -6.78 -20.68 -39.48
CA GLU F 33 -6.51 -21.52 -40.63
C GLU F 33 -5.92 -22.87 -40.28
N LEU F 34 -5.53 -23.09 -39.03
CA LEU F 34 -5.19 -24.44 -38.57
C LEU F 34 -6.43 -25.27 -38.30
N MET F 35 -7.61 -24.64 -38.29
CA MET F 35 -8.90 -25.24 -37.99
C MET F 35 -9.75 -25.29 -39.26
N ASP F 36 -10.96 -25.78 -39.13
CA ASP F 36 -11.84 -26.00 -40.28
C ASP F 36 -12.75 -24.80 -40.51
N ASN F 37 -13.05 -24.50 -41.76
CA ASN F 37 -14.04 -23.49 -42.12
C ASN F 37 -13.82 -22.14 -41.43
N PRO F 38 -12.60 -21.58 -41.49
CA PRO F 38 -12.35 -20.30 -40.83
C PRO F 38 -13.12 -19.21 -41.56
N VAL F 39 -13.74 -18.33 -40.79
CA VAL F 39 -14.46 -17.19 -41.36
C VAL F 39 -14.08 -15.93 -40.61
N PHE F 40 -13.72 -14.90 -41.36
CA PHE F 40 -13.52 -13.58 -40.80
C PHE F 40 -14.82 -13.02 -40.30
N LEU F 41 -14.83 -12.51 -39.07
CA LEU F 41 -16.05 -11.90 -38.54
C LEU F 41 -15.96 -10.38 -38.46
N ALA F 42 -14.84 -9.85 -37.98
CA ALA F 42 -14.79 -8.40 -37.73
C ALA F 42 -13.36 -7.99 -37.47
N SER F 43 -13.06 -6.72 -37.79
CA SER F 43 -11.80 -6.13 -37.34
C SER F 43 -12.11 -4.70 -36.93
N HIS F 44 -11.90 -4.39 -35.65
CA HIS F 44 -12.05 -3.03 -35.13
C HIS F 44 -10.90 -2.81 -34.18
N ARG F 45 -10.20 -1.68 -34.32
CA ARG F 45 -9.07 -1.39 -33.45
C ARG F 45 -8.12 -2.60 -33.47
N GLU F 46 -7.58 -2.98 -32.31
CA GLU F 46 -6.66 -4.11 -32.19
C GLU F 46 -7.36 -5.46 -32.19
N TYR F 47 -8.68 -5.50 -32.42
CA TYR F 47 -9.48 -6.71 -32.26
C TYR F 47 -9.86 -7.28 -33.63
N THR F 48 -9.12 -8.31 -34.09
CA THR F 48 -9.49 -9.07 -35.26
C THR F 48 -10.12 -10.38 -34.77
N VAL F 49 -11.28 -10.72 -35.32
CA VAL F 49 -12.11 -11.80 -34.81
C VAL F 49 -12.42 -12.74 -35.97
N TYR F 50 -12.07 -14.02 -35.82
CA TYR F 50 -12.44 -15.09 -36.72
C TYR F 50 -13.20 -16.17 -35.95
N ARG F 51 -13.99 -16.94 -36.67
CA ARG F 51 -14.56 -18.18 -36.17
CA ARG F 51 -14.49 -18.19 -36.13
C ARG F 51 -13.99 -19.34 -36.99
N ALA F 52 -13.92 -20.51 -36.36
CA ALA F 52 -13.56 -21.73 -37.07
C ALA F 52 -14.17 -22.92 -36.33
N GLU F 53 -13.88 -24.11 -36.83
CA GLU F 53 -14.44 -25.31 -36.26
C GLU F 53 -13.31 -26.27 -35.98
N LEU F 54 -13.36 -26.87 -34.80
CA LEU F 54 -12.35 -27.77 -34.30
C LEU F 54 -13.10 -29.03 -33.86
N ASP F 55 -12.86 -30.14 -34.55
CA ASP F 55 -13.57 -31.38 -34.23
C ASP F 55 -15.07 -31.15 -34.18
N GLY F 56 -15.56 -30.33 -35.10
CA GLY F 56 -16.99 -30.09 -35.18
C GLY F 56 -17.54 -29.04 -34.25
N GLN F 57 -16.73 -28.45 -33.38
CA GLN F 57 -17.22 -27.45 -32.46
C GLN F 57 -16.69 -26.07 -32.86
N SER F 58 -17.53 -25.06 -32.71
CA SER F 58 -17.12 -23.70 -33.03
C SER F 58 -16.12 -23.18 -32.03
N VAL F 59 -15.13 -22.48 -32.54
CA VAL F 59 -14.10 -21.84 -31.74
C VAL F 59 -13.93 -20.42 -32.27
N VAL F 60 -13.77 -19.45 -31.36
CA VAL F 60 -13.47 -18.08 -31.76
CA VAL F 60 -13.48 -18.07 -31.74
C VAL F 60 -11.98 -17.85 -31.60
N VAL F 61 -11.42 -17.05 -32.51
CA VAL F 61 -10.06 -16.53 -32.41
C VAL F 61 -10.16 -15.02 -32.39
N CYS F 62 -9.59 -14.37 -31.37
CA CYS F 62 -9.76 -12.93 -31.23
C CYS F 62 -8.49 -12.35 -30.63
N SER F 63 -7.90 -11.36 -31.30
CA SER F 63 -6.71 -10.73 -30.73
C SER F 63 -7.08 -9.83 -29.55
N THR F 64 -6.08 -9.61 -28.70
CA THR F 64 -6.27 -8.81 -27.50
C THR F 64 -5.61 -7.45 -27.59
N GLY F 65 -4.67 -7.24 -28.53
CA GLY F 65 -3.75 -6.14 -28.38
C GLY F 65 -2.72 -6.38 -27.29
N ILE F 66 -1.77 -5.46 -27.21
CA ILE F 66 -0.78 -5.49 -26.13
C ILE F 66 -1.37 -4.91 -24.85
N GLY F 67 -1.23 -5.65 -23.76
CA GLY F 67 -1.54 -5.15 -22.43
C GLY F 67 -2.84 -5.64 -21.85
N GLY F 68 -2.89 -5.60 -20.51
CA GLY F 68 -4.09 -5.93 -19.80
C GLY F 68 -5.33 -5.13 -20.16
N PRO F 69 -5.24 -3.80 -20.35
CA PRO F 69 -6.48 -3.05 -20.62
C PRO F 69 -7.20 -3.55 -21.88
N SER F 70 -6.50 -3.66 -23.00
CA SER F 70 -7.19 -4.11 -24.20
C SER F 70 -7.61 -5.59 -24.09
N THR F 71 -6.81 -6.40 -23.40
CA THR F 71 -7.20 -7.79 -23.17
C THR F 71 -8.50 -7.87 -22.39
N SER F 72 -8.61 -7.04 -21.33
CA SER F 72 -9.79 -7.11 -20.47
C SER F 72 -11.06 -6.84 -21.25
N ILE F 73 -11.02 -5.92 -22.23
CA ILE F 73 -12.20 -5.64 -23.03
C ILE F 73 -12.58 -6.85 -23.87
N ALA F 74 -11.58 -7.47 -24.52
CA ALA F 74 -11.87 -8.61 -25.37
C ALA F 74 -12.47 -9.76 -24.55
N VAL F 75 -11.88 -10.07 -23.39
CA VAL F 75 -12.39 -11.20 -22.62
C VAL F 75 -13.81 -10.91 -22.15
N GLU F 76 -14.06 -9.69 -21.65
CA GLU F 76 -15.39 -9.33 -21.15
C GLU F 76 -16.44 -9.46 -22.25
N GLU F 77 -16.16 -8.89 -23.43
CA GLU F 77 -17.17 -8.90 -24.48
C GLU F 77 -17.39 -10.30 -25.02
N LEU F 78 -16.33 -11.12 -25.14
CA LEU F 78 -16.52 -12.52 -25.52
C LEU F 78 -17.33 -13.27 -24.46
N ALA F 79 -17.06 -13.03 -23.18
CA ALA F 79 -17.85 -13.68 -22.14
C ALA F 79 -19.32 -13.29 -22.22
N GLN F 80 -19.61 -12.02 -22.55
CA GLN F 80 -21.01 -11.61 -22.76
C GLN F 80 -21.68 -12.44 -23.85
N LEU F 81 -20.90 -12.90 -24.83
CA LEU F 81 -21.37 -13.67 -25.98
C LEU F 81 -21.26 -15.18 -25.77
N GLY F 82 -21.00 -15.61 -24.54
CA GLY F 82 -21.07 -17.02 -24.16
C GLY F 82 -19.73 -17.72 -24.08
N VAL F 83 -18.61 -17.02 -24.33
CA VAL F 83 -17.31 -17.69 -24.24
C VAL F 83 -16.94 -17.89 -22.78
N ARG F 84 -16.48 -19.09 -22.43
CA ARG F 84 -16.14 -19.39 -21.04
C ARG F 84 -14.70 -19.82 -20.87
N THR F 85 -14.01 -20.18 -21.96
CA THR F 85 -12.62 -20.66 -21.89
C THR F 85 -11.76 -19.83 -22.81
N PHE F 86 -10.61 -19.39 -22.32
CA PHE F 86 -9.75 -18.43 -23.02
C PHE F 86 -8.34 -18.97 -23.02
N LEU F 87 -7.77 -19.28 -24.21
CA LEU F 87 -6.41 -19.74 -24.31
C LEU F 87 -5.55 -18.66 -24.93
N ARG F 88 -4.71 -18.02 -24.12
CA ARG F 88 -3.75 -17.06 -24.69
C ARG F 88 -2.53 -17.77 -25.27
N VAL F 89 -2.17 -17.35 -26.49
CA VAL F 89 -0.92 -17.74 -27.13
C VAL F 89 -0.12 -16.46 -27.38
N GLY F 90 1.10 -16.41 -26.84
CA GLY F 90 1.87 -15.18 -26.84
C GLY F 90 3.31 -15.37 -27.28
N THR F 91 4.04 -14.27 -27.19
CA THR F 91 5.50 -14.25 -27.31
C THR F 91 6.08 -13.77 -25.99
N THR F 92 7.34 -14.11 -25.74
CA THR F 92 7.83 -13.84 -24.40
C THR F 92 9.35 -13.74 -24.40
N GLY F 93 9.88 -13.05 -23.38
CA GLY F 93 11.31 -13.00 -23.16
C GLY F 93 11.67 -13.86 -21.97
N ALA F 94 12.52 -14.88 -22.18
CA ALA F 94 12.96 -15.71 -21.07
C ALA F 94 14.04 -15.01 -20.28
N ILE F 95 14.06 -15.25 -18.97
CA ILE F 95 15.06 -14.64 -18.12
C ILE F 95 15.94 -15.66 -17.41
N GLN F 96 15.77 -16.96 -17.69
CA GLN F 96 16.61 -18.00 -17.12
C GLN F 96 17.54 -18.54 -18.19
N PRO F 97 18.79 -18.85 -17.82
CA PRO F 97 19.81 -19.20 -18.82
C PRO F 97 19.46 -20.33 -19.75
N HIS F 98 18.69 -21.32 -19.32
CA HIS F 98 18.56 -22.48 -20.21
C HIS F 98 17.18 -22.63 -20.81
N VAL F 99 16.46 -21.53 -20.89
CA VAL F 99 15.12 -21.48 -21.47
C VAL F 99 15.32 -20.79 -22.81
N ASN F 100 15.47 -21.59 -23.86
CA ASN F 100 16.05 -21.11 -25.11
C ASN F 100 14.98 -20.53 -26.04
N VAL F 101 15.45 -19.69 -26.97
CA VAL F 101 14.56 -19.20 -28.02
C VAL F 101 13.93 -20.40 -28.72
N GLY F 102 12.65 -20.33 -28.95
CA GLY F 102 11.97 -21.44 -29.56
C GLY F 102 11.27 -22.36 -28.58
N ASP F 103 11.66 -22.33 -27.31
CA ASP F 103 10.96 -23.13 -26.32
C ASP F 103 9.58 -22.54 -26.06
N MET F 104 8.72 -23.34 -25.42
CA MET F 104 7.40 -22.89 -24.98
CA MET F 104 7.38 -22.93 -24.97
C MET F 104 7.36 -22.81 -23.46
N ILE F 105 6.65 -21.81 -22.95
CA ILE F 105 6.44 -21.66 -21.52
C ILE F 105 4.94 -21.63 -21.27
N VAL F 106 4.47 -22.50 -20.37
CA VAL F 106 3.10 -22.49 -19.88
C VAL F 106 3.14 -21.87 -18.48
N THR F 107 2.45 -20.75 -18.31
CA THR F 107 2.42 -20.03 -17.05
C THR F 107 1.60 -20.78 -15.99
N THR F 108 2.23 -21.01 -14.82
CA THR F 108 1.48 -21.61 -13.72
C THR F 108 0.99 -20.57 -12.74
N GLY F 109 1.52 -19.35 -12.82
CA GLY F 109 1.04 -18.22 -12.04
C GLY F 109 1.80 -17.01 -12.53
N SER F 110 1.22 -15.81 -12.41
CA SER F 110 1.87 -14.58 -12.87
C SER F 110 2.18 -13.63 -11.71
N VAL F 111 3.38 -13.06 -11.78
CA VAL F 111 3.68 -11.89 -10.94
C VAL F 111 2.88 -10.72 -11.53
N ARG F 112 2.01 -10.12 -10.72
CA ARG F 112 1.05 -9.11 -11.17
C ARG F 112 1.72 -7.73 -11.21
N LEU F 113 2.51 -7.47 -12.26
CA LEU F 113 3.17 -6.18 -12.48
C LEU F 113 2.33 -5.32 -13.44
N ASP F 114 1.02 -5.46 -13.34
CA ASP F 114 0.05 -4.81 -14.21
C ASP F 114 -0.89 -4.00 -13.33
N GLY F 115 -1.79 -3.28 -13.95
CA GLY F 115 -2.82 -2.55 -13.24
C GLY F 115 -4.20 -3.18 -13.42
N ALA F 116 -4.50 -3.79 -14.59
CA ALA F 116 -5.88 -4.20 -14.80
C ALA F 116 -6.29 -5.34 -13.87
N SER F 117 -5.35 -6.21 -13.46
CA SER F 117 -5.72 -7.30 -12.56
C SER F 117 -6.40 -6.77 -11.30
N LEU F 118 -5.99 -5.58 -10.82
CA LEU F 118 -6.53 -4.96 -9.61
C LEU F 118 -7.94 -4.42 -9.82
N HIS F 119 -8.42 -4.36 -11.09
CA HIS F 119 -9.79 -3.99 -11.33
C HIS F 119 -10.72 -5.17 -11.21
N PHE F 120 -10.17 -6.38 -10.94
CA PHE F 120 -10.96 -7.59 -10.74
C PHE F 120 -10.77 -8.20 -9.38
N ALA F 121 -9.59 -8.08 -8.80
CA ALA F 121 -9.36 -8.66 -7.48
C ALA F 121 -8.19 -7.93 -6.83
N PRO F 122 -8.16 -7.85 -5.51
CA PRO F 122 -7.05 -7.18 -4.83
C PRO F 122 -5.76 -7.97 -5.04
N MET F 123 -4.65 -7.33 -4.76
CA MET F 123 -3.33 -7.85 -5.12
C MET F 123 -3.06 -9.23 -4.52
N GLU F 124 -3.66 -9.51 -3.34
CA GLU F 124 -3.48 -10.78 -2.64
CA GLU F 124 -3.38 -10.79 -2.71
C GLU F 124 -3.98 -11.97 -3.46
N PHE F 125 -4.92 -11.73 -4.38
CA PHE F 125 -5.51 -12.81 -5.14
C PHE F 125 -4.49 -13.38 -6.14
N PRO F 126 -4.39 -14.70 -6.30
CA PRO F 126 -3.36 -15.27 -7.18
C PRO F 126 -3.75 -15.21 -8.67
N ALA F 127 -2.83 -14.72 -9.50
CA ALA F 127 -3.03 -14.75 -10.95
C ALA F 127 -2.66 -16.14 -11.46
N VAL F 128 -3.62 -17.06 -11.35
CA VAL F 128 -3.42 -18.50 -11.56
CA VAL F 128 -3.33 -18.46 -11.68
C VAL F 128 -4.25 -18.95 -12.77
N PRO F 129 -3.76 -19.84 -13.63
CA PRO F 129 -4.59 -20.39 -14.70
C PRO F 129 -5.56 -21.42 -14.14
N ASP F 130 -6.56 -21.72 -14.96
CA ASP F 130 -7.37 -22.89 -14.73
C ASP F 130 -6.48 -24.12 -14.88
N PHE F 131 -6.62 -25.08 -13.94
CA PHE F 131 -5.71 -26.21 -13.93
C PHE F 131 -5.87 -27.09 -15.17
N ASP F 132 -7.10 -27.28 -15.62
CA ASP F 132 -7.32 -28.09 -16.83
C ASP F 132 -6.66 -27.43 -18.05
N VAL F 133 -6.80 -26.10 -18.19
CA VAL F 133 -6.14 -25.41 -19.31
C VAL F 133 -4.62 -25.58 -19.26
N ALA F 134 -4.02 -25.32 -18.08
CA ALA F 134 -2.57 -25.46 -17.97
C ALA F 134 -2.15 -26.88 -18.31
N THR F 135 -2.92 -27.86 -17.85
CA THR F 135 -2.61 -29.27 -18.13
C THR F 135 -2.68 -29.56 -19.64
N ALA F 136 -3.74 -29.07 -20.29
CA ALA F 136 -3.92 -29.25 -21.72
C ALA F 136 -2.80 -28.58 -22.49
N MET F 137 -2.38 -27.39 -22.06
CA MET F 137 -1.28 -26.68 -22.69
C MET F 137 0.03 -27.44 -22.59
N LYS F 138 0.32 -27.98 -21.41
CA LYS F 138 1.57 -28.73 -21.24
C LYS F 138 1.56 -29.97 -22.14
N ALA F 139 0.46 -30.69 -22.15
CA ALA F 139 0.38 -31.92 -22.95
C ALA F 139 0.48 -31.60 -24.44
N ALA F 140 -0.28 -30.62 -24.89
CA ALA F 140 -0.19 -30.21 -26.29
C ALA F 140 1.21 -29.76 -26.66
N ALA F 141 1.90 -29.06 -25.77
CA ALA F 141 3.25 -28.64 -26.08
C ALA F 141 4.18 -29.84 -26.20
N GLN F 142 4.13 -30.76 -25.23
CA GLN F 142 4.98 -31.94 -25.31
C GLN F 142 4.69 -32.73 -26.57
N GLU F 143 3.41 -32.93 -26.90
CA GLU F 143 3.04 -33.75 -28.05
C GLU F 143 3.42 -33.11 -29.37
N SER F 144 3.62 -31.81 -29.41
CA SER F 144 4.08 -31.16 -30.64
C SER F 144 5.59 -31.26 -30.82
N GLY F 145 6.31 -31.87 -29.88
CA GLY F 145 7.75 -31.93 -29.98
C GLY F 145 8.47 -30.73 -29.39
N ALA F 146 7.75 -29.73 -28.91
CA ALA F 146 8.38 -28.55 -28.34
C ALA F 146 9.09 -28.89 -27.03
N THR F 147 10.07 -28.06 -26.67
CA THR F 147 10.62 -28.07 -25.32
C THR F 147 9.79 -27.12 -24.46
N VAL F 148 9.16 -27.66 -23.42
CA VAL F 148 8.15 -26.97 -22.61
CA VAL F 148 8.20 -26.88 -22.64
C VAL F 148 8.68 -26.74 -21.20
N HIS F 149 8.39 -25.56 -20.65
CA HIS F 149 8.69 -25.24 -19.26
C HIS F 149 7.44 -24.74 -18.59
N MET F 150 7.16 -25.25 -17.38
CA MET F 150 6.05 -24.77 -16.54
C MET F 150 6.61 -23.89 -15.43
N GLY F 151 6.03 -22.71 -15.24
CA GLY F 151 6.48 -21.95 -14.09
C GLY F 151 5.89 -20.55 -14.08
N VAL F 152 6.47 -19.72 -13.19
CA VAL F 152 5.95 -18.38 -12.92
C VAL F 152 6.41 -17.39 -13.98
N THR F 153 5.48 -16.53 -14.41
CA THR F 153 5.74 -15.51 -15.42
C THR F 153 5.59 -14.13 -14.80
N ALA F 154 6.53 -13.21 -15.06
CA ALA F 154 6.38 -11.81 -14.66
C ALA F 154 5.60 -11.08 -15.74
N SER F 155 4.44 -10.54 -15.36
CA SER F 155 3.52 -9.97 -16.35
C SER F 155 3.43 -8.45 -16.14
N SER F 156 4.01 -7.69 -17.07
CA SER F 156 4.30 -6.27 -16.90
C SER F 156 3.44 -5.39 -17.80
N ASP F 157 2.98 -4.26 -17.23
CA ASP F 157 2.29 -3.27 -18.04
C ASP F 157 3.20 -2.49 -18.95
N THR F 158 4.52 -2.67 -18.90
CA THR F 158 5.42 -2.05 -19.86
C THR F 158 6.36 -3.06 -20.50
N PHE F 159 6.80 -2.74 -21.72
CA PHE F 159 7.84 -3.53 -22.36
C PHE F 159 9.21 -3.10 -21.86
N TYR F 160 9.35 -1.83 -21.44
CA TYR F 160 10.67 -1.25 -21.20
C TYR F 160 11.00 -1.21 -19.71
N PRO F 161 10.57 -0.21 -18.91
CA PRO F 161 11.07 -0.19 -17.53
C PRO F 161 10.60 -1.37 -16.69
N GLY F 162 9.35 -1.82 -16.86
CA GLY F 162 8.85 -2.94 -16.08
C GLY F 162 9.51 -4.26 -16.39
N GLN F 163 10.26 -4.33 -17.48
CA GLN F 163 11.11 -5.48 -17.79
C GLN F 163 12.59 -5.14 -17.59
N GLU F 164 12.82 -4.05 -16.86
CA GLU F 164 14.15 -3.53 -16.53
C GLU F 164 15.06 -3.44 -17.77
N ARG F 165 14.53 -2.86 -18.86
CA ARG F 165 15.34 -2.48 -20.01
C ARG F 165 15.87 -1.06 -19.81
N TYR F 166 17.16 -0.89 -20.03
CA TYR F 166 17.83 0.40 -19.91
C TYR F 166 18.14 1.01 -21.27
N ASP F 167 17.97 0.25 -22.34
CA ASP F 167 18.29 0.71 -23.69
CA ASP F 167 18.26 0.67 -23.71
C ASP F 167 17.10 1.53 -24.22
N THR F 168 16.94 2.71 -23.62
CA THR F 168 15.72 3.49 -23.82
C THR F 168 16.04 4.98 -23.93
N PHE F 169 15.02 5.76 -24.26
CA PHE F 169 15.19 7.21 -24.40
C PHE F 169 15.79 7.83 -23.15
N THR F 170 15.26 7.50 -21.96
CA THR F 170 15.84 8.12 -20.77
C THR F 170 16.97 7.31 -20.17
N GLY F 171 17.01 6.00 -20.43
CA GLY F 171 18.01 5.16 -19.84
C GLY F 171 17.83 4.91 -18.35
N ARG F 172 16.69 5.26 -17.78
CA ARG F 172 16.53 4.98 -16.37
CA ARG F 172 16.42 5.13 -16.36
C ARG F 172 15.28 4.14 -16.14
N VAL F 173 15.27 3.50 -14.97
CA VAL F 173 14.18 2.64 -14.54
C VAL F 173 13.80 3.13 -13.15
N VAL F 174 12.50 3.37 -12.92
CA VAL F 174 12.04 3.88 -11.62
C VAL F 174 12.43 2.88 -10.53
N ARG F 175 12.62 3.43 -9.33
CA ARG F 175 13.04 2.67 -8.16
C ARG F 175 12.37 1.31 -8.02
N ARG F 176 11.03 1.27 -8.14
CA ARG F 176 10.27 0.01 -8.00
C ARG F 176 10.88 -1.11 -8.82
N PHE F 177 11.34 -0.81 -10.03
CA PHE F 177 11.81 -1.84 -10.94
C PHE F 177 13.33 -1.98 -11.01
N GLN F 178 14.06 -1.15 -10.28
CA GLN F 178 15.53 -1.31 -10.25
C GLN F 178 15.89 -2.62 -9.57
N GLY F 179 16.75 -3.40 -10.24
CA GLY F 179 17.11 -4.72 -9.73
C GLY F 179 16.03 -5.78 -9.87
N SER F 180 14.89 -5.45 -10.48
CA SER F 180 13.76 -6.38 -10.50
C SER F 180 14.03 -7.61 -11.38
N MET F 181 14.77 -7.49 -12.48
CA MET F 181 14.99 -8.70 -13.27
C MET F 181 15.77 -9.73 -12.47
N LYS F 182 16.84 -9.30 -11.80
CA LYS F 182 17.62 -10.23 -10.99
C LYS F 182 16.80 -10.79 -9.83
N GLU F 183 15.93 -9.96 -9.25
CA GLU F 183 15.05 -10.45 -8.20
C GLU F 183 14.18 -11.60 -8.72
N TRP F 184 13.53 -11.40 -9.88
CA TRP F 184 12.70 -12.48 -10.39
C TRP F 184 13.54 -13.69 -10.80
N GLN F 185 14.72 -13.45 -11.40
CA GLN F 185 15.59 -14.58 -11.76
C GLN F 185 15.89 -15.44 -10.54
N ASP F 186 16.26 -14.79 -9.42
CA ASP F 186 16.63 -15.55 -8.24
C ASP F 186 15.43 -16.25 -7.61
N MET F 187 14.23 -15.75 -7.87
CA MET F 187 12.99 -16.38 -7.42
C MET F 187 12.51 -17.47 -8.38
N GLY F 188 13.26 -17.76 -9.45
CA GLY F 188 12.88 -18.82 -10.35
C GLY F 188 11.86 -18.47 -11.39
N VAL F 189 11.53 -17.19 -11.55
CA VAL F 189 10.59 -16.76 -12.58
C VAL F 189 11.19 -17.04 -13.95
N LEU F 190 10.35 -17.48 -14.89
CA LEU F 190 10.90 -17.96 -16.18
C LEU F 190 10.99 -16.87 -17.23
N ASN F 191 10.05 -15.92 -17.25
CA ASN F 191 9.86 -15.09 -18.43
C ASN F 191 9.08 -13.83 -18.11
N PHE F 192 9.17 -12.86 -19.04
CA PHE F 192 8.36 -11.67 -19.04
C PHE F 192 7.37 -11.68 -20.22
N GLU F 193 6.14 -11.25 -19.97
CA GLU F 193 5.20 -10.92 -21.06
C GLU F 193 4.23 -9.90 -20.49
N MET F 194 3.16 -9.60 -21.20
CA MET F 194 2.40 -8.38 -20.92
C MET F 194 0.89 -8.52 -20.78
N GLU F 195 0.33 -9.73 -20.75
CA GLU F 195 -1.12 -9.91 -20.63
C GLU F 195 -1.57 -10.94 -19.61
N SER F 196 -0.70 -11.86 -19.20
CA SER F 196 -1.16 -12.98 -18.38
C SER F 196 -1.70 -12.57 -16.99
N ALA F 197 -1.08 -11.60 -16.32
CA ALA F 197 -1.58 -11.22 -15.00
C ALA F 197 -3.03 -10.75 -15.09
N THR F 198 -3.34 -9.89 -16.06
CA THR F 198 -4.71 -9.42 -16.22
C THR F 198 -5.61 -10.59 -16.57
N LEU F 199 -5.21 -11.34 -17.61
CA LEU F 199 -6.08 -12.41 -18.08
C LEU F 199 -6.37 -13.42 -16.97
N LEU F 200 -5.32 -13.89 -16.31
CA LEU F 200 -5.51 -14.97 -15.35
C LEU F 200 -6.27 -14.48 -14.13
N THR F 201 -5.97 -13.27 -13.64
CA THR F 201 -6.71 -12.74 -12.50
C THR F 201 -8.18 -12.50 -12.84
N MET F 202 -8.44 -11.85 -13.98
CA MET F 202 -9.83 -11.61 -14.40
CA MET F 202 -9.84 -11.60 -14.32
C MET F 202 -10.62 -12.91 -14.47
N CYS F 203 -10.06 -13.91 -15.15
CA CYS F 203 -10.81 -15.13 -15.38
C CYS F 203 -10.98 -15.95 -14.11
N ALA F 204 -9.91 -16.09 -13.31
CA ALA F 204 -10.02 -16.91 -12.09
C ALA F 204 -10.98 -16.31 -11.09
N SER F 205 -11.23 -14.99 -11.14
CA SER F 205 -12.14 -14.33 -10.20
C SER F 205 -13.53 -14.13 -10.78
N SER F 206 -13.76 -14.60 -12.04
CA SER F 206 -15.00 -14.33 -12.74
C SER F 206 -15.69 -15.57 -13.28
N GLY F 207 -15.24 -16.77 -12.90
CA GLY F 207 -15.90 -17.98 -13.37
C GLY F 207 -15.52 -18.38 -14.78
N LEU F 208 -14.37 -17.92 -15.30
CA LEU F 208 -13.95 -18.24 -16.65
C LEU F 208 -12.63 -19.04 -16.56
N LYS F 209 -12.40 -19.94 -17.51
CA LYS F 209 -11.19 -20.76 -17.52
C LYS F 209 -10.18 -20.11 -18.42
N ALA F 210 -8.95 -19.96 -17.96
CA ALA F 210 -7.91 -19.31 -18.78
C ALA F 210 -6.55 -19.96 -18.57
N GLY F 211 -5.70 -19.79 -19.59
CA GLY F 211 -4.31 -20.14 -19.44
C GLY F 211 -3.50 -19.34 -20.45
N CYS F 212 -2.18 -19.46 -20.35
CA CYS F 212 -1.24 -18.72 -21.21
CA CYS F 212 -1.26 -18.75 -21.22
C CYS F 212 -0.11 -19.65 -21.60
N VAL F 213 0.13 -19.82 -22.92
CA VAL F 213 1.33 -20.46 -23.44
C VAL F 213 2.02 -19.45 -24.36
N ALA F 214 3.34 -19.34 -24.25
CA ALA F 214 4.06 -18.35 -25.05
C ALA F 214 5.35 -18.92 -25.61
N GLY F 215 5.65 -18.55 -26.86
CA GLY F 215 6.92 -18.91 -27.48
C GLY F 215 8.02 -17.93 -27.10
N VAL F 216 9.18 -18.46 -26.71
CA VAL F 216 10.32 -17.63 -26.32
C VAL F 216 10.94 -17.03 -27.57
N ILE F 217 10.90 -15.71 -27.68
CA ILE F 217 11.49 -15.04 -28.84
C ILE F 217 12.80 -14.34 -28.50
N ILE F 218 13.12 -14.18 -27.23
CA ILE F 218 14.39 -13.61 -26.82
CA ILE F 218 14.39 -13.61 -26.81
C ILE F 218 14.73 -14.19 -25.45
N ASN F 219 16.02 -14.34 -25.18
CA ASN F 219 16.48 -14.72 -23.85
C ASN F 219 17.36 -13.58 -23.37
N ARG F 220 16.96 -12.93 -22.28
CA ARG F 220 17.61 -11.72 -21.79
C ARG F 220 18.99 -11.99 -21.22
N THR F 221 19.38 -13.24 -20.98
CA THR F 221 20.72 -13.60 -20.53
C THR F 221 21.67 -14.04 -21.65
N GLN F 222 21.19 -14.18 -22.88
CA GLN F 222 22.01 -14.72 -23.96
C GLN F 222 22.39 -13.61 -24.92
N LYS F 223 23.64 -13.66 -25.39
CA LYS F 223 24.15 -12.70 -26.36
C LYS F 223 23.74 -13.04 -27.78
N GLU F 224 23.55 -14.34 -28.08
CA GLU F 224 23.28 -14.77 -29.44
C GLU F 224 21.92 -14.23 -29.90
N ILE F 225 21.89 -13.72 -31.13
CA ILE F 225 20.67 -13.17 -31.72
C ILE F 225 20.00 -14.28 -32.50
N PRO F 226 18.73 -14.61 -32.22
CA PRO F 226 18.06 -15.68 -32.98
C PRO F 226 17.75 -15.26 -34.40
N ASP F 227 17.72 -16.25 -35.29
CA ASP F 227 17.46 -16.04 -36.71
C ASP F 227 16.01 -15.65 -36.95
N HIS F 228 15.75 -15.12 -38.15
CA HIS F 228 14.39 -14.91 -38.59
C HIS F 228 13.66 -16.24 -38.76
N ALA F 229 14.33 -17.22 -39.38
CA ALA F 229 13.78 -18.55 -39.51
C ALA F 229 13.38 -19.10 -38.16
N THR F 230 14.19 -18.81 -37.13
CA THR F 230 13.89 -19.29 -35.79
C THR F 230 12.62 -18.66 -35.24
N LEU F 231 12.45 -17.33 -35.39
CA LEU F 231 11.29 -16.65 -34.84
C LEU F 231 10.01 -17.04 -35.58
N LYS F 232 10.07 -17.19 -36.91
CA LYS F 232 8.88 -17.65 -37.61
CA LYS F 232 8.90 -17.66 -37.65
C LYS F 232 8.52 -19.07 -37.22
N GLU F 233 9.51 -19.95 -37.07
CA GLU F 233 9.18 -21.30 -36.64
C GLU F 233 8.66 -21.32 -35.20
N THR F 234 9.13 -20.41 -34.35
CA THR F 234 8.60 -20.34 -32.97
CA THR F 234 8.60 -20.35 -32.97
C THR F 234 7.13 -19.98 -32.98
N GLU F 235 6.75 -18.96 -33.77
CA GLU F 235 5.35 -18.57 -33.84
CA GLU F 235 5.35 -18.57 -33.84
C GLU F 235 4.50 -19.72 -34.39
N ALA F 236 4.97 -20.39 -35.45
CA ALA F 236 4.21 -21.51 -36.01
C ALA F 236 4.04 -22.62 -35.00
N ARG F 237 5.09 -22.94 -34.26
CA ARG F 237 4.97 -23.97 -33.24
C ARG F 237 3.97 -23.55 -32.17
N SER F 238 4.04 -22.29 -31.70
CA SER F 238 3.14 -21.86 -30.62
CA SER F 238 3.15 -21.87 -30.62
C SER F 238 1.68 -21.98 -31.04
N ILE F 239 1.38 -21.67 -32.30
CA ILE F 239 -0.04 -21.73 -32.66
C ILE F 239 -0.50 -23.16 -32.86
N LYS F 240 0.38 -24.04 -33.36
CA LYS F 240 0.02 -25.45 -33.40
C LYS F 240 -0.26 -25.97 -31.98
N VAL F 241 0.58 -25.58 -31.02
CA VAL F 241 0.37 -26.00 -29.64
C VAL F 241 -0.97 -25.49 -29.08
N VAL F 242 -1.28 -24.19 -29.30
CA VAL F 242 -2.52 -23.69 -28.69
C VAL F 242 -3.74 -24.33 -29.30
N VAL F 243 -3.73 -24.61 -30.61
CA VAL F 243 -4.88 -25.27 -31.21
C VAL F 243 -5.04 -26.70 -30.65
N GLU F 244 -3.94 -27.41 -30.48
CA GLU F 244 -4.03 -28.73 -29.90
CA GLU F 244 -4.02 -28.73 -29.90
C GLU F 244 -4.49 -28.67 -28.45
N ALA F 245 -4.07 -27.63 -27.70
CA ALA F 245 -4.58 -27.46 -26.34
C ALA F 245 -6.09 -27.23 -26.37
N ALA F 246 -6.56 -26.38 -27.31
CA ALA F 246 -8.01 -26.20 -27.49
C ALA F 246 -8.71 -27.52 -27.73
N ARG F 247 -8.16 -28.36 -28.60
CA ARG F 247 -8.78 -29.66 -28.87
CA ARG F 247 -8.79 -29.65 -28.86
C ARG F 247 -8.92 -30.46 -27.59
N LYS F 248 -7.91 -30.41 -26.74
CA LYS F 248 -7.96 -31.15 -25.47
C LYS F 248 -9.02 -30.61 -24.53
N MET F 249 -9.27 -29.30 -24.58
CA MET F 249 -10.30 -28.71 -23.72
C MET F 249 -11.71 -28.99 -24.21
N LEU F 250 -11.88 -29.30 -25.50
CA LEU F 250 -13.23 -29.48 -26.04
C LEU F 250 -13.72 -30.89 -25.87
N LYS F 251 -12.82 -31.81 -25.55
CA LYS F 251 -13.08 -33.23 -25.25
C LYS F 251 -11.73 -33.91 -25.30
S SO4 G . -4.27 -28.21 9.61
O1 SO4 G . -5.29 -29.09 10.24
O2 SO4 G . -3.26 -29.11 9.03
O3 SO4 G . -3.61 -27.35 10.61
O4 SO4 G . -4.89 -27.41 8.53
S SO4 H . -15.68 0.20 2.19
O1 SO4 H . -17.15 0.19 2.34
O2 SO4 H . -15.40 -0.74 1.07
O3 SO4 H . -15.29 1.56 1.85
O4 SO4 H . -15.06 -0.29 3.41
N1 URI I . -8.73 -24.49 9.15
C2 URI I . -9.10 -23.15 8.87
N3 URI I . -10.45 -22.86 8.76
C4 URI I . -11.52 -23.71 8.91
C5 URI I . -11.10 -25.06 9.16
C6 URI I . -9.79 -25.37 9.27
O2 URI I . -8.33 -22.24 8.74
O4 URI I . -12.68 -23.28 8.78
C1' URI I . -7.33 -25.05 9.35
C2' URI I . -6.17 -24.02 9.24
C3' URI I . -5.40 -24.12 10.57
C4' URI I . -6.26 -24.98 11.48
O2' URI I . -5.39 -24.27 8.08
O3' URI I . -4.10 -24.71 10.43
O4' URI I . -7.32 -25.57 10.67
C5' URI I . -6.88 -24.28 12.65
O5' URI I . -8.21 -24.70 12.88
N1 URA J . -9.53 -24.46 8.97
C2 URA J . -9.75 -23.02 8.75
O2 URA J . -8.84 -22.28 8.63
N3 URA J . -11.14 -22.51 8.70
C4 URA J . -12.26 -23.40 8.87
O4 URA J . -13.37 -23.00 8.82
C5 URA J . -12.00 -24.85 9.08
C6 URA J . -10.66 -25.35 9.12
MG MG K . -17.34 0.88 7.15
CL CL L . 5.46 -25.22 -11.54
NA NA M . 2.13 -22.06 15.51
C1 GOL N . -8.53 -7.94 1.82
O1 GOL N . -7.31 -7.22 1.84
C2 GOL N . -9.62 -7.05 1.17
O2 GOL N . -9.34 -6.63 -0.17
C3 GOL N . -10.95 -7.78 1.10
O3 GOL N . -11.98 -6.86 0.74
S SO4 O . 8.73 -17.79 22.70
O1 SO4 O . 8.09 -18.55 21.58
O2 SO4 O . 9.92 -18.51 23.20
O3 SO4 O . 9.12 -16.47 22.24
O4 SO4 O . 7.77 -17.68 23.81
S SO4 P . 15.77 0.18 -2.15
O1 SO4 P . 15.18 0.85 -3.28
O2 SO4 P . 15.34 -1.20 -2.05
O3 SO4 P . 17.22 0.23 -2.39
O4 SO4 P . 15.48 0.87 -0.90
N1 URI Q . 12.60 -15.52 19.09
C2 URI Q . 12.79 -14.78 17.90
N3 URI Q . 14.08 -14.41 17.54
C4 URI Q . 15.25 -14.69 18.19
C5 URI Q . 15.04 -15.43 19.39
C6 URI Q . 13.78 -15.80 19.76
O2 URI Q . 11.92 -14.43 17.16
O4 URI Q . 16.32 -14.30 17.73
C1' URI Q . 11.30 -16.05 19.66
C2' URI Q . 10.02 -15.75 18.84
C3' URI Q . 9.41 -17.14 18.52
C4' URI Q . 10.47 -18.15 18.91
O2' URI Q . 9.15 -14.83 19.51
O3' URI Q . 8.18 -17.43 19.20
O4' URI Q . 11.45 -17.45 19.74
C5' URI Q . 11.17 -18.83 17.78
O5' URI Q . 12.50 -19.15 18.14
N1 URA R . 13.32 -15.35 19.01
C2 URA R . 13.32 -14.58 17.76
O2 URA R . 12.29 -14.35 17.22
N3 URA R . 14.61 -14.12 17.25
C4 URA R . 15.88 -14.44 17.89
O4 URA R . 16.88 -14.04 17.45
C5 URA R . 15.84 -15.21 19.16
C6 URA R . 14.58 -15.63 19.67
MG MG S . 17.63 -3.98 -4.64
CL CL T . -2.82 1.64 28.44
C1 GOL U . 12.06 -2.10 6.08
O1 GOL U . 12.92 -1.32 5.25
C2 GOL U . 10.65 -2.06 5.51
O2 GOL U . 10.16 -0.71 5.60
C3 GOL U . 9.72 -3.09 6.17
O3 GOL U . 8.47 -3.03 5.53
S SO4 V . -2.74 22.14 20.65
O1 SO4 V . -3.18 20.73 20.59
O2 SO4 V . -2.41 22.62 19.32
O3 SO4 V . -1.55 22.15 21.47
O4 SO4 V . -3.71 23.03 21.32
N1 URI W . -7.42 19.38 18.61
C2 URI W . -7.90 18.45 17.66
N3 URI W . -9.22 18.05 17.71
C4 URI W . -10.18 18.41 18.59
C5 URI W . -9.67 19.36 19.54
C6 URI W . -8.39 19.78 19.52
O2 URI W . -7.27 17.96 16.79
O4 URI W . -11.32 17.98 18.52
C1' URI W . -6.01 19.97 18.73
C2' URI W . -4.97 19.46 17.69
C3' URI W . -4.49 20.72 16.94
C4' URI W . -5.39 21.84 17.40
O2' URI W . -3.92 18.74 18.31
O3' URI W . -3.13 21.04 17.22
O4' URI W . -6.14 21.36 18.56
C5' URI W . -6.34 22.33 16.36
O5' URI W . -7.58 22.73 16.92
N1 URA X . -8.17 19.13 18.77
C2 URA X . -8.53 18.21 17.70
O2 URA X . -7.69 17.88 16.98
N3 URA X . -9.92 17.76 17.56
C4 URA X . -10.95 18.20 18.46
O4 URA X . -12.05 17.80 18.32
C5 URA X . -10.53 19.14 19.55
C6 URA X . -9.19 19.60 19.69
MG MG Y . 13.19 5.62 22.80
CL CL Z . 10.55 3.52 26.03
NA NA AA . 1.64 24.84 11.27
C1 GOL BA . -7.74 4.76 7.82
O1 GOL BA . -6.66 4.59 6.90
C2 GOL BA . -8.77 3.65 7.58
O2 GOL BA . -8.24 2.34 7.79
C3 GOL BA . -9.93 3.83 8.57
O3 GOL BA . -11.00 2.94 8.19
S SO4 CA . 6.06 29.69 2.86
O1 SO4 CA . 4.89 30.45 2.48
O2 SO4 CA . 6.33 28.67 1.83
O3 SO4 CA . 7.18 30.62 3.04
O4 SO4 CA . 5.67 29.09 4.14
N1 URI DA . 10.34 25.91 1.83
C2 URI DA . 10.68 24.54 1.71
N3 URI DA . 11.96 24.22 1.30
C4 URI DA . 13.00 25.04 0.98
C5 URI DA . 12.63 26.41 1.12
C6 URI DA . 11.38 26.77 1.51
O2 URI DA . 9.95 23.60 1.94
O4 URI DA . 14.08 24.54 0.64
C1' URI DA . 9.02 26.50 2.32
C2' URI DA . 7.90 25.48 2.69
C3' URI DA . 7.51 25.81 4.16
C4' URI DA . 8.59 26.75 4.65
O2' URI DA . 6.80 25.51 1.78
O3' URI DA . 6.23 26.42 4.33
O4' URI DA . 9.34 27.23 3.50
C5' URI DA . 9.53 26.15 5.64
O5' URI DA . 10.82 26.72 5.56
N1 URA EA . 10.92 25.84 1.51
C2 URA EA . 11.14 24.39 1.50
O2 URA EA . 10.23 23.67 1.72
N3 URA EA . 12.48 23.84 1.24
C4 URA EA . 13.61 24.69 0.96
O4 URA EA . 14.65 24.18 0.74
C5 URA EA . 13.37 26.16 0.99
C6 URA EA . 12.07 26.71 1.26
MG MG FA . 18.58 0.33 2.34
CL CL GA . -8.95 23.19 -14.08
C1 GOL HA . 10.84 7.91 -3.36
O1 GOL HA . 11.68 6.88 -3.85
C2 GOL HA . 9.55 7.24 -2.84
O2 GOL HA . 8.87 6.59 -3.91
C3 GOL HA . 8.66 8.19 -2.02
O3 GOL HA . 7.50 7.47 -1.61
S SO4 IA . -9.53 6.48 -27.99
O1 SO4 IA . -10.78 6.49 -28.77
O2 SO4 IA . -8.99 5.10 -27.85
O3 SO4 IA . -8.51 7.33 -28.65
O4 SO4 IA . -9.81 7.04 -26.66
N1 URI JA . -13.16 5.58 -23.66
C2 URI JA . -13.33 5.16 -22.32
N3 URI JA . -14.58 5.26 -21.76
C4 URI JA . -15.75 5.74 -22.29
C5 URI JA . -15.56 6.18 -23.66
C6 URI JA . -14.33 6.09 -24.23
O2 URI JA . -12.45 4.67 -21.68
O4 URI JA . -16.80 5.74 -21.64
C1' URI JA . -11.89 5.57 -24.49
C2' URI JA . -10.60 5.00 -23.85
C3' URI JA . -10.21 3.77 -24.73
C4' URI JA . -11.39 3.57 -25.66
O2' URI JA . -9.58 6.00 -23.73
O3' URI JA . -9.00 3.95 -25.49
O4' URI JA . -12.17 4.80 -25.64
C5' URI JA . -12.25 2.39 -25.32
O5' URI JA . -13.57 2.58 -25.80
N1 URA KA . -13.75 5.71 -23.46
C2 URA KA . -13.79 5.22 -22.08
O2 URA KA . -12.81 4.83 -21.54
N3 URA KA . -15.07 5.21 -21.37
C4 URA KA . -16.25 5.66 -22.05
O4 URA KA . -17.27 5.64 -21.44
C5 URA KA . -16.20 6.17 -23.44
C6 URA KA . -14.94 6.17 -24.13
MG MG LA . -18.10 -4.32 0.81
CL CL MA . 4.63 22.19 -17.61
NA NA NA . -3.58 -2.32 -26.81
C1 GOL OA . -9.65 3.75 -6.08
O1 GOL OA . -8.41 3.15 -5.76
C2 GOL OA . -10.47 3.95 -4.79
O2 GOL OA . -9.83 4.80 -3.82
C3 GOL OA . -11.88 4.41 -5.15
O3 GOL OA . -12.67 4.49 -3.97
MG MG PA . 7.69 18.51 -18.15
S SO4 QA . 1.85 -11.44 -27.94
O1 SO4 QA . 0.73 -12.33 -28.15
O2 SO4 QA . 2.79 -11.64 -29.04
O3 SO4 QA . 1.35 -10.06 -27.96
O4 SO4 QA . 2.52 -11.75 -26.65
N1 URI RA . 6.72 -9.86 -25.03
C2 URI RA . 7.27 -9.23 -23.89
N3 URI RA . 8.64 -9.28 -23.65
C4 URI RA . 9.63 -9.85 -24.40
C5 URI RA . 9.06 -10.46 -25.57
C6 URI RA . 7.72 -10.44 -25.80
O2 URI RA . 6.62 -8.66 -23.09
O4 URI RA . 10.82 -9.78 -24.02
C1' URI RA . 5.26 -9.90 -25.52
C2' URI RA . 4.18 -9.25 -24.59
C3' URI RA . 3.45 -8.21 -25.49
C4' URI RA . 4.30 -8.08 -26.74
O2' URI RA . 3.31 -10.20 -23.98
O3' URI RA . 2.08 -8.51 -25.87
O4' URI RA . 5.24 -9.20 -26.75
C5' URI RA . 5.06 -6.79 -26.87
O5' URI RA . 6.27 -7.03 -27.54
N1 URA SA . 7.36 -10.00 -24.94
C2 URA SA . 7.80 -9.25 -23.76
O2 URA SA . 6.96 -8.77 -23.09
N3 URA SA . 9.21 -9.12 -23.43
C4 URA SA . 10.23 -9.70 -24.28
O4 URA SA . 11.37 -9.58 -23.98
C5 URA SA . 9.79 -10.46 -25.49
C6 URA SA . 8.39 -10.56 -25.78
MG MG TA . 17.76 4.30 -4.75
CL CL UA . -8.18 -24.61 -11.48
C1 GOL VA . 10.34 -5.28 -7.23
O1 GOL VA . 11.40 -5.08 -6.28
C2 GOL VA . 9.05 -4.67 -6.67
O2 GOL VA . 8.63 -5.42 -5.55
C3 GOL VA . 7.95 -4.57 -7.73
O3 GOL VA . 6.81 -4.00 -7.13
C1 GOL WA . -14.12 -21.71 -14.42
O1 GOL WA . -15.03 -22.76 -14.25
C2 GOL WA . -13.18 -21.53 -13.23
O2 GOL WA . -11.92 -22.18 -13.41
C3 GOL WA . -13.01 -20.02 -13.02
O3 GOL WA . -11.77 -19.73 -12.43
#